data_3H92
# 
_entry.id   3H92 
# 
_audit_conform.dict_name       mmcif_pdbx.dic 
_audit_conform.dict_version    5.397 
_audit_conform.dict_location   http://mmcif.pdb.org/dictionaries/ascii/mmcif_pdbx.dic 
# 
loop_
_database_2.database_id 
_database_2.database_code 
_database_2.pdbx_database_accession 
_database_2.pdbx_DOI 
PDB   3H92         pdb_00003h92 10.2210/pdb3h92/pdb 
RCSB  RCSB052845   ?            ?                   
WWPDB D_1000052845 ?            ?                   
# 
loop_
_pdbx_audit_revision_history.ordinal 
_pdbx_audit_revision_history.data_content_type 
_pdbx_audit_revision_history.major_revision 
_pdbx_audit_revision_history.minor_revision 
_pdbx_audit_revision_history.revision_date 
1 'Structure model' 1 0 2009-05-12 
2 'Structure model' 1 1 2011-07-13 
3 'Structure model' 1 2 2024-10-30 
# 
_pdbx_audit_revision_details.ordinal             1 
_pdbx_audit_revision_details.revision_ordinal    1 
_pdbx_audit_revision_details.data_content_type   'Structure model' 
_pdbx_audit_revision_details.provider            repository 
_pdbx_audit_revision_details.type                'Initial release' 
_pdbx_audit_revision_details.description         ? 
_pdbx_audit_revision_details.details             ? 
# 
loop_
_pdbx_audit_revision_group.ordinal 
_pdbx_audit_revision_group.revision_ordinal 
_pdbx_audit_revision_group.data_content_type 
_pdbx_audit_revision_group.group 
1 2 'Structure model' Advisory                    
2 2 'Structure model' 'Version format compliance' 
3 3 'Structure model' 'Data collection'           
4 3 'Structure model' 'Database references'       
5 3 'Structure model' 'Derived calculations'      
6 3 'Structure model' 'Structure summary'         
# 
loop_
_pdbx_audit_revision_category.ordinal 
_pdbx_audit_revision_category.revision_ordinal 
_pdbx_audit_revision_category.data_content_type 
_pdbx_audit_revision_category.category 
1 3 'Structure model' chem_comp_atom            
2 3 'Structure model' chem_comp_bond            
3 3 'Structure model' database_2                
4 3 'Structure model' pdbx_entry_details        
5 3 'Structure model' pdbx_modification_feature 
6 3 'Structure model' struct_conn               
7 3 'Structure model' struct_site               
# 
loop_
_pdbx_audit_revision_item.ordinal 
_pdbx_audit_revision_item.revision_ordinal 
_pdbx_audit_revision_item.data_content_type 
_pdbx_audit_revision_item.item 
1 3 'Structure model' '_database_2.pdbx_DOI'                
2 3 'Structure model' '_database_2.pdbx_database_accession' 
3 3 'Structure model' '_struct_conn.pdbx_leaving_atom_flag' 
4 3 'Structure model' '_struct_site.pdbx_auth_asym_id'      
5 3 'Structure model' '_struct_site.pdbx_auth_comp_id'      
6 3 'Structure model' '_struct_site.pdbx_auth_seq_id'       
# 
_pdbx_database_status.status_code                     REL 
_pdbx_database_status.entry_id                        3H92 
_pdbx_database_status.recvd_initial_deposition_date   2009-04-29 
_pdbx_database_status.deposit_site                    RCSB 
_pdbx_database_status.process_site                    RCSB 
_pdbx_database_status.status_code_sf                  REL 
_pdbx_database_status.status_code_mr                  ? 
_pdbx_database_status.SG_entry                        Y 
_pdbx_database_status.pdb_format_compatible           Y 
_pdbx_database_status.status_code_cs                  ? 
_pdbx_database_status.status_code_nmr_data            ? 
_pdbx_database_status.methods_development_category    ? 
# 
_pdbx_database_related.db_name        TargetDB 
_pdbx_database_related.db_id          APC87993.1 
_pdbx_database_related.details        . 
_pdbx_database_related.content_type   unspecified 
# 
loop_
_audit_author.name 
_audit_author.pdbx_ordinal 
'Zhang, R.'                                     1 
'Hatzos, C.'                                    2 
'Moy, S.'                                       3 
'Joachimiak, A.'                                4 
'Midwest Center for Structural Genomics (MCSG)' 5 
# 
_citation.id                        primary 
_citation.title                     
'The crystal structure of one domain of the protein with unknown function from Methanocaldococcus jannaschii' 
_citation.journal_abbrev            'To be Published' 
_citation.journal_volume            ? 
_citation.page_first                ? 
_citation.page_last                 ? 
_citation.year                      ? 
_citation.journal_id_ASTM           ? 
_citation.country                   ? 
_citation.journal_id_ISSN           ? 
_citation.journal_id_CSD            0353 
_citation.book_publisher            ? 
_citation.pdbx_database_id_PubMed   ? 
_citation.pdbx_database_id_DOI      ? 
# 
loop_
_citation_author.citation_id 
_citation_author.name 
_citation_author.ordinal 
_citation_author.identifier_ORCID 
primary 'Zhang, R.'      1 ? 
primary 'Hatzos, C.'     2 ? 
primary 'Moy, S.'        3 ? 
primary 'Joachimiak, A.' 4 ? 
# 
loop_
_entity.id 
_entity.type 
_entity.src_method 
_entity.pdbx_description 
_entity.formula_weight 
_entity.pdbx_number_of_molecules 
_entity.pdbx_ec 
_entity.pdbx_mutation 
_entity.pdbx_fragment 
_entity.details 
1 polymer     man 'Uncharacterized ATP-binding protein MJECL15'                    11231.930 1  ? ? 'residues 274-365' ? 
2 non-polymer syn '1-(2-METHOXY-ETHOXY)-2-{2-[2-(2-METHOXY-ETHOXY]-ETHOXY}-ETHANE' 266.331   1  ? ? ?                  ? 
3 water       nat water                                                            18.015    36 ? ? ?                  ? 
# 
_entity_poly.entity_id                      1 
_entity_poly.type                           'polypeptide(L)' 
_entity_poly.nstd_linkage                   no 
_entity_poly.nstd_monomer                   yes 
_entity_poly.pdbx_seq_one_letter_code       
;DLKYILETKLEEERNHLEELLEKVEEDYEGINYDEVLEALKLFKDNYELPKSKIKRKIRIFLIKENILFLNPQKGTLKPQ
SYLVWNAIKR(MSE)L
;
_entity_poly.pdbx_seq_one_letter_code_can   
;DLKYILETKLEEERNHLEELLEKVEEDYEGINYDEVLEALKLFKDNYELPKSKIKRKIRIFLIKENILFLNPQKGTLKPQ
SYLVWNAIKRML
;
_entity_poly.pdbx_strand_id                 A 
_entity_poly.pdbx_target_identifier         APC87993.1 
# 
loop_
_pdbx_entity_nonpoly.entity_id 
_pdbx_entity_nonpoly.name 
_pdbx_entity_nonpoly.comp_id 
2 '1-(2-METHOXY-ETHOXY)-2-{2-[2-(2-METHOXY-ETHOXY]-ETHOXY}-ETHANE' PG6 
3 water                                                            HOH 
# 
loop_
_entity_poly_seq.entity_id 
_entity_poly_seq.num 
_entity_poly_seq.mon_id 
_entity_poly_seq.hetero 
1 1  ASP n 
1 2  LEU n 
1 3  LYS n 
1 4  TYR n 
1 5  ILE n 
1 6  LEU n 
1 7  GLU n 
1 8  THR n 
1 9  LYS n 
1 10 LEU n 
1 11 GLU n 
1 12 GLU n 
1 13 GLU n 
1 14 ARG n 
1 15 ASN n 
1 16 HIS n 
1 17 LEU n 
1 18 GLU n 
1 19 GLU n 
1 20 LEU n 
1 21 LEU n 
1 22 GLU n 
1 23 LYS n 
1 24 VAL n 
1 25 GLU n 
1 26 GLU n 
1 27 ASP n 
1 28 TYR n 
1 29 GLU n 
1 30 GLY n 
1 31 ILE n 
1 32 ASN n 
1 33 TYR n 
1 34 ASP n 
1 35 GLU n 
1 36 VAL n 
1 37 LEU n 
1 38 GLU n 
1 39 ALA n 
1 40 LEU n 
1 41 LYS n 
1 42 LEU n 
1 43 PHE n 
1 44 LYS n 
1 45 ASP n 
1 46 ASN n 
1 47 TYR n 
1 48 GLU n 
1 49 LEU n 
1 50 PRO n 
1 51 LYS n 
1 52 SER n 
1 53 LYS n 
1 54 ILE n 
1 55 LYS n 
1 56 ARG n 
1 57 LYS n 
1 58 ILE n 
1 59 ARG n 
1 60 ILE n 
1 61 PHE n 
1 62 LEU n 
1 63 ILE n 
1 64 LYS n 
1 65 GLU n 
1 66 ASN n 
1 67 ILE n 
1 68 LEU n 
1 69 PHE n 
1 70 LEU n 
1 71 ASN n 
1 72 PRO n 
1 73 GLN n 
1 74 LYS n 
1 75 GLY n 
1 76 THR n 
1 77 LEU n 
1 78 LYS n 
1 79 PRO n 
1 80 GLN n 
1 81 SER n 
1 82 TYR n 
1 83 LEU n 
1 84 VAL n 
1 85 TRP n 
1 86 ASN n 
1 87 ALA n 
1 88 ILE n 
1 89 LYS n 
1 90 ARG n 
1 91 MSE n 
1 92 LEU n 
# 
_entity_src_gen.entity_id                          1 
_entity_src_gen.pdbx_src_id                        1 
_entity_src_gen.pdbx_alt_source_flag               sample 
_entity_src_gen.pdbx_seq_type                      ? 
_entity_src_gen.pdbx_beg_seq_num                   ? 
_entity_src_gen.pdbx_end_seq_num                   ? 
_entity_src_gen.gene_src_common_name               'Methanococcus jannaschii' 
_entity_src_gen.gene_src_genus                     ? 
_entity_src_gen.pdbx_gene_src_gene                 'GI:1522655, MJECL15' 
_entity_src_gen.gene_src_species                   ? 
_entity_src_gen.gene_src_strain                    'DSM 2661' 
_entity_src_gen.gene_src_tissue                    ? 
_entity_src_gen.gene_src_tissue_fraction           ? 
_entity_src_gen.gene_src_details                   ? 
_entity_src_gen.pdbx_gene_src_fragment             ? 
_entity_src_gen.pdbx_gene_src_scientific_name      'Methanocaldococcus jannaschii' 
_entity_src_gen.pdbx_gene_src_ncbi_taxonomy_id     2190 
_entity_src_gen.pdbx_gene_src_variant              ? 
_entity_src_gen.pdbx_gene_src_cell_line            ? 
_entity_src_gen.pdbx_gene_src_atcc                 ? 
_entity_src_gen.pdbx_gene_src_organ                ? 
_entity_src_gen.pdbx_gene_src_organelle            ? 
_entity_src_gen.pdbx_gene_src_cell                 ? 
_entity_src_gen.pdbx_gene_src_cellular_location    ? 
_entity_src_gen.host_org_common_name               ? 
_entity_src_gen.pdbx_host_org_scientific_name      'Escherichia coli BL21' 
_entity_src_gen.pdbx_host_org_ncbi_taxonomy_id     511693 
_entity_src_gen.host_org_genus                     ? 
_entity_src_gen.pdbx_host_org_gene                 ? 
_entity_src_gen.pdbx_host_org_organ                ? 
_entity_src_gen.host_org_species                   ? 
_entity_src_gen.pdbx_host_org_tissue               ? 
_entity_src_gen.pdbx_host_org_tissue_fraction      ? 
_entity_src_gen.pdbx_host_org_strain               BL21 
_entity_src_gen.pdbx_host_org_variant              ? 
_entity_src_gen.pdbx_host_org_cell_line            ? 
_entity_src_gen.pdbx_host_org_atcc                 ? 
_entity_src_gen.pdbx_host_org_culture_collection   ? 
_entity_src_gen.pdbx_host_org_cell                 ? 
_entity_src_gen.pdbx_host_org_organelle            ? 
_entity_src_gen.pdbx_host_org_cellular_location    ? 
_entity_src_gen.pdbx_host_org_vector_type          plasmid 
_entity_src_gen.pdbx_host_org_vector               ? 
_entity_src_gen.host_org_details                   ? 
_entity_src_gen.expression_system_id               ? 
_entity_src_gen.plasmid_name                       pMCSG7 
_entity_src_gen.plasmid_details                    ? 
_entity_src_gen.pdbx_description                   ? 
# 
loop_
_chem_comp.id 
_chem_comp.type 
_chem_comp.mon_nstd_flag 
_chem_comp.name 
_chem_comp.pdbx_synonyms 
_chem_comp.formula 
_chem_comp.formula_weight 
ALA 'L-peptide linking' y ALANINE                                                          ? 'C3 H7 N O2'     89.093  
ARG 'L-peptide linking' y ARGININE                                                         ? 'C6 H15 N4 O2 1' 175.209 
ASN 'L-peptide linking' y ASPARAGINE                                                       ? 'C4 H8 N2 O3'    132.118 
ASP 'L-peptide linking' y 'ASPARTIC ACID'                                                  ? 'C4 H7 N O4'     133.103 
GLN 'L-peptide linking' y GLUTAMINE                                                        ? 'C5 H10 N2 O3'   146.144 
GLU 'L-peptide linking' y 'GLUTAMIC ACID'                                                  ? 'C5 H9 N O4'     147.129 
GLY 'peptide linking'   y GLYCINE                                                          ? 'C2 H5 N O2'     75.067  
HIS 'L-peptide linking' y HISTIDINE                                                        ? 'C6 H10 N3 O2 1' 156.162 
HOH non-polymer         . WATER                                                            ? 'H2 O'           18.015  
ILE 'L-peptide linking' y ISOLEUCINE                                                       ? 'C6 H13 N O2'    131.173 
LEU 'L-peptide linking' y LEUCINE                                                          ? 'C6 H13 N O2'    131.173 
LYS 'L-peptide linking' y LYSINE                                                           ? 'C6 H15 N2 O2 1' 147.195 
MSE 'L-peptide linking' n SELENOMETHIONINE                                                 ? 'C5 H11 N O2 Se' 196.106 
PG6 non-polymer         . '1-(2-METHOXY-ETHOXY)-2-{2-[2-(2-METHOXY-ETHOXY]-ETHOXY}-ETHANE' ? 'C12 H26 O6'     266.331 
PHE 'L-peptide linking' y PHENYLALANINE                                                    ? 'C9 H11 N O2'    165.189 
PRO 'L-peptide linking' y PROLINE                                                          ? 'C5 H9 N O2'     115.130 
SER 'L-peptide linking' y SERINE                                                           ? 'C3 H7 N O3'     105.093 
THR 'L-peptide linking' y THREONINE                                                        ? 'C4 H9 N O3'     119.119 
TRP 'L-peptide linking' y TRYPTOPHAN                                                       ? 'C11 H12 N2 O2'  204.225 
TYR 'L-peptide linking' y TYROSINE                                                         ? 'C9 H11 N O3'    181.189 
VAL 'L-peptide linking' y VALINE                                                           ? 'C5 H11 N O2'    117.146 
# 
loop_
_pdbx_poly_seq_scheme.asym_id 
_pdbx_poly_seq_scheme.entity_id 
_pdbx_poly_seq_scheme.seq_id 
_pdbx_poly_seq_scheme.mon_id 
_pdbx_poly_seq_scheme.ndb_seq_num 
_pdbx_poly_seq_scheme.pdb_seq_num 
_pdbx_poly_seq_scheme.auth_seq_num 
_pdbx_poly_seq_scheme.pdb_mon_id 
_pdbx_poly_seq_scheme.auth_mon_id 
_pdbx_poly_seq_scheme.pdb_strand_id 
_pdbx_poly_seq_scheme.pdb_ins_code 
_pdbx_poly_seq_scheme.hetero 
A 1 1  ASP 1  1  ?  ?   ?   A . n 
A 1 2  LEU 2  2  ?  ?   ?   A . n 
A 1 3  LYS 3  3  ?  ?   ?   A . n 
A 1 4  TYR 4  4  ?  ?   ?   A . n 
A 1 5  ILE 5  5  ?  ?   ?   A . n 
A 1 6  LEU 6  6  ?  ?   ?   A . n 
A 1 7  GLU 7  7  7  GLU GLU A . n 
A 1 8  THR 8  8  8  THR THR A . n 
A 1 9  LYS 9  9  9  LYS LYS A . n 
A 1 10 LEU 10 10 10 LEU LEU A . n 
A 1 11 GLU 11 11 11 GLU GLU A . n 
A 1 12 GLU 12 12 12 GLU GLU A . n 
A 1 13 GLU 13 13 13 GLU GLU A . n 
A 1 14 ARG 14 14 14 ARG ARG A . n 
A 1 15 ASN 15 15 15 ASN ASN A . n 
A 1 16 HIS 16 16 16 HIS HIS A . n 
A 1 17 LEU 17 17 17 LEU LEU A . n 
A 1 18 GLU 18 18 18 GLU GLU A . n 
A 1 19 GLU 19 19 19 GLU GLU A . n 
A 1 20 LEU 20 20 20 LEU LEU A . n 
A 1 21 LEU 21 21 21 LEU LEU A . n 
A 1 22 GLU 22 22 22 GLU GLU A . n 
A 1 23 LYS 23 23 23 LYS LYS A . n 
A 1 24 VAL 24 24 24 VAL VAL A . n 
A 1 25 GLU 25 25 25 GLU GLU A . n 
A 1 26 GLU 26 26 26 GLU GLU A . n 
A 1 27 ASP 27 27 27 ASP ASP A . n 
A 1 28 TYR 28 28 28 TYR TYR A . n 
A 1 29 GLU 29 29 29 GLU GLU A . n 
A 1 30 GLY 30 30 30 GLY GLY A . n 
A 1 31 ILE 31 31 31 ILE ILE A . n 
A 1 32 ASN 32 32 32 ASN ASN A . n 
A 1 33 TYR 33 33 33 TYR TYR A . n 
A 1 34 ASP 34 34 34 ASP ASP A . n 
A 1 35 GLU 35 35 35 GLU GLU A . n 
A 1 36 VAL 36 36 36 VAL VAL A . n 
A 1 37 LEU 37 37 37 LEU LEU A . n 
A 1 38 GLU 38 38 38 GLU GLU A . n 
A 1 39 ALA 39 39 39 ALA ALA A . n 
A 1 40 LEU 40 40 40 LEU LEU A . n 
A 1 41 LYS 41 41 41 LYS LYS A . n 
A 1 42 LEU 42 42 42 LEU LEU A . n 
A 1 43 PHE 43 43 43 PHE PHE A . n 
A 1 44 LYS 44 44 44 LYS LYS A . n 
A 1 45 ASP 45 45 45 ASP ASP A . n 
A 1 46 ASN 46 46 46 ASN ASN A . n 
A 1 47 TYR 47 47 47 TYR TYR A . n 
A 1 48 GLU 48 48 48 GLU GLU A . n 
A 1 49 LEU 49 49 49 LEU LEU A . n 
A 1 50 PRO 50 50 50 PRO PRO A . n 
A 1 51 LYS 51 51 51 LYS LYS A . n 
A 1 52 SER 52 52 52 SER SER A . n 
A 1 53 LYS 53 53 53 LYS LYS A . n 
A 1 54 ILE 54 54 54 ILE ILE A . n 
A 1 55 LYS 55 55 55 LYS LYS A . n 
A 1 56 ARG 56 56 56 ARG ARG A . n 
A 1 57 LYS 57 57 57 LYS LYS A . n 
A 1 58 ILE 58 58 58 ILE ILE A . n 
A 1 59 ARG 59 59 59 ARG ARG A . n 
A 1 60 ILE 60 60 60 ILE ILE A . n 
A 1 61 PHE 61 61 61 PHE PHE A . n 
A 1 62 LEU 62 62 62 LEU LEU A . n 
A 1 63 ILE 63 63 63 ILE ILE A . n 
A 1 64 LYS 64 64 64 LYS LYS A . n 
A 1 65 GLU 65 65 65 GLU GLU A . n 
A 1 66 ASN 66 66 66 ASN ASN A . n 
A 1 67 ILE 67 67 67 ILE ILE A . n 
A 1 68 LEU 68 68 68 LEU LEU A . n 
A 1 69 PHE 69 69 69 PHE PHE A . n 
A 1 70 LEU 70 70 70 LEU LEU A . n 
A 1 71 ASN 71 71 71 ASN ASN A . n 
A 1 72 PRO 72 72 72 PRO PRO A . n 
A 1 73 GLN 73 73 73 GLN GLN A . n 
A 1 74 LYS 74 74 74 LYS LYS A . n 
A 1 75 GLY 75 75 75 GLY GLY A . n 
A 1 76 THR 76 76 76 THR THR A . n 
A 1 77 LEU 77 77 77 LEU LEU A . n 
A 1 78 LYS 78 78 78 LYS LYS A . n 
A 1 79 PRO 79 79 79 PRO PRO A . n 
A 1 80 GLN 80 80 80 GLN GLN A . n 
A 1 81 SER 81 81 81 SER SER A . n 
A 1 82 TYR 82 82 82 TYR TYR A . n 
A 1 83 LEU 83 83 83 LEU LEU A . n 
A 1 84 VAL 84 84 84 VAL VAL A . n 
A 1 85 TRP 85 85 85 TRP TRP A . n 
A 1 86 ASN 86 86 86 ASN ASN A . n 
A 1 87 ALA 87 87 87 ALA ALA A . n 
A 1 88 ILE 88 88 88 ILE ILE A . n 
A 1 89 LYS 89 89 89 LYS LYS A . n 
A 1 90 ARG 90 90 90 ARG ARG A . n 
A 1 91 MSE 91 91 91 MSE MSE A . n 
A 1 92 LEU 92 92 92 LEU LEU A . n 
# 
loop_
_pdbx_nonpoly_scheme.asym_id 
_pdbx_nonpoly_scheme.entity_id 
_pdbx_nonpoly_scheme.mon_id 
_pdbx_nonpoly_scheme.ndb_seq_num 
_pdbx_nonpoly_scheme.pdb_seq_num 
_pdbx_nonpoly_scheme.auth_seq_num 
_pdbx_nonpoly_scheme.pdb_mon_id 
_pdbx_nonpoly_scheme.auth_mon_id 
_pdbx_nonpoly_scheme.pdb_strand_id 
_pdbx_nonpoly_scheme.pdb_ins_code 
B 2 PG6 1  93  1  PG6 PG6 A . 
C 3 HOH 1  94  1  HOH HOH A . 
C 3 HOH 2  95  2  HOH HOH A . 
C 3 HOH 3  96  3  HOH HOH A . 
C 3 HOH 4  97  4  HOH HOH A . 
C 3 HOH 5  98  5  HOH HOH A . 
C 3 HOH 6  99  6  HOH HOH A . 
C 3 HOH 7  100 7  HOH HOH A . 
C 3 HOH 8  101 8  HOH HOH A . 
C 3 HOH 9  102 9  HOH HOH A . 
C 3 HOH 10 103 10 HOH HOH A . 
C 3 HOH 11 104 11 HOH HOH A . 
C 3 HOH 12 105 12 HOH HOH A . 
C 3 HOH 13 106 13 HOH HOH A . 
C 3 HOH 14 107 14 HOH HOH A . 
C 3 HOH 15 108 15 HOH HOH A . 
C 3 HOH 16 109 16 HOH HOH A . 
C 3 HOH 17 110 17 HOH HOH A . 
C 3 HOH 18 111 18 HOH HOH A . 
C 3 HOH 19 112 19 HOH HOH A . 
C 3 HOH 20 113 20 HOH HOH A . 
C 3 HOH 21 114 21 HOH HOH A . 
C 3 HOH 22 115 1  HOH HOH A . 
C 3 HOH 23 116 2  HOH HOH A . 
C 3 HOH 24 117 3  HOH HOH A . 
C 3 HOH 25 118 4  HOH HOH A . 
C 3 HOH 26 119 5  HOH HOH A . 
C 3 HOH 27 120 6  HOH HOH A . 
C 3 HOH 28 121 7  HOH HOH A . 
C 3 HOH 29 122 9  HOH HOH A . 
C 3 HOH 30 123 10 HOH HOH A . 
C 3 HOH 31 124 11 HOH HOH A . 
C 3 HOH 32 125 12 HOH HOH A . 
C 3 HOH 33 126 13 HOH HOH A . 
C 3 HOH 34 127 14 HOH HOH A . 
C 3 HOH 35 128 16 HOH HOH A . 
C 3 HOH 36 129 17 HOH HOH A . 
# 
loop_
_pdbx_unobs_or_zero_occ_atoms.id 
_pdbx_unobs_or_zero_occ_atoms.PDB_model_num 
_pdbx_unobs_or_zero_occ_atoms.polymer_flag 
_pdbx_unobs_or_zero_occ_atoms.occupancy_flag 
_pdbx_unobs_or_zero_occ_atoms.auth_asym_id 
_pdbx_unobs_or_zero_occ_atoms.auth_comp_id 
_pdbx_unobs_or_zero_occ_atoms.auth_seq_id 
_pdbx_unobs_or_zero_occ_atoms.PDB_ins_code 
_pdbx_unobs_or_zero_occ_atoms.auth_atom_id 
_pdbx_unobs_or_zero_occ_atoms.label_alt_id 
_pdbx_unobs_or_zero_occ_atoms.label_asym_id 
_pdbx_unobs_or_zero_occ_atoms.label_comp_id 
_pdbx_unobs_or_zero_occ_atoms.label_seq_id 
_pdbx_unobs_or_zero_occ_atoms.label_atom_id 
1 1 N 1 A PG6 93 ? C1 ? B PG6 1 C1 
2 1 N 1 A PG6 93 ? O1 ? B PG6 1 O1 
3 1 N 1 A PG6 93 ? C2 ? B PG6 1 C2 
4 1 N 1 A PG6 93 ? C3 ? B PG6 1 C3 
5 1 N 1 A PG6 93 ? O2 ? B PG6 1 O2 
6 1 N 1 A PG6 93 ? C4 ? B PG6 1 C4 
7 1 N 1 A PG6 93 ? C5 ? B PG6 1 C5 
8 1 N 1 A PG6 93 ? O3 ? B PG6 1 O3 
# 
loop_
_software.name 
_software.classification 
_software.version 
_software.citation_id 
_software.pdbx_ordinal 
SBC-Collect 'data collection' .        ? 1 
HKL-3000    phasing           .        ? 2 
REFMAC      refinement        5.5.0054 ? 3 
HKL-3000    'data reduction'  .        ? 4 
HKL-3000    'data scaling'    .        ? 5 
# 
_cell.entry_id           3H92 
_cell.length_a           50.501 
_cell.length_b           50.501 
_cell.length_c           42.305 
_cell.angle_alpha        90.00 
_cell.angle_beta         90.00 
_cell.angle_gamma        90.00 
_cell.Z_PDB              4 
_cell.pdbx_unique_axis   ? 
_cell.length_a_esd       ? 
_cell.length_b_esd       ? 
_cell.length_c_esd       ? 
_cell.angle_alpha_esd    ? 
_cell.angle_beta_esd     ? 
_cell.angle_gamma_esd    ? 
# 
_symmetry.entry_id                         3H92 
_symmetry.space_group_name_H-M             'P 41' 
_symmetry.pdbx_full_space_group_name_H-M   ? 
_symmetry.cell_setting                     ? 
_symmetry.Int_Tables_number                76 
_symmetry.space_group_name_Hall            ? 
# 
_exptl.entry_id          3H92 
_exptl.method            'X-RAY DIFFRACTION' 
_exptl.crystals_number   1 
# 
_exptl_crystal.id                    1 
_exptl_crystal.density_meas          ? 
_exptl_crystal.density_Matthews      2.40 
_exptl_crystal.density_percent_sol   48.78 
_exptl_crystal.description           ? 
_exptl_crystal.F_000                 ? 
_exptl_crystal.preparation           ? 
# 
_exptl_crystal_grow.crystal_id      1 
_exptl_crystal_grow.method          'VAPOR DIFFUSION, SITTING DROP' 
_exptl_crystal_grow.temp            289 
_exptl_crystal_grow.temp_details    ? 
_exptl_crystal_grow.pH              8.0 
_exptl_crystal_grow.pdbx_details    '0.05M Imidazole, 20%(w/v)PEG6000, pH 8.0, VAPOR DIFFUSION, SITTING DROP, temperature 289K' 
_exptl_crystal_grow.pdbx_pH_range   ? 
# 
_diffrn.id                     1 
_diffrn.ambient_temp           100 
_diffrn.ambient_temp_details   ? 
_diffrn.crystal_id             1 
# 
_diffrn_detector.diffrn_id              1 
_diffrn_detector.detector               CCD 
_diffrn_detector.type                   'ADSC QUANTUM 315r' 
_diffrn_detector.pdbx_collection_date   2008-02-01 
_diffrn_detector.details                mirrors 
# 
_diffrn_radiation.diffrn_id                        1 
_diffrn_radiation.wavelength_id                    1 
_diffrn_radiation.pdbx_monochromatic_or_laue_m_l   M 
_diffrn_radiation.monochromator                    'Si 111 channel' 
_diffrn_radiation.pdbx_diffrn_protocol             MAD 
_diffrn_radiation.pdbx_scattering_type             x-ray 
# 
loop_
_diffrn_radiation_wavelength.id 
_diffrn_radiation_wavelength.wavelength 
_diffrn_radiation_wavelength.wt 
1 0.9794 1.0 
2 0.9796 1.0 
# 
_diffrn_source.diffrn_id                   1 
_diffrn_source.source                      SYNCHROTRON 
_diffrn_source.type                        'APS BEAMLINE 19-ID' 
_diffrn_source.pdbx_synchrotron_site       APS 
_diffrn_source.pdbx_synchrotron_beamline   19-ID 
_diffrn_source.pdbx_wavelength             ? 
_diffrn_source.pdbx_wavelength_list        '0.9794, 0.9796' 
# 
_reflns.entry_id                     3H92 
_reflns.observed_criterion_sigma_I   2 
_reflns.observed_criterion_sigma_F   2 
_reflns.d_resolution_low             50.51 
_reflns.d_resolution_high            2.2 
_reflns.number_obs                   5212 
_reflns.number_all                   5265 
_reflns.percent_possible_obs         99 
_reflns.pdbx_Rmerge_I_obs            0.082 
_reflns.pdbx_Rsym_value              ? 
_reflns.pdbx_netI_over_sigmaI        30.46 
_reflns.B_iso_Wilson_estimate        ? 
_reflns.pdbx_redundancy              9.0 
_reflns.R_free_details               ? 
_reflns.limit_h_max                  ? 
_reflns.limit_h_min                  ? 
_reflns.limit_k_max                  ? 
_reflns.limit_k_min                  ? 
_reflns.limit_l_max                  ? 
_reflns.limit_l_min                  ? 
_reflns.observed_criterion_F_max     ? 
_reflns.observed_criterion_F_min     ? 
_reflns.pdbx_chi_squared             ? 
_reflns.pdbx_scaling_rejects         ? 
_reflns.pdbx_ordinal                 1 
_reflns.pdbx_diffrn_id               1 
# 
_reflns_shell.d_res_high             2.2 
_reflns_shell.d_res_low              2.257 
_reflns_shell.percent_possible_all   94.49 
_reflns_shell.Rmerge_I_obs           0.54 
_reflns_shell.pdbx_Rsym_value        ? 
_reflns_shell.meanI_over_sigI_obs    2.53 
_reflns_shell.pdbx_redundancy        7.3 
_reflns_shell.percent_possible_obs   ? 
_reflns_shell.number_unique_all      399 
_reflns_shell.number_measured_all    ? 
_reflns_shell.number_measured_obs    ? 
_reflns_shell.number_unique_obs      ? 
_reflns_shell.pdbx_chi_squared       ? 
_reflns_shell.pdbx_ordinal           1 
_reflns_shell.pdbx_diffrn_id         1 
# 
_refine.entry_id                                 3H92 
_refine.ls_number_reflns_obs                     5212 
_refine.ls_number_reflns_all                     5265 
_refine.pdbx_ls_sigma_I                          0 
_refine.pdbx_ls_sigma_F                          0 
_refine.pdbx_data_cutoff_high_absF               ? 
_refine.pdbx_data_cutoff_low_absF                ? 
_refine.pdbx_data_cutoff_high_rms_absF           ? 
_refine.ls_d_res_low                             50.51 
_refine.ls_d_res_high                            2.20 
_refine.ls_percent_reflns_obs                    99.00 
_refine.ls_R_factor_obs                          0.20577 
_refine.ls_R_factor_all                          ? 
_refine.ls_R_factor_R_work                       0.20216 
_refine.ls_R_factor_R_free                       0.27783 
_refine.ls_R_factor_R_free_error                 ? 
_refine.ls_R_factor_R_free_error_details         ? 
_refine.ls_percent_reflns_R_free                 4.4 
_refine.ls_number_reflns_R_free                  238 
_refine.ls_number_parameters                     ? 
_refine.ls_number_restraints                     ? 
_refine.occupancy_min                            ? 
_refine.occupancy_max                            ? 
_refine.correlation_coeff_Fo_to_Fc               0.958 
_refine.correlation_coeff_Fo_to_Fc_free          0.920 
_refine.B_iso_mean                               33.760 
_refine.aniso_B[1][1]                            -1.98 
_refine.aniso_B[2][2]                            -1.98 
_refine.aniso_B[3][3]                            3.95 
_refine.aniso_B[1][2]                            0.00 
_refine.aniso_B[1][3]                            0.00 
_refine.aniso_B[2][3]                            0.00 
_refine.solvent_model_details                    MASK 
_refine.solvent_model_param_ksol                 ? 
_refine.solvent_model_param_bsol                 ? 
_refine.pdbx_solvent_vdw_probe_radii             1.20 
_refine.pdbx_solvent_ion_probe_radii             0.80 
_refine.pdbx_solvent_shrinkage_radii             0.80 
_refine.pdbx_ls_cross_valid_method               THROUGHOUT 
_refine.details                                  'HYDROGENS HAVE BEEN ADDED IN THE RIDING POSITIONS' 
_refine.pdbx_starting_model                      ? 
_refine.pdbx_method_to_determine_struct          MAD 
_refine.pdbx_isotropic_thermal_model             ? 
_refine.pdbx_stereochemistry_target_values       'MAXIMUM LIKELIHOOD WITH PHASES' 
_refine.pdbx_stereochem_target_val_spec_case     ? 
_refine.pdbx_R_Free_selection_details            RANDOM 
_refine.pdbx_overall_ESU_R                       0.277 
_refine.pdbx_overall_ESU_R_Free                  0.244 
_refine.overall_SU_ML                            0.211 
_refine.overall_SU_B                             19.104 
_refine.ls_redundancy_reflns_obs                 ? 
_refine.B_iso_min                                ? 
_refine.B_iso_max                                ? 
_refine.overall_SU_R_Cruickshank_DPI             ? 
_refine.overall_SU_R_free                        ? 
_refine.ls_wR_factor_R_free                      ? 
_refine.ls_wR_factor_R_work                      ? 
_refine.overall_FOM_free_R_set                   ? 
_refine.overall_FOM_work_R_set                   ? 
_refine.pdbx_overall_phase_error                 ? 
_refine.pdbx_refine_id                           'X-RAY DIFFRACTION' 
_refine.pdbx_TLS_residual_ADP_flag               'LIKELY RESIDUAL' 
_refine.pdbx_diffrn_id                           1 
_refine.pdbx_overall_SU_R_free_Cruickshank_DPI   ? 
_refine.pdbx_overall_SU_R_Blow_DPI               ? 
_refine.pdbx_overall_SU_R_free_Blow_DPI          ? 
# 
_refine_hist.pdbx_refine_id                   'X-RAY DIFFRACTION' 
_refine_hist.cycle_id                         LAST 
_refine_hist.pdbx_number_atoms_protein        735 
_refine_hist.pdbx_number_atoms_nucleic_acid   0 
_refine_hist.pdbx_number_atoms_ligand         10 
_refine_hist.number_atoms_solvent             36 
_refine_hist.number_atoms_total               781 
_refine_hist.d_res_high                       2.20 
_refine_hist.d_res_low                        50.51 
# 
loop_
_refine_ls_restr.type 
_refine_ls_restr.dev_ideal 
_refine_ls_restr.dev_ideal_target 
_refine_ls_restr.weight 
_refine_ls_restr.number 
_refine_ls_restr.pdbx_refine_id 
_refine_ls_restr.pdbx_restraint_function 
r_bond_refined_d       0.022  0.022  ? 756  'X-RAY DIFFRACTION' ? 
r_bond_other_d         0.001  0.020  ? 553  'X-RAY DIFFRACTION' ? 
r_angle_refined_deg    1.762  2.014  ? 1009 'X-RAY DIFFRACTION' ? 
r_angle_other_deg      0.970  3.000  ? 1359 'X-RAY DIFFRACTION' ? 
r_dihedral_angle_1_deg 6.244  5.000  ? 85   'X-RAY DIFFRACTION' ? 
r_dihedral_angle_2_deg 42.950 25.526 ? 38   'X-RAY DIFFRACTION' ? 
r_dihedral_angle_3_deg 21.957 15.000 ? 162  'X-RAY DIFFRACTION' ? 
r_dihedral_angle_4_deg 20.905 15.000 ? 4    'X-RAY DIFFRACTION' ? 
r_chiral_restr         0.092  0.200  ? 110  'X-RAY DIFFRACTION' ? 
r_gen_planes_refined   0.006  0.020  ? 787  'X-RAY DIFFRACTION' ? 
r_gen_planes_other     0.001  0.020  ? 136  'X-RAY DIFFRACTION' ? 
r_mcbond_it            1.014  1.500  ? 430  'X-RAY DIFFRACTION' ? 
r_mcbond_other         0.209  1.500  ? 170  'X-RAY DIFFRACTION' ? 
r_mcangle_it           1.955  2.000  ? 698  'X-RAY DIFFRACTION' ? 
r_scbond_it            3.105  3.000  ? 326  'X-RAY DIFFRACTION' ? 
r_scangle_it           5.359  4.500  ? 311  'X-RAY DIFFRACTION' ? 
# 
_refine_ls_shell.pdbx_total_number_of_bins_used   20 
_refine_ls_shell.d_res_high                       2.200 
_refine_ls_shell.d_res_low                        2.257 
_refine_ls_shell.number_reflns_R_work             356 
_refine_ls_shell.R_factor_R_work                  0.242 
_refine_ls_shell.percent_reflns_obs               94.49 
_refine_ls_shell.R_factor_R_free                  0.382 
_refine_ls_shell.R_factor_R_free_error            ? 
_refine_ls_shell.percent_reflns_R_free            ? 
_refine_ls_shell.number_reflns_R_free             21 
_refine_ls_shell.number_reflns_all                ? 
_refine_ls_shell.R_factor_all                     ? 
_refine_ls_shell.number_reflns_obs                377 
_refine_ls_shell.redundancy_reflns_obs            ? 
_refine_ls_shell.pdbx_refine_id                   'X-RAY DIFFRACTION' 
# 
_struct.entry_id                  3H92 
_struct.title                     
'The crystal structure of one domain of the protein with unknown function from Methanocaldococcus jannaschii' 
_struct.pdbx_model_details        ? 
_struct.pdbx_CASP_flag            ? 
_struct.pdbx_model_type_details   ? 
# 
_struct_keywords.entry_id        3H92 
_struct_keywords.pdbx_keywords   'structural genomics, unknown function' 
_struct_keywords.text            
;Protein with unknown function, structural genomics, PSI, MCSG, Protein Structure Initiative, Midwest Center for Structural Genomics, ATP-binding, Nucleotide-binding, unknown function
;
# 
loop_
_struct_asym.id 
_struct_asym.pdbx_blank_PDB_chainid_flag 
_struct_asym.pdbx_modified 
_struct_asym.entity_id 
_struct_asym.details 
A N N 1 ? 
B N N 2 ? 
C N N 3 ? 
# 
_struct_ref.id                         1 
_struct_ref.db_name                    UNP 
_struct_ref.db_code                    Y3515_METJA 
_struct_ref.pdbx_db_accession          Q60277 
_struct_ref.entity_id                  1 
_struct_ref.pdbx_seq_one_letter_code   
;DLKYILETKLEEERNHLEELLEKVEEDYEGINYDEVLEALKLFKDNYELPKSKIKRKIRIFLIKENILFLNPQKGTLKPQ
SYLVWNAIKRML
;
_struct_ref.pdbx_align_begin           274 
_struct_ref.pdbx_db_isoform            ? 
# 
_struct_ref_seq.align_id                      1 
_struct_ref_seq.ref_id                        1 
_struct_ref_seq.pdbx_PDB_id_code              3H92 
_struct_ref_seq.pdbx_strand_id                A 
_struct_ref_seq.seq_align_beg                 1 
_struct_ref_seq.pdbx_seq_align_beg_ins_code   ? 
_struct_ref_seq.seq_align_end                 92 
_struct_ref_seq.pdbx_seq_align_end_ins_code   ? 
_struct_ref_seq.pdbx_db_accession             Q60277 
_struct_ref_seq.db_align_beg                  274 
_struct_ref_seq.pdbx_db_align_beg_ins_code    ? 
_struct_ref_seq.db_align_end                  365 
_struct_ref_seq.pdbx_db_align_end_ins_code    ? 
_struct_ref_seq.pdbx_auth_seq_align_beg       1 
_struct_ref_seq.pdbx_auth_seq_align_end       92 
# 
_pdbx_struct_assembly.id                   1 
_pdbx_struct_assembly.details              author_and_software_defined_assembly 
_pdbx_struct_assembly.method_details       PISA 
_pdbx_struct_assembly.oligomeric_details   monomeric 
_pdbx_struct_assembly.oligomeric_count     1 
# 
_pdbx_struct_assembly_gen.assembly_id       1 
_pdbx_struct_assembly_gen.oper_expression   1 
_pdbx_struct_assembly_gen.asym_id_list      A,B,C 
# 
_pdbx_struct_oper_list.id                   1 
_pdbx_struct_oper_list.type                 'identity operation' 
_pdbx_struct_oper_list.name                 1_555 
_pdbx_struct_oper_list.symmetry_operation   x,y,z 
_pdbx_struct_oper_list.matrix[1][1]         1.0000000000 
_pdbx_struct_oper_list.matrix[1][2]         0.0000000000 
_pdbx_struct_oper_list.matrix[1][3]         0.0000000000 
_pdbx_struct_oper_list.vector[1]            0.0000000000 
_pdbx_struct_oper_list.matrix[2][1]         0.0000000000 
_pdbx_struct_oper_list.matrix[2][2]         1.0000000000 
_pdbx_struct_oper_list.matrix[2][3]         0.0000000000 
_pdbx_struct_oper_list.vector[2]            0.0000000000 
_pdbx_struct_oper_list.matrix[3][1]         0.0000000000 
_pdbx_struct_oper_list.matrix[3][2]         0.0000000000 
_pdbx_struct_oper_list.matrix[3][3]         1.0000000000 
_pdbx_struct_oper_list.vector[3]            0.0000000000 
# 
_struct_biol.id        1 
_struct_biol.details   'This protein exists as monomer.' 
# 
loop_
_struct_conf.conf_type_id 
_struct_conf.id 
_struct_conf.pdbx_PDB_helix_id 
_struct_conf.beg_label_comp_id 
_struct_conf.beg_label_asym_id 
_struct_conf.beg_label_seq_id 
_struct_conf.pdbx_beg_PDB_ins_code 
_struct_conf.end_label_comp_id 
_struct_conf.end_label_asym_id 
_struct_conf.end_label_seq_id 
_struct_conf.pdbx_end_PDB_ins_code 
_struct_conf.beg_auth_comp_id 
_struct_conf.beg_auth_asym_id 
_struct_conf.beg_auth_seq_id 
_struct_conf.end_auth_comp_id 
_struct_conf.end_auth_asym_id 
_struct_conf.end_auth_seq_id 
_struct_conf.pdbx_PDB_helix_class 
_struct_conf.details 
_struct_conf.pdbx_PDB_helix_length 
HELX_P HELX_P1 1 GLU A 7  ? ASP A 27 ? GLU A 7  ASP A 27 1 ? 21 
HELX_P HELX_P2 2 ASN A 32 ? ASN A 46 ? ASN A 32 ASN A 46 1 ? 15 
HELX_P HELX_P3 3 SER A 52 ? ILE A 54 ? SER A 52 ILE A 54 5 ? 3  
HELX_P HELX_P4 4 LYS A 55 ? GLU A 65 ? LYS A 55 GLU A 65 1 ? 11 
HELX_P HELX_P5 5 SER A 81 ? LEU A 92 ? SER A 81 LEU A 92 1 ? 12 
# 
_struct_conf_type.id          HELX_P 
_struct_conf_type.criteria    ? 
_struct_conf_type.reference   ? 
# 
loop_
_struct_conn.id 
_struct_conn.conn_type_id 
_struct_conn.pdbx_leaving_atom_flag 
_struct_conn.pdbx_PDB_id 
_struct_conn.ptnr1_label_asym_id 
_struct_conn.ptnr1_label_comp_id 
_struct_conn.ptnr1_label_seq_id 
_struct_conn.ptnr1_label_atom_id 
_struct_conn.pdbx_ptnr1_label_alt_id 
_struct_conn.pdbx_ptnr1_PDB_ins_code 
_struct_conn.pdbx_ptnr1_standard_comp_id 
_struct_conn.ptnr1_symmetry 
_struct_conn.ptnr2_label_asym_id 
_struct_conn.ptnr2_label_comp_id 
_struct_conn.ptnr2_label_seq_id 
_struct_conn.ptnr2_label_atom_id 
_struct_conn.pdbx_ptnr2_label_alt_id 
_struct_conn.pdbx_ptnr2_PDB_ins_code 
_struct_conn.ptnr1_auth_asym_id 
_struct_conn.ptnr1_auth_comp_id 
_struct_conn.ptnr1_auth_seq_id 
_struct_conn.ptnr2_auth_asym_id 
_struct_conn.ptnr2_auth_comp_id 
_struct_conn.ptnr2_auth_seq_id 
_struct_conn.ptnr2_symmetry 
_struct_conn.pdbx_ptnr3_label_atom_id 
_struct_conn.pdbx_ptnr3_label_seq_id 
_struct_conn.pdbx_ptnr3_label_comp_id 
_struct_conn.pdbx_ptnr3_label_asym_id 
_struct_conn.pdbx_ptnr3_label_alt_id 
_struct_conn.pdbx_ptnr3_PDB_ins_code 
_struct_conn.details 
_struct_conn.pdbx_dist_value 
_struct_conn.pdbx_value_order 
_struct_conn.pdbx_role 
covale1 covale both ? A ARG 90 C ? ? ? 1_555 A MSE 91 N ? ? A ARG 90 A MSE 91 1_555 ? ? ? ? ? ? ? 1.340 ? ? 
covale2 covale both ? A MSE 91 C ? ? ? 1_555 A LEU 92 N ? ? A MSE 91 A LEU 92 1_555 ? ? ? ? ? ? ? 1.310 ? ? 
# 
_struct_conn_type.id          covale 
_struct_conn_type.criteria    ? 
_struct_conn_type.reference   ? 
# 
_pdbx_modification_feature.ordinal                            1 
_pdbx_modification_feature.label_comp_id                      MSE 
_pdbx_modification_feature.label_asym_id                      A 
_pdbx_modification_feature.label_seq_id                       91 
_pdbx_modification_feature.label_alt_id                       ? 
_pdbx_modification_feature.modified_residue_label_comp_id     . 
_pdbx_modification_feature.modified_residue_label_asym_id     . 
_pdbx_modification_feature.modified_residue_label_seq_id      . 
_pdbx_modification_feature.modified_residue_label_alt_id      . 
_pdbx_modification_feature.auth_comp_id                       MSE 
_pdbx_modification_feature.auth_asym_id                       A 
_pdbx_modification_feature.auth_seq_id                        91 
_pdbx_modification_feature.PDB_ins_code                       ? 
_pdbx_modification_feature.symmetry                           1_555 
_pdbx_modification_feature.modified_residue_auth_comp_id      . 
_pdbx_modification_feature.modified_residue_auth_asym_id      . 
_pdbx_modification_feature.modified_residue_auth_seq_id       . 
_pdbx_modification_feature.modified_residue_PDB_ins_code      . 
_pdbx_modification_feature.modified_residue_symmetry          . 
_pdbx_modification_feature.comp_id_linking_atom               . 
_pdbx_modification_feature.modified_residue_id_linking_atom   . 
_pdbx_modification_feature.modified_residue_id                MET 
_pdbx_modification_feature.ref_pcm_id                         1 
_pdbx_modification_feature.ref_comp_id                        MSE 
_pdbx_modification_feature.type                               Selenomethionine 
_pdbx_modification_feature.category                           'Named protein modification' 
# 
_struct_sheet.id               A 
_struct_sheet.type             ? 
_struct_sheet.number_strands   3 
_struct_sheet.details          ? 
# 
loop_
_struct_sheet_order.sheet_id 
_struct_sheet_order.range_id_1 
_struct_sheet_order.range_id_2 
_struct_sheet_order.offset 
_struct_sheet_order.sense 
A 1 2 ? anti-parallel 
A 2 3 ? anti-parallel 
# 
loop_
_struct_sheet_range.sheet_id 
_struct_sheet_range.id 
_struct_sheet_range.beg_label_comp_id 
_struct_sheet_range.beg_label_asym_id 
_struct_sheet_range.beg_label_seq_id 
_struct_sheet_range.pdbx_beg_PDB_ins_code 
_struct_sheet_range.end_label_comp_id 
_struct_sheet_range.end_label_asym_id 
_struct_sheet_range.end_label_seq_id 
_struct_sheet_range.pdbx_end_PDB_ins_code 
_struct_sheet_range.beg_auth_comp_id 
_struct_sheet_range.beg_auth_asym_id 
_struct_sheet_range.beg_auth_seq_id 
_struct_sheet_range.end_auth_comp_id 
_struct_sheet_range.end_auth_asym_id 
_struct_sheet_range.end_auth_seq_id 
A 1 LEU A 49 ? PRO A 50 ? LEU A 49 PRO A 50 
A 2 THR A 76 ? PRO A 79 ? THR A 76 PRO A 79 
A 3 LEU A 68 ? ASN A 71 ? LEU A 68 ASN A 71 
# 
loop_
_pdbx_struct_sheet_hbond.sheet_id 
_pdbx_struct_sheet_hbond.range_id_1 
_pdbx_struct_sheet_hbond.range_id_2 
_pdbx_struct_sheet_hbond.range_1_label_atom_id 
_pdbx_struct_sheet_hbond.range_1_label_comp_id 
_pdbx_struct_sheet_hbond.range_1_label_asym_id 
_pdbx_struct_sheet_hbond.range_1_label_seq_id 
_pdbx_struct_sheet_hbond.range_1_PDB_ins_code 
_pdbx_struct_sheet_hbond.range_1_auth_atom_id 
_pdbx_struct_sheet_hbond.range_1_auth_comp_id 
_pdbx_struct_sheet_hbond.range_1_auth_asym_id 
_pdbx_struct_sheet_hbond.range_1_auth_seq_id 
_pdbx_struct_sheet_hbond.range_2_label_atom_id 
_pdbx_struct_sheet_hbond.range_2_label_comp_id 
_pdbx_struct_sheet_hbond.range_2_label_asym_id 
_pdbx_struct_sheet_hbond.range_2_label_seq_id 
_pdbx_struct_sheet_hbond.range_2_PDB_ins_code 
_pdbx_struct_sheet_hbond.range_2_auth_atom_id 
_pdbx_struct_sheet_hbond.range_2_auth_comp_id 
_pdbx_struct_sheet_hbond.range_2_auth_asym_id 
_pdbx_struct_sheet_hbond.range_2_auth_seq_id 
A 1 2 N LEU A 49 ? N LEU A 49 O LEU A 77 ? O LEU A 77 
A 2 3 O LYS A 78 ? O LYS A 78 N PHE A 69 ? N PHE A 69 
# 
_struct_site.id                   AC1 
_struct_site.pdbx_evidence_code   Software 
_struct_site.pdbx_auth_asym_id    A 
_struct_site.pdbx_auth_comp_id    PG6 
_struct_site.pdbx_auth_seq_id     93 
_struct_site.pdbx_auth_ins_code   ? 
_struct_site.pdbx_num_residues    5 
_struct_site.details              'BINDING SITE FOR RESIDUE PG6 A 93' 
# 
loop_
_struct_site_gen.id 
_struct_site_gen.site_id 
_struct_site_gen.pdbx_num_res 
_struct_site_gen.label_comp_id 
_struct_site_gen.label_asym_id 
_struct_site_gen.label_seq_id 
_struct_site_gen.pdbx_auth_ins_code 
_struct_site_gen.auth_comp_id 
_struct_site_gen.auth_asym_id 
_struct_site_gen.auth_seq_id 
_struct_site_gen.label_atom_id 
_struct_site_gen.label_alt_id 
_struct_site_gen.symmetry 
_struct_site_gen.details 
1 AC1 5 GLU A 22 ? GLU A 22 . ? 4_554 ? 
2 AC1 5 TYR A 47 ? TYR A 47 . ? 2_654 ? 
3 AC1 5 PRO A 72 ? PRO A 72 . ? 1_555 ? 
4 AC1 5 TYR A 82 ? TYR A 82 . ? 2_654 ? 
5 AC1 5 TRP A 85 ? TRP A 85 . ? 2_654 ? 
# 
_pdbx_entry_details.entry_id                   3H92 
_pdbx_entry_details.compound_details           ? 
_pdbx_entry_details.source_details             ? 
_pdbx_entry_details.nonpolymer_details         ? 
_pdbx_entry_details.sequence_details           ? 
_pdbx_entry_details.has_ligand_of_interest     ? 
_pdbx_entry_details.has_protein_modification   Y 
# 
_pdbx_validate_close_contact.id               1 
_pdbx_validate_close_contact.PDB_model_num    1 
_pdbx_validate_close_contact.auth_atom_id_1   OH 
_pdbx_validate_close_contact.auth_asym_id_1   A 
_pdbx_validate_close_contact.auth_comp_id_1   TYR 
_pdbx_validate_close_contact.auth_seq_id_1    33 
_pdbx_validate_close_contact.PDB_ins_code_1   ? 
_pdbx_validate_close_contact.label_alt_id_1   ? 
_pdbx_validate_close_contact.auth_atom_id_2   O 
_pdbx_validate_close_contact.auth_asym_id_2   A 
_pdbx_validate_close_contact.auth_comp_id_2   HOH 
_pdbx_validate_close_contact.auth_seq_id_2    113 
_pdbx_validate_close_contact.PDB_ins_code_2   ? 
_pdbx_validate_close_contact.label_alt_id_2   ? 
_pdbx_validate_close_contact.dist             2.02 
# 
loop_
_pdbx_validate_rmsd_angle.id 
_pdbx_validate_rmsd_angle.PDB_model_num 
_pdbx_validate_rmsd_angle.auth_atom_id_1 
_pdbx_validate_rmsd_angle.auth_asym_id_1 
_pdbx_validate_rmsd_angle.auth_comp_id_1 
_pdbx_validate_rmsd_angle.auth_seq_id_1 
_pdbx_validate_rmsd_angle.PDB_ins_code_1 
_pdbx_validate_rmsd_angle.label_alt_id_1 
_pdbx_validate_rmsd_angle.auth_atom_id_2 
_pdbx_validate_rmsd_angle.auth_asym_id_2 
_pdbx_validate_rmsd_angle.auth_comp_id_2 
_pdbx_validate_rmsd_angle.auth_seq_id_2 
_pdbx_validate_rmsd_angle.PDB_ins_code_2 
_pdbx_validate_rmsd_angle.label_alt_id_2 
_pdbx_validate_rmsd_angle.auth_atom_id_3 
_pdbx_validate_rmsd_angle.auth_asym_id_3 
_pdbx_validate_rmsd_angle.auth_comp_id_3 
_pdbx_validate_rmsd_angle.auth_seq_id_3 
_pdbx_validate_rmsd_angle.PDB_ins_code_3 
_pdbx_validate_rmsd_angle.label_alt_id_3 
_pdbx_validate_rmsd_angle.angle_value 
_pdbx_validate_rmsd_angle.angle_target_value 
_pdbx_validate_rmsd_angle.angle_deviation 
_pdbx_validate_rmsd_angle.angle_standard_deviation 
_pdbx_validate_rmsd_angle.linker_flag 
1 1 NE A ARG 59 ? ? CZ A ARG 59 ? ? NH2 A ARG 59 ? ? 123.93 120.30 3.63  0.50 N 
2 1 NE A ARG 90 ? ? CZ A ARG 90 ? ? NH2 A ARG 90 ? ? 117.18 120.30 -3.12 0.50 N 
# 
_pdbx_SG_project.id                    1 
_pdbx_SG_project.project_name          'PSI, Protein Structure Initiative' 
_pdbx_SG_project.full_name_of_center   'Midwest Center for Structural Genomics' 
_pdbx_SG_project.initial_of_center     MCSG 
# 
_pdbx_struct_mod_residue.id               1 
_pdbx_struct_mod_residue.label_asym_id    A 
_pdbx_struct_mod_residue.label_comp_id    MSE 
_pdbx_struct_mod_residue.label_seq_id     91 
_pdbx_struct_mod_residue.auth_asym_id     A 
_pdbx_struct_mod_residue.auth_comp_id     MSE 
_pdbx_struct_mod_residue.auth_seq_id      91 
_pdbx_struct_mod_residue.PDB_ins_code     ? 
_pdbx_struct_mod_residue.parent_comp_id   MET 
_pdbx_struct_mod_residue.details          SELENOMETHIONINE 
# 
_pdbx_refine_tls.id               1 
_pdbx_refine_tls.details          ? 
_pdbx_refine_tls.method           refined 
_pdbx_refine_tls.origin_x         -0.0411 
_pdbx_refine_tls.origin_y         0.0415 
_pdbx_refine_tls.origin_z         0.0837 
_pdbx_refine_tls.T[1][1]          0.0957 
_pdbx_refine_tls.T[2][2]          0.0135 
_pdbx_refine_tls.T[3][3]          0.1357 
_pdbx_refine_tls.T[1][2]          -0.0024 
_pdbx_refine_tls.T[1][3]          0.0374 
_pdbx_refine_tls.T[2][3]          0.0003 
_pdbx_refine_tls.L[1][1]          4.8370 
_pdbx_refine_tls.L[2][2]          2.2962 
_pdbx_refine_tls.L[3][3]          2.6446 
_pdbx_refine_tls.L[1][2]          -0.1603 
_pdbx_refine_tls.L[1][3]          0.0902 
_pdbx_refine_tls.L[2][3]          0.1029 
_pdbx_refine_tls.S[1][1]          0.0373 
_pdbx_refine_tls.S[1][2]          -0.0924 
_pdbx_refine_tls.S[1][3]          -0.2618 
_pdbx_refine_tls.S[2][1]          -0.1247 
_pdbx_refine_tls.S[2][2]          -0.0046 
_pdbx_refine_tls.S[2][3]          -0.0486 
_pdbx_refine_tls.S[3][1]          0.1154 
_pdbx_refine_tls.S[3][2]          -0.0401 
_pdbx_refine_tls.S[3][3]          -0.0327 
_pdbx_refine_tls.pdbx_refine_id   'X-RAY DIFFRACTION' 
# 
loop_
_pdbx_refine_tls_group.pdbx_refine_id 
_pdbx_refine_tls_group.id 
_pdbx_refine_tls_group.refine_tls_id 
_pdbx_refine_tls_group.beg_auth_asym_id 
_pdbx_refine_tls_group.beg_auth_seq_id 
_pdbx_refine_tls_group.end_auth_asym_id 
_pdbx_refine_tls_group.end_auth_seq_id 
_pdbx_refine_tls_group.selection_details 
_pdbx_refine_tls_group.beg_label_asym_id 
_pdbx_refine_tls_group.beg_label_seq_id 
_pdbx_refine_tls_group.end_label_asym_id 
_pdbx_refine_tls_group.end_label_seq_id 
_pdbx_refine_tls_group.selection 
'X-RAY DIFFRACTION' 1 1 A 7  A 18 ? . . . . ? 
'X-RAY DIFFRACTION' 2 1 A 19 A 30 ? . . . . ? 
'X-RAY DIFFRACTION' 3 1 A 31 A 40 ? . . . . ? 
'X-RAY DIFFRACTION' 4 1 A 41 A 50 ? . . . . ? 
'X-RAY DIFFRACTION' 5 1 A 51 A 60 ? . . . . ? 
'X-RAY DIFFRACTION' 6 1 A 61 A 70 ? . . . . ? 
'X-RAY DIFFRACTION' 7 1 A 71 A 80 ? . . . . ? 
'X-RAY DIFFRACTION' 8 1 A 81 A 92 ? . . . . ? 
# 
loop_
_pdbx_unobs_or_zero_occ_residues.id 
_pdbx_unobs_or_zero_occ_residues.PDB_model_num 
_pdbx_unobs_or_zero_occ_residues.polymer_flag 
_pdbx_unobs_or_zero_occ_residues.occupancy_flag 
_pdbx_unobs_or_zero_occ_residues.auth_asym_id 
_pdbx_unobs_or_zero_occ_residues.auth_comp_id 
_pdbx_unobs_or_zero_occ_residues.auth_seq_id 
_pdbx_unobs_or_zero_occ_residues.PDB_ins_code 
_pdbx_unobs_or_zero_occ_residues.label_asym_id 
_pdbx_unobs_or_zero_occ_residues.label_comp_id 
_pdbx_unobs_or_zero_occ_residues.label_seq_id 
1 1 Y 1 A ASP 1 ? A ASP 1 
2 1 Y 1 A LEU 2 ? A LEU 2 
3 1 Y 1 A LYS 3 ? A LYS 3 
4 1 Y 1 A TYR 4 ? A TYR 4 
5 1 Y 1 A ILE 5 ? A ILE 5 
6 1 Y 1 A LEU 6 ? A LEU 6 
# 
loop_
_chem_comp_atom.comp_id 
_chem_comp_atom.atom_id 
_chem_comp_atom.type_symbol 
_chem_comp_atom.pdbx_aromatic_flag 
_chem_comp_atom.pdbx_stereo_config 
_chem_comp_atom.pdbx_ordinal 
ALA N    N  N N 1   
ALA CA   C  N S 2   
ALA C    C  N N 3   
ALA O    O  N N 4   
ALA CB   C  N N 5   
ALA OXT  O  N N 6   
ALA H    H  N N 7   
ALA H2   H  N N 8   
ALA HA   H  N N 9   
ALA HB1  H  N N 10  
ALA HB2  H  N N 11  
ALA HB3  H  N N 12  
ALA HXT  H  N N 13  
ARG N    N  N N 14  
ARG CA   C  N S 15  
ARG C    C  N N 16  
ARG O    O  N N 17  
ARG CB   C  N N 18  
ARG CG   C  N N 19  
ARG CD   C  N N 20  
ARG NE   N  N N 21  
ARG CZ   C  N N 22  
ARG NH1  N  N N 23  
ARG NH2  N  N N 24  
ARG OXT  O  N N 25  
ARG H    H  N N 26  
ARG H2   H  N N 27  
ARG HA   H  N N 28  
ARG HB2  H  N N 29  
ARG HB3  H  N N 30  
ARG HG2  H  N N 31  
ARG HG3  H  N N 32  
ARG HD2  H  N N 33  
ARG HD3  H  N N 34  
ARG HE   H  N N 35  
ARG HH11 H  N N 36  
ARG HH12 H  N N 37  
ARG HH21 H  N N 38  
ARG HH22 H  N N 39  
ARG HXT  H  N N 40  
ASN N    N  N N 41  
ASN CA   C  N S 42  
ASN C    C  N N 43  
ASN O    O  N N 44  
ASN CB   C  N N 45  
ASN CG   C  N N 46  
ASN OD1  O  N N 47  
ASN ND2  N  N N 48  
ASN OXT  O  N N 49  
ASN H    H  N N 50  
ASN H2   H  N N 51  
ASN HA   H  N N 52  
ASN HB2  H  N N 53  
ASN HB3  H  N N 54  
ASN HD21 H  N N 55  
ASN HD22 H  N N 56  
ASN HXT  H  N N 57  
ASP N    N  N N 58  
ASP CA   C  N S 59  
ASP C    C  N N 60  
ASP O    O  N N 61  
ASP CB   C  N N 62  
ASP CG   C  N N 63  
ASP OD1  O  N N 64  
ASP OD2  O  N N 65  
ASP OXT  O  N N 66  
ASP H    H  N N 67  
ASP H2   H  N N 68  
ASP HA   H  N N 69  
ASP HB2  H  N N 70  
ASP HB3  H  N N 71  
ASP HD2  H  N N 72  
ASP HXT  H  N N 73  
GLN N    N  N N 74  
GLN CA   C  N S 75  
GLN C    C  N N 76  
GLN O    O  N N 77  
GLN CB   C  N N 78  
GLN CG   C  N N 79  
GLN CD   C  N N 80  
GLN OE1  O  N N 81  
GLN NE2  N  N N 82  
GLN OXT  O  N N 83  
GLN H    H  N N 84  
GLN H2   H  N N 85  
GLN HA   H  N N 86  
GLN HB2  H  N N 87  
GLN HB3  H  N N 88  
GLN HG2  H  N N 89  
GLN HG3  H  N N 90  
GLN HE21 H  N N 91  
GLN HE22 H  N N 92  
GLN HXT  H  N N 93  
GLU N    N  N N 94  
GLU CA   C  N S 95  
GLU C    C  N N 96  
GLU O    O  N N 97  
GLU CB   C  N N 98  
GLU CG   C  N N 99  
GLU CD   C  N N 100 
GLU OE1  O  N N 101 
GLU OE2  O  N N 102 
GLU OXT  O  N N 103 
GLU H    H  N N 104 
GLU H2   H  N N 105 
GLU HA   H  N N 106 
GLU HB2  H  N N 107 
GLU HB3  H  N N 108 
GLU HG2  H  N N 109 
GLU HG3  H  N N 110 
GLU HE2  H  N N 111 
GLU HXT  H  N N 112 
GLY N    N  N N 113 
GLY CA   C  N N 114 
GLY C    C  N N 115 
GLY O    O  N N 116 
GLY OXT  O  N N 117 
GLY H    H  N N 118 
GLY H2   H  N N 119 
GLY HA2  H  N N 120 
GLY HA3  H  N N 121 
GLY HXT  H  N N 122 
HIS N    N  N N 123 
HIS CA   C  N S 124 
HIS C    C  N N 125 
HIS O    O  N N 126 
HIS CB   C  N N 127 
HIS CG   C  Y N 128 
HIS ND1  N  Y N 129 
HIS CD2  C  Y N 130 
HIS CE1  C  Y N 131 
HIS NE2  N  Y N 132 
HIS OXT  O  N N 133 
HIS H    H  N N 134 
HIS H2   H  N N 135 
HIS HA   H  N N 136 
HIS HB2  H  N N 137 
HIS HB3  H  N N 138 
HIS HD1  H  N N 139 
HIS HD2  H  N N 140 
HIS HE1  H  N N 141 
HIS HE2  H  N N 142 
HIS HXT  H  N N 143 
HOH O    O  N N 144 
HOH H1   H  N N 145 
HOH H2   H  N N 146 
ILE N    N  N N 147 
ILE CA   C  N S 148 
ILE C    C  N N 149 
ILE O    O  N N 150 
ILE CB   C  N S 151 
ILE CG1  C  N N 152 
ILE CG2  C  N N 153 
ILE CD1  C  N N 154 
ILE OXT  O  N N 155 
ILE H    H  N N 156 
ILE H2   H  N N 157 
ILE HA   H  N N 158 
ILE HB   H  N N 159 
ILE HG12 H  N N 160 
ILE HG13 H  N N 161 
ILE HG21 H  N N 162 
ILE HG22 H  N N 163 
ILE HG23 H  N N 164 
ILE HD11 H  N N 165 
ILE HD12 H  N N 166 
ILE HD13 H  N N 167 
ILE HXT  H  N N 168 
LEU N    N  N N 169 
LEU CA   C  N S 170 
LEU C    C  N N 171 
LEU O    O  N N 172 
LEU CB   C  N N 173 
LEU CG   C  N N 174 
LEU CD1  C  N N 175 
LEU CD2  C  N N 176 
LEU OXT  O  N N 177 
LEU H    H  N N 178 
LEU H2   H  N N 179 
LEU HA   H  N N 180 
LEU HB2  H  N N 181 
LEU HB3  H  N N 182 
LEU HG   H  N N 183 
LEU HD11 H  N N 184 
LEU HD12 H  N N 185 
LEU HD13 H  N N 186 
LEU HD21 H  N N 187 
LEU HD22 H  N N 188 
LEU HD23 H  N N 189 
LEU HXT  H  N N 190 
LYS N    N  N N 191 
LYS CA   C  N S 192 
LYS C    C  N N 193 
LYS O    O  N N 194 
LYS CB   C  N N 195 
LYS CG   C  N N 196 
LYS CD   C  N N 197 
LYS CE   C  N N 198 
LYS NZ   N  N N 199 
LYS OXT  O  N N 200 
LYS H    H  N N 201 
LYS H2   H  N N 202 
LYS HA   H  N N 203 
LYS HB2  H  N N 204 
LYS HB3  H  N N 205 
LYS HG2  H  N N 206 
LYS HG3  H  N N 207 
LYS HD2  H  N N 208 
LYS HD3  H  N N 209 
LYS HE2  H  N N 210 
LYS HE3  H  N N 211 
LYS HZ1  H  N N 212 
LYS HZ2  H  N N 213 
LYS HZ3  H  N N 214 
LYS HXT  H  N N 215 
MSE N    N  N N 216 
MSE CA   C  N S 217 
MSE C    C  N N 218 
MSE O    O  N N 219 
MSE OXT  O  N N 220 
MSE CB   C  N N 221 
MSE CG   C  N N 222 
MSE SE   SE N N 223 
MSE CE   C  N N 224 
MSE H    H  N N 225 
MSE H2   H  N N 226 
MSE HA   H  N N 227 
MSE HXT  H  N N 228 
MSE HB2  H  N N 229 
MSE HB3  H  N N 230 
MSE HG2  H  N N 231 
MSE HG3  H  N N 232 
MSE HE1  H  N N 233 
MSE HE2  H  N N 234 
MSE HE3  H  N N 235 
PG6 C1   C  N N 236 
PG6 O1   O  N N 237 
PG6 C2   C  N N 238 
PG6 C3   C  N N 239 
PG6 O2   O  N N 240 
PG6 C4   C  N N 241 
PG6 C5   C  N N 242 
PG6 O3   O  N N 243 
PG6 C6   C  N N 244 
PG6 C7   C  N N 245 
PG6 O4   O  N N 246 
PG6 C8   C  N N 247 
PG6 C9   C  N N 248 
PG6 O5   O  N N 249 
PG6 C10  C  N N 250 
PG6 C11  C  N N 251 
PG6 O6   O  N N 252 
PG6 C12  C  N N 253 
PG6 H11  H  N N 254 
PG6 H12  H  N N 255 
PG6 H13  H  N N 256 
PG6 H21  H  N N 257 
PG6 H22  H  N N 258 
PG6 H31  H  N N 259 
PG6 H32  H  N N 260 
PG6 H41  H  N N 261 
PG6 H42  H  N N 262 
PG6 H51  H  N N 263 
PG6 H52  H  N N 264 
PG6 H61  H  N N 265 
PG6 H62  H  N N 266 
PG6 H71  H  N N 267 
PG6 H72  H  N N 268 
PG6 H81  H  N N 269 
PG6 H82  H  N N 270 
PG6 H91  H  N N 271 
PG6 H92  H  N N 272 
PG6 H101 H  N N 273 
PG6 H102 H  N N 274 
PG6 H111 H  N N 275 
PG6 H112 H  N N 276 
PG6 H121 H  N N 277 
PG6 H122 H  N N 278 
PG6 H123 H  N N 279 
PHE N    N  N N 280 
PHE CA   C  N S 281 
PHE C    C  N N 282 
PHE O    O  N N 283 
PHE CB   C  N N 284 
PHE CG   C  Y N 285 
PHE CD1  C  Y N 286 
PHE CD2  C  Y N 287 
PHE CE1  C  Y N 288 
PHE CE2  C  Y N 289 
PHE CZ   C  Y N 290 
PHE OXT  O  N N 291 
PHE H    H  N N 292 
PHE H2   H  N N 293 
PHE HA   H  N N 294 
PHE HB2  H  N N 295 
PHE HB3  H  N N 296 
PHE HD1  H  N N 297 
PHE HD2  H  N N 298 
PHE HE1  H  N N 299 
PHE HE2  H  N N 300 
PHE HZ   H  N N 301 
PHE HXT  H  N N 302 
PRO N    N  N N 303 
PRO CA   C  N S 304 
PRO C    C  N N 305 
PRO O    O  N N 306 
PRO CB   C  N N 307 
PRO CG   C  N N 308 
PRO CD   C  N N 309 
PRO OXT  O  N N 310 
PRO H    H  N N 311 
PRO HA   H  N N 312 
PRO HB2  H  N N 313 
PRO HB3  H  N N 314 
PRO HG2  H  N N 315 
PRO HG3  H  N N 316 
PRO HD2  H  N N 317 
PRO HD3  H  N N 318 
PRO HXT  H  N N 319 
SER N    N  N N 320 
SER CA   C  N S 321 
SER C    C  N N 322 
SER O    O  N N 323 
SER CB   C  N N 324 
SER OG   O  N N 325 
SER OXT  O  N N 326 
SER H    H  N N 327 
SER H2   H  N N 328 
SER HA   H  N N 329 
SER HB2  H  N N 330 
SER HB3  H  N N 331 
SER HG   H  N N 332 
SER HXT  H  N N 333 
THR N    N  N N 334 
THR CA   C  N S 335 
THR C    C  N N 336 
THR O    O  N N 337 
THR CB   C  N R 338 
THR OG1  O  N N 339 
THR CG2  C  N N 340 
THR OXT  O  N N 341 
THR H    H  N N 342 
THR H2   H  N N 343 
THR HA   H  N N 344 
THR HB   H  N N 345 
THR HG1  H  N N 346 
THR HG21 H  N N 347 
THR HG22 H  N N 348 
THR HG23 H  N N 349 
THR HXT  H  N N 350 
TRP N    N  N N 351 
TRP CA   C  N S 352 
TRP C    C  N N 353 
TRP O    O  N N 354 
TRP CB   C  N N 355 
TRP CG   C  Y N 356 
TRP CD1  C  Y N 357 
TRP CD2  C  Y N 358 
TRP NE1  N  Y N 359 
TRP CE2  C  Y N 360 
TRP CE3  C  Y N 361 
TRP CZ2  C  Y N 362 
TRP CZ3  C  Y N 363 
TRP CH2  C  Y N 364 
TRP OXT  O  N N 365 
TRP H    H  N N 366 
TRP H2   H  N N 367 
TRP HA   H  N N 368 
TRP HB2  H  N N 369 
TRP HB3  H  N N 370 
TRP HD1  H  N N 371 
TRP HE1  H  N N 372 
TRP HE3  H  N N 373 
TRP HZ2  H  N N 374 
TRP HZ3  H  N N 375 
TRP HH2  H  N N 376 
TRP HXT  H  N N 377 
TYR N    N  N N 378 
TYR CA   C  N S 379 
TYR C    C  N N 380 
TYR O    O  N N 381 
TYR CB   C  N N 382 
TYR CG   C  Y N 383 
TYR CD1  C  Y N 384 
TYR CD2  C  Y N 385 
TYR CE1  C  Y N 386 
TYR CE2  C  Y N 387 
TYR CZ   C  Y N 388 
TYR OH   O  N N 389 
TYR OXT  O  N N 390 
TYR H    H  N N 391 
TYR H2   H  N N 392 
TYR HA   H  N N 393 
TYR HB2  H  N N 394 
TYR HB3  H  N N 395 
TYR HD1  H  N N 396 
TYR HD2  H  N N 397 
TYR HE1  H  N N 398 
TYR HE2  H  N N 399 
TYR HH   H  N N 400 
TYR HXT  H  N N 401 
VAL N    N  N N 402 
VAL CA   C  N S 403 
VAL C    C  N N 404 
VAL O    O  N N 405 
VAL CB   C  N N 406 
VAL CG1  C  N N 407 
VAL CG2  C  N N 408 
VAL OXT  O  N N 409 
VAL H    H  N N 410 
VAL H2   H  N N 411 
VAL HA   H  N N 412 
VAL HB   H  N N 413 
VAL HG11 H  N N 414 
VAL HG12 H  N N 415 
VAL HG13 H  N N 416 
VAL HG21 H  N N 417 
VAL HG22 H  N N 418 
VAL HG23 H  N N 419 
VAL HXT  H  N N 420 
# 
loop_
_chem_comp_bond.comp_id 
_chem_comp_bond.atom_id_1 
_chem_comp_bond.atom_id_2 
_chem_comp_bond.value_order 
_chem_comp_bond.pdbx_aromatic_flag 
_chem_comp_bond.pdbx_stereo_config 
_chem_comp_bond.pdbx_ordinal 
ALA N   CA   sing N N 1   
ALA N   H    sing N N 2   
ALA N   H2   sing N N 3   
ALA CA  C    sing N N 4   
ALA CA  CB   sing N N 5   
ALA CA  HA   sing N N 6   
ALA C   O    doub N N 7   
ALA C   OXT  sing N N 8   
ALA CB  HB1  sing N N 9   
ALA CB  HB2  sing N N 10  
ALA CB  HB3  sing N N 11  
ALA OXT HXT  sing N N 12  
ARG N   CA   sing N N 13  
ARG N   H    sing N N 14  
ARG N   H2   sing N N 15  
ARG CA  C    sing N N 16  
ARG CA  CB   sing N N 17  
ARG CA  HA   sing N N 18  
ARG C   O    doub N N 19  
ARG C   OXT  sing N N 20  
ARG CB  CG   sing N N 21  
ARG CB  HB2  sing N N 22  
ARG CB  HB3  sing N N 23  
ARG CG  CD   sing N N 24  
ARG CG  HG2  sing N N 25  
ARG CG  HG3  sing N N 26  
ARG CD  NE   sing N N 27  
ARG CD  HD2  sing N N 28  
ARG CD  HD3  sing N N 29  
ARG NE  CZ   sing N N 30  
ARG NE  HE   sing N N 31  
ARG CZ  NH1  sing N N 32  
ARG CZ  NH2  doub N N 33  
ARG NH1 HH11 sing N N 34  
ARG NH1 HH12 sing N N 35  
ARG NH2 HH21 sing N N 36  
ARG NH2 HH22 sing N N 37  
ARG OXT HXT  sing N N 38  
ASN N   CA   sing N N 39  
ASN N   H    sing N N 40  
ASN N   H2   sing N N 41  
ASN CA  C    sing N N 42  
ASN CA  CB   sing N N 43  
ASN CA  HA   sing N N 44  
ASN C   O    doub N N 45  
ASN C   OXT  sing N N 46  
ASN CB  CG   sing N N 47  
ASN CB  HB2  sing N N 48  
ASN CB  HB3  sing N N 49  
ASN CG  OD1  doub N N 50  
ASN CG  ND2  sing N N 51  
ASN ND2 HD21 sing N N 52  
ASN ND2 HD22 sing N N 53  
ASN OXT HXT  sing N N 54  
ASP N   CA   sing N N 55  
ASP N   H    sing N N 56  
ASP N   H2   sing N N 57  
ASP CA  C    sing N N 58  
ASP CA  CB   sing N N 59  
ASP CA  HA   sing N N 60  
ASP C   O    doub N N 61  
ASP C   OXT  sing N N 62  
ASP CB  CG   sing N N 63  
ASP CB  HB2  sing N N 64  
ASP CB  HB3  sing N N 65  
ASP CG  OD1  doub N N 66  
ASP CG  OD2  sing N N 67  
ASP OD2 HD2  sing N N 68  
ASP OXT HXT  sing N N 69  
GLN N   CA   sing N N 70  
GLN N   H    sing N N 71  
GLN N   H2   sing N N 72  
GLN CA  C    sing N N 73  
GLN CA  CB   sing N N 74  
GLN CA  HA   sing N N 75  
GLN C   O    doub N N 76  
GLN C   OXT  sing N N 77  
GLN CB  CG   sing N N 78  
GLN CB  HB2  sing N N 79  
GLN CB  HB3  sing N N 80  
GLN CG  CD   sing N N 81  
GLN CG  HG2  sing N N 82  
GLN CG  HG3  sing N N 83  
GLN CD  OE1  doub N N 84  
GLN CD  NE2  sing N N 85  
GLN NE2 HE21 sing N N 86  
GLN NE2 HE22 sing N N 87  
GLN OXT HXT  sing N N 88  
GLU N   CA   sing N N 89  
GLU N   H    sing N N 90  
GLU N   H2   sing N N 91  
GLU CA  C    sing N N 92  
GLU CA  CB   sing N N 93  
GLU CA  HA   sing N N 94  
GLU C   O    doub N N 95  
GLU C   OXT  sing N N 96  
GLU CB  CG   sing N N 97  
GLU CB  HB2  sing N N 98  
GLU CB  HB3  sing N N 99  
GLU CG  CD   sing N N 100 
GLU CG  HG2  sing N N 101 
GLU CG  HG3  sing N N 102 
GLU CD  OE1  doub N N 103 
GLU CD  OE2  sing N N 104 
GLU OE2 HE2  sing N N 105 
GLU OXT HXT  sing N N 106 
GLY N   CA   sing N N 107 
GLY N   H    sing N N 108 
GLY N   H2   sing N N 109 
GLY CA  C    sing N N 110 
GLY CA  HA2  sing N N 111 
GLY CA  HA3  sing N N 112 
GLY C   O    doub N N 113 
GLY C   OXT  sing N N 114 
GLY OXT HXT  sing N N 115 
HIS N   CA   sing N N 116 
HIS N   H    sing N N 117 
HIS N   H2   sing N N 118 
HIS CA  C    sing N N 119 
HIS CA  CB   sing N N 120 
HIS CA  HA   sing N N 121 
HIS C   O    doub N N 122 
HIS C   OXT  sing N N 123 
HIS CB  CG   sing N N 124 
HIS CB  HB2  sing N N 125 
HIS CB  HB3  sing N N 126 
HIS CG  ND1  sing Y N 127 
HIS CG  CD2  doub Y N 128 
HIS ND1 CE1  doub Y N 129 
HIS ND1 HD1  sing N N 130 
HIS CD2 NE2  sing Y N 131 
HIS CD2 HD2  sing N N 132 
HIS CE1 NE2  sing Y N 133 
HIS CE1 HE1  sing N N 134 
HIS NE2 HE2  sing N N 135 
HIS OXT HXT  sing N N 136 
HOH O   H1   sing N N 137 
HOH O   H2   sing N N 138 
ILE N   CA   sing N N 139 
ILE N   H    sing N N 140 
ILE N   H2   sing N N 141 
ILE CA  C    sing N N 142 
ILE CA  CB   sing N N 143 
ILE CA  HA   sing N N 144 
ILE C   O    doub N N 145 
ILE C   OXT  sing N N 146 
ILE CB  CG1  sing N N 147 
ILE CB  CG2  sing N N 148 
ILE CB  HB   sing N N 149 
ILE CG1 CD1  sing N N 150 
ILE CG1 HG12 sing N N 151 
ILE CG1 HG13 sing N N 152 
ILE CG2 HG21 sing N N 153 
ILE CG2 HG22 sing N N 154 
ILE CG2 HG23 sing N N 155 
ILE CD1 HD11 sing N N 156 
ILE CD1 HD12 sing N N 157 
ILE CD1 HD13 sing N N 158 
ILE OXT HXT  sing N N 159 
LEU N   CA   sing N N 160 
LEU N   H    sing N N 161 
LEU N   H2   sing N N 162 
LEU CA  C    sing N N 163 
LEU CA  CB   sing N N 164 
LEU CA  HA   sing N N 165 
LEU C   O    doub N N 166 
LEU C   OXT  sing N N 167 
LEU CB  CG   sing N N 168 
LEU CB  HB2  sing N N 169 
LEU CB  HB3  sing N N 170 
LEU CG  CD1  sing N N 171 
LEU CG  CD2  sing N N 172 
LEU CG  HG   sing N N 173 
LEU CD1 HD11 sing N N 174 
LEU CD1 HD12 sing N N 175 
LEU CD1 HD13 sing N N 176 
LEU CD2 HD21 sing N N 177 
LEU CD2 HD22 sing N N 178 
LEU CD2 HD23 sing N N 179 
LEU OXT HXT  sing N N 180 
LYS N   CA   sing N N 181 
LYS N   H    sing N N 182 
LYS N   H2   sing N N 183 
LYS CA  C    sing N N 184 
LYS CA  CB   sing N N 185 
LYS CA  HA   sing N N 186 
LYS C   O    doub N N 187 
LYS C   OXT  sing N N 188 
LYS CB  CG   sing N N 189 
LYS CB  HB2  sing N N 190 
LYS CB  HB3  sing N N 191 
LYS CG  CD   sing N N 192 
LYS CG  HG2  sing N N 193 
LYS CG  HG3  sing N N 194 
LYS CD  CE   sing N N 195 
LYS CD  HD2  sing N N 196 
LYS CD  HD3  sing N N 197 
LYS CE  NZ   sing N N 198 
LYS CE  HE2  sing N N 199 
LYS CE  HE3  sing N N 200 
LYS NZ  HZ1  sing N N 201 
LYS NZ  HZ2  sing N N 202 
LYS NZ  HZ3  sing N N 203 
LYS OXT HXT  sing N N 204 
MSE N   CA   sing N N 205 
MSE N   H    sing N N 206 
MSE N   H2   sing N N 207 
MSE CA  C    sing N N 208 
MSE CA  CB   sing N N 209 
MSE CA  HA   sing N N 210 
MSE C   O    doub N N 211 
MSE C   OXT  sing N N 212 
MSE OXT HXT  sing N N 213 
MSE CB  CG   sing N N 214 
MSE CB  HB2  sing N N 215 
MSE CB  HB3  sing N N 216 
MSE CG  SE   sing N N 217 
MSE CG  HG2  sing N N 218 
MSE CG  HG3  sing N N 219 
MSE SE  CE   sing N N 220 
MSE CE  HE1  sing N N 221 
MSE CE  HE2  sing N N 222 
MSE CE  HE3  sing N N 223 
PG6 C1  O1   sing N N 224 
PG6 C1  H11  sing N N 225 
PG6 C1  H12  sing N N 226 
PG6 C1  H13  sing N N 227 
PG6 O1  C2   sing N N 228 
PG6 C2  C3   sing N N 229 
PG6 C2  H21  sing N N 230 
PG6 C2  H22  sing N N 231 
PG6 C3  O2   sing N N 232 
PG6 C3  H31  sing N N 233 
PG6 C3  H32  sing N N 234 
PG6 O2  C4   sing N N 235 
PG6 C4  C5   sing N N 236 
PG6 C4  H41  sing N N 237 
PG6 C4  H42  sing N N 238 
PG6 C5  O3   sing N N 239 
PG6 C5  H51  sing N N 240 
PG6 C5  H52  sing N N 241 
PG6 O3  C6   sing N N 242 
PG6 C6  C7   sing N N 243 
PG6 C6  H61  sing N N 244 
PG6 C6  H62  sing N N 245 
PG6 C7  O4   sing N N 246 
PG6 C7  H71  sing N N 247 
PG6 C7  H72  sing N N 248 
PG6 O4  C8   sing N N 249 
PG6 C8  C9   sing N N 250 
PG6 C8  H81  sing N N 251 
PG6 C8  H82  sing N N 252 
PG6 C9  O5   sing N N 253 
PG6 C9  H91  sing N N 254 
PG6 C9  H92  sing N N 255 
PG6 O5  C10  sing N N 256 
PG6 C10 C11  sing N N 257 
PG6 C10 H101 sing N N 258 
PG6 C10 H102 sing N N 259 
PG6 C11 O6   sing N N 260 
PG6 C11 H111 sing N N 261 
PG6 C11 H112 sing N N 262 
PG6 O6  C12  sing N N 263 
PG6 C12 H121 sing N N 264 
PG6 C12 H122 sing N N 265 
PG6 C12 H123 sing N N 266 
PHE N   CA   sing N N 267 
PHE N   H    sing N N 268 
PHE N   H2   sing N N 269 
PHE CA  C    sing N N 270 
PHE CA  CB   sing N N 271 
PHE CA  HA   sing N N 272 
PHE C   O    doub N N 273 
PHE C   OXT  sing N N 274 
PHE CB  CG   sing N N 275 
PHE CB  HB2  sing N N 276 
PHE CB  HB3  sing N N 277 
PHE CG  CD1  doub Y N 278 
PHE CG  CD2  sing Y N 279 
PHE CD1 CE1  sing Y N 280 
PHE CD1 HD1  sing N N 281 
PHE CD2 CE2  doub Y N 282 
PHE CD2 HD2  sing N N 283 
PHE CE1 CZ   doub Y N 284 
PHE CE1 HE1  sing N N 285 
PHE CE2 CZ   sing Y N 286 
PHE CE2 HE2  sing N N 287 
PHE CZ  HZ   sing N N 288 
PHE OXT HXT  sing N N 289 
PRO N   CA   sing N N 290 
PRO N   CD   sing N N 291 
PRO N   H    sing N N 292 
PRO CA  C    sing N N 293 
PRO CA  CB   sing N N 294 
PRO CA  HA   sing N N 295 
PRO C   O    doub N N 296 
PRO C   OXT  sing N N 297 
PRO CB  CG   sing N N 298 
PRO CB  HB2  sing N N 299 
PRO CB  HB3  sing N N 300 
PRO CG  CD   sing N N 301 
PRO CG  HG2  sing N N 302 
PRO CG  HG3  sing N N 303 
PRO CD  HD2  sing N N 304 
PRO CD  HD3  sing N N 305 
PRO OXT HXT  sing N N 306 
SER N   CA   sing N N 307 
SER N   H    sing N N 308 
SER N   H2   sing N N 309 
SER CA  C    sing N N 310 
SER CA  CB   sing N N 311 
SER CA  HA   sing N N 312 
SER C   O    doub N N 313 
SER C   OXT  sing N N 314 
SER CB  OG   sing N N 315 
SER CB  HB2  sing N N 316 
SER CB  HB3  sing N N 317 
SER OG  HG   sing N N 318 
SER OXT HXT  sing N N 319 
THR N   CA   sing N N 320 
THR N   H    sing N N 321 
THR N   H2   sing N N 322 
THR CA  C    sing N N 323 
THR CA  CB   sing N N 324 
THR CA  HA   sing N N 325 
THR C   O    doub N N 326 
THR C   OXT  sing N N 327 
THR CB  OG1  sing N N 328 
THR CB  CG2  sing N N 329 
THR CB  HB   sing N N 330 
THR OG1 HG1  sing N N 331 
THR CG2 HG21 sing N N 332 
THR CG2 HG22 sing N N 333 
THR CG2 HG23 sing N N 334 
THR OXT HXT  sing N N 335 
TRP N   CA   sing N N 336 
TRP N   H    sing N N 337 
TRP N   H2   sing N N 338 
TRP CA  C    sing N N 339 
TRP CA  CB   sing N N 340 
TRP CA  HA   sing N N 341 
TRP C   O    doub N N 342 
TRP C   OXT  sing N N 343 
TRP CB  CG   sing N N 344 
TRP CB  HB2  sing N N 345 
TRP CB  HB3  sing N N 346 
TRP CG  CD1  doub Y N 347 
TRP CG  CD2  sing Y N 348 
TRP CD1 NE1  sing Y N 349 
TRP CD1 HD1  sing N N 350 
TRP CD2 CE2  doub Y N 351 
TRP CD2 CE3  sing Y N 352 
TRP NE1 CE2  sing Y N 353 
TRP NE1 HE1  sing N N 354 
TRP CE2 CZ2  sing Y N 355 
TRP CE3 CZ3  doub Y N 356 
TRP CE3 HE3  sing N N 357 
TRP CZ2 CH2  doub Y N 358 
TRP CZ2 HZ2  sing N N 359 
TRP CZ3 CH2  sing Y N 360 
TRP CZ3 HZ3  sing N N 361 
TRP CH2 HH2  sing N N 362 
TRP OXT HXT  sing N N 363 
TYR N   CA   sing N N 364 
TYR N   H    sing N N 365 
TYR N   H2   sing N N 366 
TYR CA  C    sing N N 367 
TYR CA  CB   sing N N 368 
TYR CA  HA   sing N N 369 
TYR C   O    doub N N 370 
TYR C   OXT  sing N N 371 
TYR CB  CG   sing N N 372 
TYR CB  HB2  sing N N 373 
TYR CB  HB3  sing N N 374 
TYR CG  CD1  doub Y N 375 
TYR CG  CD2  sing Y N 376 
TYR CD1 CE1  sing Y N 377 
TYR CD1 HD1  sing N N 378 
TYR CD2 CE2  doub Y N 379 
TYR CD2 HD2  sing N N 380 
TYR CE1 CZ   doub Y N 381 
TYR CE1 HE1  sing N N 382 
TYR CE2 CZ   sing Y N 383 
TYR CE2 HE2  sing N N 384 
TYR CZ  OH   sing N N 385 
TYR OH  HH   sing N N 386 
TYR OXT HXT  sing N N 387 
VAL N   CA   sing N N 388 
VAL N   H    sing N N 389 
VAL N   H2   sing N N 390 
VAL CA  C    sing N N 391 
VAL CA  CB   sing N N 392 
VAL CA  HA   sing N N 393 
VAL C   O    doub N N 394 
VAL C   OXT  sing N N 395 
VAL CB  CG1  sing N N 396 
VAL CB  CG2  sing N N 397 
VAL CB  HB   sing N N 398 
VAL CG1 HG11 sing N N 399 
VAL CG1 HG12 sing N N 400 
VAL CG1 HG13 sing N N 401 
VAL CG2 HG21 sing N N 402 
VAL CG2 HG22 sing N N 403 
VAL CG2 HG23 sing N N 404 
VAL OXT HXT  sing N N 405 
# 
_atom_sites.entry_id                    3H92 
_atom_sites.fract_transf_matrix[1][1]   -0.01777643 
_atom_sites.fract_transf_matrix[1][2]   -0.00784245 
_atom_sites.fract_transf_matrix[1][3]   0.00382279 
_atom_sites.fract_transf_matrix[2][1]   0.00835040 
_atom_sites.fract_transf_matrix[2][2]   -0.01780753 
_atom_sites.fract_transf_matrix[2][3]   0.00229822 
_atom_sites.fract_transf_matrix[3][1]   0.00301720 
_atom_sites.fract_transf_matrix[3][2]   0.00438713 
_atom_sites.fract_transf_matrix[3][3]   0.02303052 
_atom_sites.fract_transf_vector[1]      0.269136 
_atom_sites.fract_transf_vector[2]      0.204217 
_atom_sites.fract_transf_vector[3]      0.895786 
# 
loop_
_atom_type.symbol 
C  
N  
O  
SE 
# 
loop_
_atom_site.group_PDB 
_atom_site.id 
_atom_site.type_symbol 
_atom_site.label_atom_id 
_atom_site.label_alt_id 
_atom_site.label_comp_id 
_atom_site.label_asym_id 
_atom_site.label_entity_id 
_atom_site.label_seq_id 
_atom_site.pdbx_PDB_ins_code 
_atom_site.Cartn_x 
_atom_site.Cartn_y 
_atom_site.Cartn_z 
_atom_site.occupancy 
_atom_site.B_iso_or_equiv 
_atom_site.pdbx_formal_charge 
_atom_site.auth_seq_id 
_atom_site.auth_comp_id 
_atom_site.auth_asym_id 
_atom_site.auth_atom_id 
_atom_site.pdbx_PDB_model_num 
ATOM   1   N  N   . GLU A 1 7  ? 4.658   -10.497 17.577  1.00 92.65 ? 7   GLU A N   1 
ATOM   2   C  CA  . GLU A 1 7  ? 3.573   -10.341 16.545  1.00 92.61 ? 7   GLU A CA  1 
ATOM   3   C  C   . GLU A 1 7  ? 3.795   -11.239 15.297  1.00 91.75 ? 7   GLU A C   1 
ATOM   4   O  O   . GLU A 1 7  ? 4.398   -10.808 14.297  1.00 91.69 ? 7   GLU A O   1 
ATOM   5   C  CB  . GLU A 1 7  ? 3.414   -8.853  16.151  1.00 92.97 ? 7   GLU A CB  1 
ATOM   6   C  CG  . GLU A 1 7  ? 2.370   -8.063  16.978  1.00 94.42 ? 7   GLU A CG  1 
ATOM   7   C  CD  . GLU A 1 7  ? 0.944   -8.147  16.397  1.00 96.61 ? 7   GLU A CD  1 
ATOM   8   O  OE1 . GLU A 1 7  ? 0.444   -9.283  16.169  1.00 97.59 ? 7   GLU A OE1 1 
ATOM   9   O  OE2 . GLU A 1 7  ? 0.326   -7.069  16.168  1.00 97.67 ? 7   GLU A OE2 1 
ATOM   10  N  N   . THR A 1 8  ? 3.315   -12.491 15.373  1.00 90.63 ? 8   THR A N   1 
ATOM   11  C  CA  . THR A 1 8  ? 3.314   -13.387 14.209  1.00 89.52 ? 8   THR A CA  1 
ATOM   12  C  C   . THR A 1 8  ? 2.404   -12.714 13.181  1.00 88.58 ? 8   THR A C   1 
ATOM   13  O  O   . THR A 1 8  ? 2.835   -12.436 12.056  1.00 88.69 ? 8   THR A O   1 
ATOM   14  C  CB  . THR A 1 8  ? 2.880   -14.869 14.544  1.00 89.40 ? 8   THR A CB  1 
ATOM   15  O  OG1 . THR A 1 8  ? 3.844   -15.785 14.006  1.00 89.03 ? 8   THR A OG1 1 
ATOM   16  C  CG2 . THR A 1 8  ? 1.486   -15.223 13.997  1.00 88.92 ? 8   THR A CG2 1 
ATOM   17  N  N   . LYS A 1 9  ? 1.184   -12.382 13.613  1.00 87.23 ? 9   LYS A N   1 
ATOM   18  C  CA  . LYS A 1 9  ? 0.189   -11.712 12.768  1.00 86.14 ? 9   LYS A CA  1 
ATOM   19  C  C   . LYS A 1 9  ? 0.779   -10.503 12.050  1.00 84.87 ? 9   LYS A C   1 
ATOM   20  O  O   . LYS A 1 9  ? 0.729   -10.436 10.818  1.00 84.70 ? 9   LYS A O   1 
ATOM   21  C  CB  . LYS A 1 9  ? -1.032  -11.302 13.597  1.00 86.16 ? 9   LYS A CB  1 
ATOM   22  C  CG  . LYS A 1 9  ? -1.861  -12.494 14.070  1.00 86.84 ? 9   LYS A CG  1 
ATOM   23  C  CD  . LYS A 1 9  ? -2.174  -12.452 15.583  1.00 87.16 ? 9   LYS A CD  1 
ATOM   24  C  CE  . LYS A 1 9  ? -1.071  -13.077 16.449  1.00 87.04 ? 9   LYS A CE  1 
ATOM   25  N  NZ  . LYS A 1 9  ? -0.902  -14.543 16.213  1.00 86.50 ? 9   LYS A NZ  1 
ATOM   26  N  N   . LEU A 1 10 ? 1.373   -9.576  12.803  1.00 83.39 ? 10  LEU A N   1 
ATOM   27  C  CA  . LEU A 1 10 ? 1.847   -8.312  12.207  1.00 82.33 ? 10  LEU A CA  1 
ATOM   28  C  C   . LEU A 1 10 ? 3.129   -8.450  11.369  1.00 81.48 ? 10  LEU A C   1 
ATOM   29  O  O   . LEU A 1 10 ? 3.284   -7.709  10.397  1.00 81.71 ? 10  LEU A O   1 
ATOM   30  C  CB  . LEU A 1 10 ? 1.996   -7.184  13.248  1.00 82.06 ? 10  LEU A CB  1 
ATOM   31  C  CG  . LEU A 1 10 ? 1.391   -5.802  12.895  1.00 81.45 ? 10  LEU A CG  1 
ATOM   32  C  CD1 . LEU A 1 10 ? 1.553   -5.412  11.384  1.00 78.50 ? 10  LEU A CD1 1 
ATOM   33  C  CD2 . LEU A 1 10 ? -0.092  -5.674  13.347  1.00 79.75 ? 10  LEU A CD2 1 
ATOM   34  N  N   . GLU A 1 11 ? 4.034   -9.369  11.724  1.00 80.28 ? 11  GLU A N   1 
ATOM   35  C  CA  . GLU A 1 11 ? 5.213   -9.610  10.873  1.00 79.35 ? 11  GLU A CA  1 
ATOM   36  C  C   . GLU A 1 11 ? 4.859   -10.423 9.626   1.00 77.31 ? 11  GLU A C   1 
ATOM   37  O  O   . GLU A 1 11 ? 5.618   -10.419 8.659   1.00 77.06 ? 11  GLU A O   1 
ATOM   38  C  CB  . GLU A 1 11 ? 6.419   -10.206 11.639  1.00 79.99 ? 11  GLU A CB  1 
ATOM   39  C  CG  . GLU A 1 11 ? 7.635   -9.193  11.815  1.00 82.42 ? 11  GLU A CG  1 
ATOM   40  C  CD  . GLU A 1 11 ? 8.626   -9.110  10.582  1.00 85.73 ? 11  GLU A CD  1 
ATOM   41  O  OE1 . GLU A 1 11 ? 8.941   -10.178 9.982   1.00 87.91 ? 11  GLU A OE1 1 
ATOM   42  O  OE2 . GLU A 1 11 ? 9.121   -7.986  10.238  1.00 85.34 ? 11  GLU A OE2 1 
ATOM   43  N  N   . GLU A 1 12 ? 3.704   -11.092 9.641   1.00 74.96 ? 12  GLU A N   1 
ATOM   44  C  CA  . GLU A 1 12 ? 3.169   -11.741 8.436   1.00 73.37 ? 12  GLU A CA  1 
ATOM   45  C  C   . GLU A 1 12 ? 2.909   -10.674 7.360   1.00 70.92 ? 12  GLU A C   1 
ATOM   46  O  O   . GLU A 1 12 ? 3.418   -10.759 6.235   1.00 69.97 ? 12  GLU A O   1 
ATOM   47  C  CB  . GLU A 1 12 ? 1.860   -12.483 8.754   1.00 73.82 ? 12  GLU A CB  1 
ATOM   48  C  CG  . GLU A 1 12 ? 1.758   -13.914 8.202   1.00 76.28 ? 12  GLU A CG  1 
ATOM   49  C  CD  . GLU A 1 12 ? 2.017   -15.006 9.272   1.00 79.71 ? 12  GLU A CD  1 
ATOM   50  O  OE1 . GLU A 1 12 ? 3.194   -15.456 9.409   1.00 81.86 ? 12  GLU A OE1 1 
ATOM   51  O  OE2 . GLU A 1 12 ? 1.041   -15.409 9.977   1.00 81.39 ? 12  GLU A OE2 1 
ATOM   52  N  N   . GLU A 1 13 ? 2.114   -9.670  7.740   1.00 68.33 ? 13  GLU A N   1 
ATOM   53  C  CA  . GLU A 1 13 ? 1.772   -8.542  6.861   1.00 66.28 ? 13  GLU A CA  1 
ATOM   54  C  C   . GLU A 1 13 ? 2.916   -7.569  6.669   1.00 63.72 ? 13  GLU A C   1 
ATOM   55  O  O   . GLU A 1 13 ? 2.981   -6.871  5.672   1.00 63.63 ? 13  GLU A O   1 
ATOM   56  C  CB  . GLU A 1 13 ? 0.584   -7.745  7.384   1.00 66.19 ? 13  GLU A CB  1 
ATOM   57  C  CG  . GLU A 1 13 ? -0.206  -7.126  6.237   1.00 67.45 ? 13  GLU A CG  1 
ATOM   58  C  CD  . GLU A 1 13 ? -1.142  -8.131  5.537   1.00 68.32 ? 13  GLU A CD  1 
ATOM   59  O  OE1 . GLU A 1 13 ? -1.559  -9.088  6.225   1.00 69.57 ? 13  GLU A OE1 1 
ATOM   60  O  OE2 . GLU A 1 13 ? -1.478  -7.960  4.324   1.00 68.84 ? 13  GLU A OE2 1 
ATOM   61  N  N   . ARG A 1 14 ? 3.788   -7.499  7.653   1.00 60.96 ? 14  ARG A N   1 
ATOM   62  C  CA  . ARG A 1 14 ? 5.041   -6.815  7.493   1.00 58.92 ? 14  ARG A CA  1 
ATOM   63  C  C   . ARG A 1 14 ? 5.931   -7.540  6.469   1.00 56.93 ? 14  ARG A C   1 
ATOM   64  O  O   . ARG A 1 14 ? 6.537   -6.907  5.616   1.00 56.47 ? 14  ARG A O   1 
ATOM   65  C  CB  . ARG A 1 14 ? 5.733   -6.797  8.821   1.00 59.23 ? 14  ARG A CB  1 
ATOM   66  C  CG  . ARG A 1 14 ? 6.698   -5.740  8.972   1.00 59.37 ? 14  ARG A CG  1 
ATOM   67  C  CD  . ARG A 1 14 ? 6.188   -4.678  9.871   1.00 60.54 ? 14  ARG A CD  1 
ATOM   68  N  NE  . ARG A 1 14 ? 7.165   -4.401  10.916  1.00 63.25 ? 14  ARG A NE  1 
ATOM   69  C  CZ  . ARG A 1 14 ? 8.446   -4.074  10.701  1.00 67.64 ? 14  ARG A CZ  1 
ATOM   70  N  NH1 . ARG A 1 14 ? 9.243   -3.818  11.743  1.00 69.03 ? 14  ARG A NH1 1 
ATOM   71  N  NH2 . ARG A 1 14 ? 8.964   -4.010  9.460   1.00 69.76 ? 14  ARG A NH2 1 
ATOM   72  N  N   . ASN A 1 15 ? 5.999   -8.871  6.547   1.00 54.73 ? 15  ASN A N   1 
ATOM   73  C  CA  . ASN A 1 15 ? 6.701   -9.650  5.525   1.00 52.99 ? 15  ASN A CA  1 
ATOM   74  C  C   . ASN A 1 15 ? 5.973   -9.609  4.195   1.00 50.02 ? 15  ASN A C   1 
ATOM   75  O  O   . ASN A 1 15 ? 6.609   -9.682  3.150   1.00 49.27 ? 15  ASN A O   1 
ATOM   76  C  CB  . ASN A 1 15 ? 6.963   -11.106 5.949   1.00 53.60 ? 15  ASN A CB  1 
ATOM   77  C  CG  . ASN A 1 15 ? 8.451   -11.397 6.146   1.00 57.31 ? 15  ASN A CG  1 
ATOM   78  O  OD1 . ASN A 1 15 ? 9.271   -11.316 5.199   1.00 60.40 ? 15  ASN A OD1 1 
ATOM   79  N  ND2 . ASN A 1 15 ? 8.816   -11.737 7.387   1.00 62.10 ? 15  ASN A ND2 1 
ATOM   80  N  N   . HIS A 1 16 ? 4.648   -9.492  4.228   1.00 47.08 ? 16  HIS A N   1 
ATOM   81  C  CA  . HIS A 1 16 ? 3.903   -9.246  2.993   1.00 45.74 ? 16  HIS A CA  1 
ATOM   82  C  C   . HIS A 1 16 ? 4.325   -7.930  2.319   1.00 43.02 ? 16  HIS A C   1 
ATOM   83  O  O   . HIS A 1 16 ? 4.651   -7.921  1.160   1.00 41.27 ? 16  HIS A O   1 
ATOM   84  C  CB  . HIS A 1 16 ? 2.406   -9.241  3.241   1.00 45.93 ? 16  HIS A CB  1 
ATOM   85  C  CG  . HIS A 1 16 ? 1.589   -8.988  2.006   1.00 49.88 ? 16  HIS A CG  1 
ATOM   86  N  ND1 . HIS A 1 16 ? 0.398   -8.286  2.027   1.00 51.84 ? 16  HIS A ND1 1 
ATOM   87  C  CD2 . HIS A 1 16 ? 1.789   -9.342  0.708   1.00 53.44 ? 16  HIS A CD2 1 
ATOM   88  C  CE1 . HIS A 1 16 ? -0.092  -8.210  0.799   1.00 52.43 ? 16  HIS A CE1 1 
ATOM   89  N  NE2 . HIS A 1 16 ? 0.730   -8.841  -0.021  1.00 53.65 ? 16  HIS A NE2 1 
ATOM   90  N  N   . LEU A 1 17 ? 4.326   -6.846  3.078   1.00 40.60 ? 17  LEU A N   1 
ATOM   91  C  CA  . LEU A 1 17 ? 4.690   -5.550  2.573   1.00 39.01 ? 17  LEU A CA  1 
ATOM   92  C  C   . LEU A 1 17 ? 6.168   -5.572  2.194   1.00 37.44 ? 17  LEU A C   1 
ATOM   93  O  O   . LEU A 1 17 ? 6.514   -5.158  1.106   1.00 36.06 ? 17  LEU A O   1 
ATOM   94  C  CB  . LEU A 1 17 ? 4.417   -4.468  3.632   1.00 39.04 ? 17  LEU A CB  1 
ATOM   95  C  CG  . LEU A 1 17 ? 3.922   -3.067  3.224   1.00 38.78 ? 17  LEU A CG  1 
ATOM   96  C  CD1 . LEU A 1 17 ? 4.445   -2.056  4.239   1.00 36.93 ? 17  LEU A CD1 1 
ATOM   97  C  CD2 . LEU A 1 17 ? 4.255   -2.642  1.755   1.00 36.86 ? 17  LEU A CD2 1 
ATOM   98  N  N   . GLU A 1 18 ? 7.031   -6.070  3.075   1.00 36.81 ? 18  GLU A N   1 
ATOM   99  C  CA  . GLU A 1 18 ? 8.445   -6.327  2.723   1.00 37.31 ? 18  GLU A CA  1 
ATOM   100 C  C   . GLU A 1 18 ? 8.648   -7.066  1.389   1.00 35.34 ? 18  GLU A C   1 
ATOM   101 O  O   . GLU A 1 18 ? 9.422   -6.636  0.538   1.00 34.92 ? 18  GLU A O   1 
ATOM   102 C  CB  . GLU A 1 18 ? 9.149   -7.158  3.809   1.00 38.25 ? 18  GLU A CB  1 
ATOM   103 C  CG  . GLU A 1 18 ? 9.466   -6.396  5.099   1.00 44.39 ? 18  GLU A CG  1 
ATOM   104 C  CD  . GLU A 1 18 ? 10.061  -7.286  6.205   1.00 51.38 ? 18  GLU A CD  1 
ATOM   105 O  OE1 . GLU A 1 18 ? 9.578   -7.195  7.380   1.00 54.85 ? 18  GLU A OE1 1 
ATOM   106 O  OE2 . GLU A 1 18 ? 11.014  -8.068  5.882   1.00 56.21 ? 18  GLU A OE2 1 
ATOM   107 N  N   . GLU A 1 19 ? 7.950   -8.177  1.221   1.00 33.80 ? 19  GLU A N   1 
ATOM   108 C  CA  . GLU A 1 19 ? 8.104   -8.962  0.016   1.00 33.74 ? 19  GLU A CA  1 
ATOM   109 C  C   . GLU A 1 19 ? 7.649   -8.196  -1.211  1.00 33.42 ? 19  GLU A C   1 
ATOM   110 O  O   . GLU A 1 19 ? 8.334   -8.190  -2.252  1.00 34.21 ? 19  GLU A O   1 
ATOM   111 C  CB  . GLU A 1 19 ? 7.369   -10.314 0.091   1.00 33.24 ? 19  GLU A CB  1 
ATOM   112 C  CG  . GLU A 1 19 ? 7.857   -11.245 -1.067  1.00 33.38 ? 19  GLU A CG  1 
ATOM   113 C  CD  . GLU A 1 19 ? 7.338   -12.681 -1.052  1.00 33.76 ? 19  GLU A CD  1 
ATOM   114 O  OE1 . GLU A 1 19 ? 7.708   -13.409 -2.017  1.00 34.10 ? 19  GLU A OE1 1 
ATOM   115 O  OE2 . GLU A 1 19 ? 6.586   -13.074 -0.113  1.00 31.27 ? 19  GLU A OE2 1 
ATOM   116 N  N   . LEU A 1 20 ? 6.500   -7.544  -1.088  1.00 33.32 ? 20  LEU A N   1 
ATOM   117 C  CA  . LEU A 1 20 ? 5.928   -6.752  -2.164  1.00 33.53 ? 20  LEU A CA  1 
ATOM   118 C  C   . LEU A 1 20 ? 6.905   -5.642  -2.525  1.00 32.90 ? 20  LEU A C   1 
ATOM   119 O  O   . LEU A 1 20 ? 7.157   -5.378  -3.696  1.00 31.99 ? 20  LEU A O   1 
ATOM   120 C  CB  . LEU A 1 20 ? 4.607   -6.101  -1.713  1.00 34.40 ? 20  LEU A CB  1 
ATOM   121 C  CG  . LEU A 1 20 ? 3.508   -5.799  -2.749  1.00 36.72 ? 20  LEU A CG  1 
ATOM   122 C  CD1 . LEU A 1 20 ? 2.890   -4.444  -2.510  1.00 36.38 ? 20  LEU A CD1 1 
ATOM   123 C  CD2 . LEU A 1 20 ? 4.026   -5.930  -4.174  1.00 37.83 ? 20  LEU A CD2 1 
ATOM   124 N  N   . LEU A 1 21 ? 7.443   -4.987  -1.511  1.00 32.82 ? 21  LEU A N   1 
ATOM   125 C  CA  . LEU A 1 21 ? 8.370   -3.904  -1.784  1.00 34.32 ? 21  LEU A CA  1 
ATOM   126 C  C   . LEU A 1 21 ? 9.654   -4.379  -2.522  1.00 35.93 ? 21  LEU A C   1 
ATOM   127 O  O   . LEU A 1 21 ? 10.152  -3.658  -3.435  1.00 35.34 ? 21  LEU A O   1 
ATOM   128 C  CB  . LEU A 1 21 ? 8.705   -3.134  -0.502  1.00 34.26 ? 21  LEU A CB  1 
ATOM   129 C  CG  . LEU A 1 21 ? 7.638   -2.131  -0.009  1.00 34.07 ? 21  LEU A CG  1 
ATOM   130 C  CD1 . LEU A 1 21 ? 8.058   -1.523  1.300   1.00 33.45 ? 21  LEU A CD1 1 
ATOM   131 C  CD2 . LEU A 1 21 ? 7.388   -1.057  -1.032  1.00 29.86 ? 21  LEU A CD2 1 
ATOM   132 N  N   . GLU A 1 22 ? 10.165  -5.579  -2.165  1.00 37.23 ? 22  GLU A N   1 
ATOM   133 C  CA  . GLU A 1 22 ? 11.324  -6.189  -2.876  1.00 38.27 ? 22  GLU A CA  1 
ATOM   134 C  C   . GLU A 1 22 ? 10.968  -6.446  -4.354  1.00 38.38 ? 22  GLU A C   1 
ATOM   135 O  O   . GLU A 1 22 ? 11.720  -6.074  -5.263  1.00 36.77 ? 22  GLU A O   1 
ATOM   136 C  CB  . GLU A 1 22 ? 11.837  -7.493  -2.224  1.00 38.61 ? 22  GLU A CB  1 
ATOM   137 C  CG  . GLU A 1 22 ? 12.752  -8.309  -3.202  1.00 41.52 ? 22  GLU A CG  1 
ATOM   138 C  CD  . GLU A 1 22 ? 13.001  -9.809  -2.845  1.00 43.81 ? 22  GLU A CD  1 
ATOM   139 O  OE1 . GLU A 1 22 ? 12.826  -10.684 -3.761  1.00 42.54 ? 22  GLU A OE1 1 
ATOM   140 O  OE2 . GLU A 1 22 ? 13.399  -10.088 -1.682  1.00 44.40 ? 22  GLU A OE2 1 
ATOM   141 N  N   . LYS A 1 23 ? 9.797   -7.046  -4.567  1.00 38.57 ? 23  LYS A N   1 
ATOM   142 C  CA  . LYS A 1 23 ? 9.325   -7.329  -5.908  1.00 38.76 ? 23  LYS A CA  1 
ATOM   143 C  C   . LYS A 1 23 ? 9.282   -6.046  -6.740  1.00 38.34 ? 23  LYS A C   1 
ATOM   144 O  O   . LYS A 1 23 ? 9.695   -6.023  -7.900  1.00 36.38 ? 23  LYS A O   1 
ATOM   145 C  CB  . LYS A 1 23 ? 7.942   -8.020  -5.829  1.00 39.25 ? 23  LYS A CB  1 
ATOM   146 C  CG  . LYS A 1 23 ? 7.988   -9.556  -5.601  1.00 41.63 ? 23  LYS A CG  1 
ATOM   147 C  CD  . LYS A 1 23 ? 8.901   -10.256 -6.684  1.00 46.04 ? 23  LYS A CD  1 
ATOM   148 C  CE  . LYS A 1 23 ? 8.606   -11.787 -6.961  1.00 47.48 ? 23  LYS A CE  1 
ATOM   149 N  NZ  . LYS A 1 23 ? 8.877   -12.232 -8.384  1.00 47.04 ? 23  LYS A NZ  1 
ATOM   150 N  N   . VAL A 1 24 ? 8.807   -4.978  -6.117  1.00 38.58 ? 24  VAL A N   1 
ATOM   151 C  CA  . VAL A 1 24 ? 8.609   -3.726  -6.816  1.00 40.13 ? 24  VAL A CA  1 
ATOM   152 C  C   . VAL A 1 24 ? 9.938   -3.063  -7.170  1.00 41.60 ? 24  VAL A C   1 
ATOM   153 O  O   . VAL A 1 24 ? 10.073  -2.473  -8.271  1.00 42.85 ? 24  VAL A O   1 
ATOM   154 C  CB  . VAL A 1 24 ? 7.693   -2.768  -6.011  1.00 40.00 ? 24  VAL A CB  1 
ATOM   155 C  CG1 . VAL A 1 24 ? 7.687   -1.399  -6.623  1.00 40.37 ? 24  VAL A CG1 1 
ATOM   156 C  CG2 . VAL A 1 24 ? 6.285   -3.326  -5.975  1.00 38.27 ? 24  VAL A CG2 1 
ATOM   157 N  N   . GLU A 1 25 ? 10.932  -3.174  -6.296  1.00 42.85 ? 25  GLU A N   1 
ATOM   158 C  CA  . GLU A 1 25 ? 12.195  -2.535  -6.603  1.00 45.04 ? 25  GLU A CA  1 
ATOM   159 C  C   . GLU A 1 25 ? 12.937  -3.302  -7.703  1.00 46.47 ? 25  GLU A C   1 
ATOM   160 O  O   . GLU A 1 25 ? 13.366  -2.739  -8.704  1.00 46.13 ? 25  GLU A O   1 
ATOM   161 C  CB  . GLU A 1 25 ? 13.088  -2.452  -5.373  1.00 45.55 ? 25  GLU A CB  1 
ATOM   162 C  CG  . GLU A 1 25 ? 14.507  -1.918  -5.702  1.00 47.28 ? 25  GLU A CG  1 
ATOM   163 C  CD  . GLU A 1 25 ? 15.227  -1.301  -4.493  1.00 49.62 ? 25  GLU A CD  1 
ATOM   164 O  OE1 . GLU A 1 25 ? 16.195  -0.500  -4.711  1.00 49.19 ? 25  GLU A OE1 1 
ATOM   165 O  OE2 . GLU A 1 25 ? 14.800  -1.620  -3.345  1.00 49.61 ? 25  GLU A OE2 1 
ATOM   166 N  N   . GLU A 1 26 ? 13.070  -4.595  -7.483  1.00 48.34 ? 26  GLU A N   1 
ATOM   167 C  CA  . GLU A 1 26 ? 13.880  -5.455  -8.327  1.00 50.84 ? 26  GLU A CA  1 
ATOM   168 C  C   . GLU A 1 26 ? 13.190  -5.778  -9.630  1.00 52.05 ? 26  GLU A C   1 
ATOM   169 O  O   . GLU A 1 26 ? 13.748  -5.638  -10.734 1.00 52.22 ? 26  GLU A O   1 
ATOM   170 C  CB  . GLU A 1 26 ? 14.155  -6.787  -7.595  1.00 50.85 ? 26  GLU A CB  1 
ATOM   171 C  CG  . GLU A 1 26 ? 14.909  -6.636  -6.300  1.00 52.11 ? 26  GLU A CG  1 
ATOM   172 C  CD  . GLU A 1 26 ? 16.192  -5.850  -6.507  1.00 55.10 ? 26  GLU A CD  1 
ATOM   173 O  OE1 . GLU A 1 26 ? 16.850  -6.066  -7.565  1.00 54.45 ? 26  GLU A OE1 1 
ATOM   174 O  OE2 . GLU A 1 26 ? 16.513  -4.997  -5.626  1.00 59.25 ? 26  GLU A OE2 1 
ATOM   175 N  N   . ASP A 1 27 ? 11.960  -6.237  -9.475  1.00 53.72 ? 27  ASP A N   1 
ATOM   176 C  CA  . ASP A 1 27 ? 11.403  -7.125  -10.450 1.00 55.20 ? 27  ASP A CA  1 
ATOM   177 C  C   . ASP A 1 27 ? 10.410  -6.383  -11.315 1.00 56.56 ? 27  ASP A C   1 
ATOM   178 O  O   . ASP A 1 27 ? 10.506  -6.498  -12.536 1.00 57.54 ? 27  ASP A O   1 
ATOM   179 C  CB  . ASP A 1 27 ? 10.830  -8.388  -9.772  1.00 55.07 ? 27  ASP A CB  1 
ATOM   180 C  CG  . ASP A 1 27 ? 11.911  -9.218  -9.006  1.00 55.15 ? 27  ASP A CG  1 
ATOM   181 O  OD1 . ASP A 1 27 ? 13.131  -9.143  -9.316  1.00 55.90 ? 27  ASP A OD1 1 
ATOM   182 O  OD2 . ASP A 1 27 ? 11.525  -9.988  -8.099  1.00 54.42 ? 27  ASP A OD2 1 
ATOM   183 N  N   . TYR A 1 28 ? 9.504   -5.595  -10.721 1.00 57.94 ? 28  TYR A N   1 
ATOM   184 C  CA  . TYR A 1 28 ? 8.526   -4.858  -11.533 1.00 58.96 ? 28  TYR A CA  1 
ATOM   185 C  C   . TYR A 1 28 ? 9.128   -3.602  -12.105 1.00 59.34 ? 28  TYR A C   1 
ATOM   186 O  O   . TYR A 1 28 ? 9.273   -2.576  -11.409 1.00 59.32 ? 28  TYR A O   1 
ATOM   187 C  CB  . TYR A 1 28 ? 7.232   -4.579  -10.792 1.00 59.16 ? 28  TYR A CB  1 
ATOM   188 C  CG  . TYR A 1 28 ? 6.631   -5.844  -10.262 1.00 61.45 ? 28  TYR A CG  1 
ATOM   189 C  CD1 . TYR A 1 28 ? 6.146   -5.904  -8.971  1.00 63.56 ? 28  TYR A CD1 1 
ATOM   190 C  CD2 . TYR A 1 28 ? 6.600   -6.999  -11.032 1.00 63.91 ? 28  TYR A CD2 1 
ATOM   191 C  CE1 . TYR A 1 28 ? 5.605   -7.058  -8.468  1.00 64.48 ? 28  TYR A CE1 1 
ATOM   192 C  CE2 . TYR A 1 28 ? 6.079   -8.165  -10.535 1.00 65.92 ? 28  TYR A CE2 1 
ATOM   193 C  CZ  . TYR A 1 28 ? 5.574   -8.188  -9.244  1.00 66.52 ? 28  TYR A CZ  1 
ATOM   194 O  OH  . TYR A 1 28 ? 5.031   -9.343  -8.714  1.00 68.29 ? 28  TYR A OH  1 
ATOM   195 N  N   . GLU A 1 29 ? 9.507   -3.744  -13.384 1.00 59.90 ? 29  GLU A N   1 
ATOM   196 C  CA  . GLU A 1 29 ? 9.984   -2.659  -14.246 1.00 60.47 ? 29  GLU A CA  1 
ATOM   197 C  C   . GLU A 1 29 ? 8.815   -1.659  -14.469 1.00 59.68 ? 29  GLU A C   1 
ATOM   198 O  O   . GLU A 1 29 ? 9.043   -0.442  -14.620 1.00 60.25 ? 29  GLU A O   1 
ATOM   199 C  CB  . GLU A 1 29 ? 10.547  -3.215  -15.599 1.00 61.15 ? 29  GLU A CB  1 
ATOM   200 C  CG  . GLU A 1 29 ? 11.918  -2.559  -16.079 1.00 63.79 ? 29  GLU A CG  1 
ATOM   201 C  CD  . GLU A 1 29 ? 12.154  -2.509  -17.652 1.00 67.89 ? 29  GLU A CD  1 
ATOM   202 O  OE1 . GLU A 1 29 ? 13.341  -2.615  -18.082 1.00 69.87 ? 29  GLU A OE1 1 
ATOM   203 O  OE2 . GLU A 1 29 ? 11.187  -2.340  -18.461 1.00 70.06 ? 29  GLU A OE2 1 
ATOM   204 N  N   . GLY A 1 30 ? 7.574   -2.170  -14.454 1.00 58.15 ? 30  GLY A N   1 
ATOM   205 C  CA  . GLY A 1 30 ? 6.378   -1.334  -14.594 1.00 56.62 ? 30  GLY A CA  1 
ATOM   206 C  C   . GLY A 1 30 ? 6.033   -0.403  -13.437 1.00 55.03 ? 30  GLY A C   1 
ATOM   207 O  O   . GLY A 1 30 ? 5.307   0.584   -13.643 1.00 55.48 ? 30  GLY A O   1 
ATOM   208 N  N   . ILE A 1 31 ? 6.520   -0.704  -12.229 1.00 52.82 ? 31  ILE A N   1 
ATOM   209 C  CA  . ILE A 1 31 ? 6.153   0.044   -11.027 1.00 50.72 ? 31  ILE A CA  1 
ATOM   210 C  C   . ILE A 1 31 ? 7.405   0.665   -10.440 1.00 50.18 ? 31  ILE A C   1 
ATOM   211 O  O   . ILE A 1 31 ? 8.351   -0.050  -10.123 1.00 49.85 ? 31  ILE A O   1 
ATOM   212 C  CB  . ILE A 1 31 ? 5.520   -0.881  -9.967  1.00 50.62 ? 31  ILE A CB  1 
ATOM   213 C  CG1 . ILE A 1 31 ? 4.571   -1.903  -10.593 1.00 49.40 ? 31  ILE A CG1 1 
ATOM   214 C  CG2 . ILE A 1 31 ? 4.739   -0.094  -8.976  1.00 49.34 ? 31  ILE A CG2 1 
ATOM   215 C  CD1 . ILE A 1 31 ? 3.196   -1.373  -10.851 1.00 49.09 ? 31  ILE A CD1 1 
ATOM   216 N  N   . ASN A 1 32 ? 7.422   1.994   -10.301 1.00 49.52 ? 32  ASN A N   1 
ATOM   217 C  CA  . ASN A 1 32 ? 8.521   2.640   -9.624  1.00 49.26 ? 32  ASN A CA  1 
ATOM   218 C  C   . ASN A 1 32 ? 8.323   2.450   -8.145  1.00 47.78 ? 32  ASN A C   1 
ATOM   219 O  O   . ASN A 1 32 ? 7.336   2.882   -7.563  1.00 46.43 ? 32  ASN A O   1 
ATOM   220 C  CB  . ASN A 1 32 ? 8.699   4.162   -9.925  1.00 50.00 ? 32  ASN A CB  1 
ATOM   221 C  CG  . ASN A 1 32 ? 9.868   4.815   -9.064  1.00 52.74 ? 32  ASN A CG  1 
ATOM   222 O  OD1 . ASN A 1 32 ? 11.016  4.339   -9.088  1.00 56.71 ? 32  ASN A OD1 1 
ATOM   223 N  ND2 . ASN A 1 32 ? 9.559   5.892   -8.312  1.00 54.85 ? 32  ASN A ND2 1 
ATOM   224 N  N   . TYR A 1 33 ? 9.301   1.781   -7.582  1.00 46.81 ? 33  TYR A N   1 
ATOM   225 C  CA  . TYR A 1 33 ? 9.485   1.694   -6.165  1.00 46.69 ? 33  TYR A CA  1 
ATOM   226 C  C   . TYR A 1 33 ? 9.314   2.998   -5.371  1.00 46.70 ? 33  TYR A C   1 
ATOM   227 O  O   . TYR A 1 33 ? 8.613   3.066   -4.355  1.00 46.61 ? 33  TYR A O   1 
ATOM   228 C  CB  . TYR A 1 33 ? 10.883  1.164   -5.932  1.00 46.06 ? 33  TYR A CB  1 
ATOM   229 C  CG  . TYR A 1 33 ? 11.207  1.015   -4.482  1.00 45.15 ? 33  TYR A CG  1 
ATOM   230 C  CD1 . TYR A 1 33 ? 11.705  2.086   -3.753  1.00 45.90 ? 33  TYR A CD1 1 
ATOM   231 C  CD2 . TYR A 1 33 ? 11.009  -0.195  -3.833  1.00 41.84 ? 33  TYR A CD2 1 
ATOM   232 C  CE1 . TYR A 1 33 ? 12.016  1.937   -2.397  1.00 45.76 ? 33  TYR A CE1 1 
ATOM   233 C  CE2 . TYR A 1 33 ? 11.318  -0.355  -2.504  1.00 42.36 ? 33  TYR A CE2 1 
ATOM   234 C  CZ  . TYR A 1 33 ? 11.818  0.714   -1.787  1.00 42.32 ? 33  TYR A CZ  1 
ATOM   235 O  OH  . TYR A 1 33 ? 12.128  0.560   -0.454  1.00 42.09 ? 33  TYR A OH  1 
ATOM   236 N  N   . ASP A 1 34 ? 9.998   4.028   -5.808  1.00 47.12 ? 34  ASP A N   1 
ATOM   237 C  CA  . ASP A 1 34 ? 10.015  5.274   -5.056  1.00 47.92 ? 34  ASP A CA  1 
ATOM   238 C  C   . ASP A 1 34 ? 8.614   5.970   -5.026  1.00 47.03 ? 34  ASP A C   1 
ATOM   239 O  O   . ASP A 1 34 ? 8.291   6.659   -4.056  1.00 46.92 ? 34  ASP A O   1 
ATOM   240 C  CB  . ASP A 1 34 ? 11.178  6.189   -5.575  1.00 48.85 ? 34  ASP A CB  1 
ATOM   241 C  CG  . ASP A 1 34 ? 12.513  6.036   -4.737  1.00 50.77 ? 34  ASP A CG  1 
ATOM   242 O  OD1 . ASP A 1 34 ? 12.470  5.405   -3.626  1.00 50.13 ? 34  ASP A OD1 1 
ATOM   243 O  OD2 . ASP A 1 34 ? 13.572  6.610   -5.178  1.00 52.40 ? 34  ASP A OD2 1 
ATOM   244 N  N   . GLU A 1 35 ? 7.810   5.735   -6.067  1.00 45.97 ? 35  GLU A N   1 
ATOM   245 C  CA  . GLU A 1 35 ? 6.418   6.202   -6.193  1.00 45.64 ? 35  GLU A CA  1 
ATOM   246 C  C   . GLU A 1 35 ? 5.465   5.343   -5.398  1.00 43.52 ? 35  GLU A C   1 
ATOM   247 O  O   . GLU A 1 35 ? 4.468   5.843   -4.897  1.00 43.30 ? 35  GLU A O   1 
ATOM   248 C  CB  . GLU A 1 35 ? 5.925   6.066   -7.622  1.00 46.76 ? 35  GLU A CB  1 
ATOM   249 C  CG  . GLU A 1 35 ? 6.379   7.090   -8.616  1.00 51.30 ? 35  GLU A CG  1 
ATOM   250 C  CD  . GLU A 1 35 ? 5.777   6.783   -10.013 1.00 59.81 ? 35  GLU A CD  1 
ATOM   251 O  OE1 . GLU A 1 35 ? 6.186   5.747   -10.647 1.00 64.54 ? 35  GLU A OE1 1 
ATOM   252 O  OE2 . GLU A 1 35 ? 4.893   7.575   -10.473 1.00 64.05 ? 35  GLU A OE2 1 
ATOM   253 N  N   . VAL A 1 36 ? 5.738   4.038   -5.358  1.00 41.18 ? 36  VAL A N   1 
ATOM   254 C  CA  . VAL A 1 36 ? 5.055   3.166   -4.418  1.00 39.65 ? 36  VAL A CA  1 
ATOM   255 C  C   . VAL A 1 36 ? 5.312   3.625   -2.995  1.00 38.16 ? 36  VAL A C   1 
ATOM   256 O  O   . VAL A 1 36 ? 4.341   3.764   -2.264  1.00 38.45 ? 36  VAL A O   1 
ATOM   257 C  CB  . VAL A 1 36 ? 5.397   1.667   -4.633  1.00 39.76 ? 36  VAL A CB  1 
ATOM   258 C  CG1 . VAL A 1 36 ? 4.857   0.802   -3.493  1.00 34.48 ? 36  VAL A CG1 1 
ATOM   259 C  CG2 . VAL A 1 36 ? 4.834   1.214   -5.969  1.00 38.91 ? 36  VAL A CG2 1 
ATOM   260 N  N   . LEU A 1 37 ? 6.564   3.931   -2.615  1.00 37.07 ? 37  LEU A N   1 
ATOM   261 C  CA  . LEU A 1 37 ? 6.839   4.417   -1.229  1.00 36.71 ? 37  LEU A CA  1 
ATOM   262 C  C   . LEU A 1 37 ? 6.059   5.651   -0.956  1.00 36.11 ? 37  LEU A C   1 
ATOM   263 O  O   . LEU A 1 37 ? 5.472   5.784   0.119   1.00 37.01 ? 37  LEU A O   1 
ATOM   264 C  CB  . LEU A 1 37 ? 8.296   4.774   -0.906  1.00 36.12 ? 37  LEU A CB  1 
ATOM   265 C  CG  . LEU A 1 37 ? 9.357   3.756   -0.491  1.00 39.24 ? 37  LEU A CG  1 
ATOM   266 C  CD1 . LEU A 1 37 ? 10.675  4.502   -0.077  1.00 36.83 ? 37  LEU A CD1 1 
ATOM   267 C  CD2 . LEU A 1 37 ? 8.875   2.753   0.588   1.00 36.74 ? 37  LEU A CD2 1 
ATOM   268 N  N   . GLU A 1 38 ? 6.105   6.591   -1.895  1.00 35.67 ? 38  GLU A N   1 
ATOM   269 C  CA  . GLU A 1 38 ? 5.482   7.894   -1.662  1.00 35.76 ? 38  GLU A CA  1 
ATOM   270 C  C   . GLU A 1 38 ? 3.972   7.729   -1.532  1.00 34.61 ? 38  GLU A C   1 
ATOM   271 O  O   . GLU A 1 38 ? 3.380   8.269   -0.592  1.00 35.44 ? 38  GLU A O   1 
ATOM   272 C  CB  . GLU A 1 38 ? 5.880   8.950   -2.697  1.00 36.78 ? 38  GLU A CB  1 
ATOM   273 C  CG  . GLU A 1 38 ? 7.267   9.609   -2.409  1.00 41.23 ? 38  GLU A CG  1 
ATOM   274 C  CD  . GLU A 1 38 ? 7.529   9.901   -0.877  1.00 46.78 ? 38  GLU A CD  1 
ATOM   275 O  OE1 . GLU A 1 38 ? 6.746   10.687  -0.277  1.00 46.48 ? 38  GLU A OE1 1 
ATOM   276 O  OE2 . GLU A 1 38 ? 8.489   9.309   -0.270  1.00 51.29 ? 38  GLU A OE2 1 
ATOM   277 N  N   . ALA A 1 39 ? 3.386   6.890   -2.384  1.00 33.38 ? 39  ALA A N   1 
ATOM   278 C  CA  . ALA A 1 39 ? 1.985   6.487   -2.226  1.00 32.61 ? 39  ALA A CA  1 
ATOM   279 C  C   . ALA A 1 39 ? 1.693   5.993   -0.811  1.00 31.48 ? 39  ALA A C   1 
ATOM   280 O  O   . ALA A 1 39 ? 0.885   6.560   -0.133  1.00 32.00 ? 39  ALA A O   1 
ATOM   281 C  CB  . ALA A 1 39 ? 1.607   5.445   -3.239  1.00 31.91 ? 39  ALA A CB  1 
ATOM   282 N  N   . LEU A 1 40 ? 2.362   4.944   -0.369  1.00 30.36 ? 40  LEU A N   1 
ATOM   283 C  CA  . LEU A 1 40 ? 2.010   4.304   0.894   1.00 28.93 ? 40  LEU A CA  1 
ATOM   284 C  C   . LEU A 1 40 ? 2.225   5.211   2.075   1.00 29.45 ? 40  LEU A C   1 
ATOM   285 O  O   . LEU A 1 40 ? 1.528   5.121   3.096   1.00 29.03 ? 40  LEU A O   1 
ATOM   286 C  CB  . LEU A 1 40 ? 2.824   3.004   1.067   1.00 28.66 ? 40  LEU A CB  1 
ATOM   287 C  CG  . LEU A 1 40 ? 2.375   1.879   0.098   1.00 27.83 ? 40  LEU A CG  1 
ATOM   288 C  CD1 . LEU A 1 40 ? 3.208   0.638   0.226   1.00 30.63 ? 40  LEU A CD1 1 
ATOM   289 C  CD2 . LEU A 1 40 ? 0.952   1.514   0.355   1.00 22.39 ? 40  LEU A CD2 1 
ATOM   290 N  N   . LYS A 1 41 ? 3.168   6.108   1.946   1.00 29.33 ? 41  LYS A N   1 
ATOM   291 C  CA  . LYS A 1 41 ? 3.474   6.998   3.050   1.00 30.85 ? 41  LYS A CA  1 
ATOM   292 C  C   . LYS A 1 41 ? 2.324   7.924   3.354   1.00 30.22 ? 41  LYS A C   1 
ATOM   293 O  O   . LYS A 1 41 ? 2.162   8.394   4.504   1.00 27.51 ? 41  LYS A O   1 
ATOM   294 C  CB  . LYS A 1 41 ? 4.710   7.854   2.744   1.00 31.58 ? 41  LYS A CB  1 
ATOM   295 C  CG  . LYS A 1 41 ? 6.002   7.111   2.922   1.00 36.14 ? 41  LYS A CG  1 
ATOM   296 C  CD  . LYS A 1 41 ? 7.170   7.920   2.393   1.00 42.05 ? 41  LYS A CD  1 
ATOM   297 C  CE  . LYS A 1 41 ? 7.527   9.080   3.303   1.00 42.92 ? 41  LYS A CE  1 
ATOM   298 N  NZ  . LYS A 1 41 ? 8.685   9.833   2.681   1.00 46.07 ? 41  LYS A NZ  1 
ATOM   299 N  N   . LEU A 1 42 ? 1.538   8.209   2.322   1.00 29.53 ? 42  LEU A N   1 
ATOM   300 C  CA  . LEU A 1 42 ? 0.361   9.077   2.526   1.00 30.11 ? 42  LEU A CA  1 
ATOM   301 C  C   . LEU A 1 42 ? -0.536  8.558   3.640   1.00 30.27 ? 42  LEU A C   1 
ATOM   302 O  O   . LEU A 1 42 ? -1.297  9.302   4.259   1.00 29.65 ? 42  LEU A O   1 
ATOM   303 C  CB  . LEU A 1 42 ? -0.473  9.168   1.256   1.00 29.22 ? 42  LEU A CB  1 
ATOM   304 C  CG  . LEU A 1 42 ? 0.164   9.913   0.105   1.00 30.80 ? 42  LEU A CG  1 
ATOM   305 C  CD1 . LEU A 1 42 ? -0.854  10.001  -1.054  1.00 29.69 ? 42  LEU A CD1 1 
ATOM   306 C  CD2 . LEU A 1 42 ? 0.689   11.327  0.551   1.00 26.79 ? 42  LEU A CD2 1 
ATOM   307 N  N   . PHE A 1 43 ? -0.486  7.258   3.817   1.00 31.33 ? 43  PHE A N   1 
ATOM   308 C  CA  . PHE A 1 43 ? -1.400  6.583   4.709   1.00 32.73 ? 43  PHE A CA  1 
ATOM   309 C  C   . PHE A 1 43 ? -0.920  6.629   6.127   1.00 33.15 ? 43  PHE A C   1 
ATOM   310 O  O   . PHE A 1 43 ? -1.653  6.239   7.014   1.00 34.86 ? 43  PHE A O   1 
ATOM   311 C  CB  . PHE A 1 43 ? -1.622  5.135   4.260   1.00 31.74 ? 43  PHE A CB  1 
ATOM   312 C  CG  . PHE A 1 43 ? -2.465  5.032   3.055   1.00 31.18 ? 43  PHE A CG  1 
ATOM   313 C  CD1 . PHE A 1 43 ? -3.822  5.123   3.150   1.00 28.58 ? 43  PHE A CD1 1 
ATOM   314 C  CD2 . PHE A 1 43 ? -1.909  4.888   1.821   1.00 31.18 ? 43  PHE A CD2 1 
ATOM   315 C  CE1 . PHE A 1 43 ? -4.597  5.051   2.036   1.00 31.08 ? 43  PHE A CE1 1 
ATOM   316 C  CE2 . PHE A 1 43 ? -2.700  4.856   0.712   1.00 32.47 ? 43  PHE A CE2 1 
ATOM   317 C  CZ  . PHE A 1 43 ? -4.052  4.931   0.836   1.00 28.81 ? 43  PHE A CZ  1 
ATOM   318 N  N   . LYS A 1 44 ? 0.278   7.121   6.369   1.00 34.45 ? 44  LYS A N   1 
ATOM   319 C  CA  . LYS A 1 44 ? 0.737   7.244   7.760   1.00 35.45 ? 44  LYS A CA  1 
ATOM   320 C  C   . LYS A 1 44 ? 0.050   8.417   8.403   1.00 36.69 ? 44  LYS A C   1 
ATOM   321 O  O   . LYS A 1 44 ? -0.049  8.501   9.628   1.00 37.99 ? 44  LYS A O   1 
ATOM   322 C  CB  . LYS A 1 44 ? 2.243   7.486   7.835   1.00 35.88 ? 44  LYS A CB  1 
ATOM   323 C  CG  . LYS A 1 44 ? 3.132   6.391   7.321   1.00 36.98 ? 44  LYS A CG  1 
ATOM   324 C  CD  . LYS A 1 44 ? 4.590   6.854   7.293   1.00 40.23 ? 44  LYS A CD  1 
ATOM   325 C  CE  . LYS A 1 44 ? 5.089   7.317   8.676   1.00 42.97 ? 44  LYS A CE  1 
ATOM   326 N  NZ  . LYS A 1 44 ? 6.575   7.168   8.846   1.00 44.81 ? 44  LYS A NZ  1 
ATOM   327 N  N   . ASP A 1 45 ? -0.368  9.376   7.587   1.00 37.27 ? 45  ASP A N   1 
ATOM   328 C  CA  . ASP A 1 45 ? -0.957  10.567  8.113   1.00 37.70 ? 45  ASP A CA  1 
ATOM   329 C  C   . ASP A 1 45 ? -2.436  10.482  8.044   1.00 35.95 ? 45  ASP A C   1 
ATOM   330 O  O   . ASP A 1 45 ? -3.108  11.114  8.810   1.00 36.29 ? 45  ASP A O   1 
ATOM   331 C  CB  . ASP A 1 45 ? -0.538  11.780  7.298   1.00 38.85 ? 45  ASP A CB  1 
ATOM   332 C  CG  . ASP A 1 45 ? 0.910   12.161  7.502   1.00 42.43 ? 45  ASP A CG  1 
ATOM   333 O  OD1 . ASP A 1 45 ? 1.387   12.184  8.671   1.00 47.09 ? 45  ASP A OD1 1 
ATOM   334 O  OD2 . ASP A 1 45 ? 1.552   12.469  6.472   1.00 47.96 ? 45  ASP A OD2 1 
ATOM   335 N  N   . ASN A 1 46 ? -2.938  9.762   7.072   1.00 34.54 ? 46  ASN A N   1 
ATOM   336 C  CA  . ASN A 1 46 ? -4.369  9.676   6.861   1.00 34.02 ? 46  ASN A CA  1 
ATOM   337 C  C   . ASN A 1 46 ? -4.762  8.299   6.457   1.00 33.03 ? 46  ASN A C   1 
ATOM   338 O  O   . ASN A 1 46 ? -4.424  7.891   5.353   1.00 33.13 ? 46  ASN A O   1 
ATOM   339 C  CB  . ASN A 1 46 ? -4.765  10.579  5.707   1.00 34.13 ? 46  ASN A CB  1 
ATOM   340 C  CG  . ASN A 1 46 ? -4.731  12.014  6.075   1.00 33.95 ? 46  ASN A CG  1 
ATOM   341 O  OD1 . ASN A 1 46 ? -5.587  12.481  6.808   1.00 34.69 ? 46  ASN A OD1 1 
ATOM   342 N  ND2 . ASN A 1 46 ? -3.737  12.731  5.580   1.00 35.03 ? 46  ASN A ND2 1 
ATOM   343 N  N   . TYR A 1 47 ? -5.576  7.651   7.284   1.00 32.08 ? 47  TYR A N   1 
ATOM   344 C  CA  . TYR A 1 47 ? -6.005  6.254   7.080   1.00 30.73 ? 47  TYR A CA  1 
ATOM   345 C  C   . TYR A 1 47 ? -6.792  6.001   5.832   1.00 30.06 ? 47  TYR A C   1 
ATOM   346 O  O   . TYR A 1 47 ? -6.660  4.967   5.217   1.00 29.65 ? 47  TYR A O   1 
ATOM   347 C  CB  . TYR A 1 47 ? -6.866  5.863   8.254   1.00 30.80 ? 47  TYR A CB  1 
ATOM   348 C  CG  . TYR A 1 47 ? -7.472  4.498   8.187   1.00 29.58 ? 47  TYR A CG  1 
ATOM   349 C  CD1 . TYR A 1 47 ? -6.714  3.390   8.372   1.00 27.96 ? 47  TYR A CD1 1 
ATOM   350 C  CD2 . TYR A 1 47 ? -8.822  4.337   8.006   1.00 32.61 ? 47  TYR A CD2 1 
ATOM   351 C  CE1 . TYR A 1 47 ? -7.265  2.133   8.400   1.00 29.03 ? 47  TYR A CE1 1 
ATOM   352 C  CE2 . TYR A 1 47 ? -9.396  3.059   7.998   1.00 33.44 ? 47  TYR A CE2 1 
ATOM   353 C  CZ  . TYR A 1 47 ? -8.586  1.976   8.200   1.00 30.92 ? 47  TYR A CZ  1 
ATOM   354 O  OH  . TYR A 1 47 ? -9.116  0.738   8.197   1.00 35.51 ? 47  TYR A OH  1 
ATOM   355 N  N   . GLU A 1 48 ? -7.688  6.918   5.499   1.00 29.97 ? 48  GLU A N   1 
ATOM   356 C  CA  . GLU A 1 48 ? -8.514  6.796   4.301   1.00 29.41 ? 48  GLU A CA  1 
ATOM   357 C  C   . GLU A 1 48 ? -8.369  8.059   3.504   1.00 28.71 ? 48  GLU A C   1 
ATOM   358 O  O   . GLU A 1 48 ? -8.311  9.149   4.070   1.00 26.73 ? 48  GLU A O   1 
ATOM   359 C  CB  . GLU A 1 48 ? -9.982  6.662   4.692   1.00 30.54 ? 48  GLU A CB  1 
ATOM   360 C  CG  . GLU A 1 48 ? -10.924 6.369   3.525   1.00 33.16 ? 48  GLU A CG  1 
ATOM   361 C  CD  . GLU A 1 48 ? -12.388 6.159   3.971   1.00 38.02 ? 48  GLU A CD  1 
ATOM   362 O  OE1 . GLU A 1 48 ? -12.634 6.007   5.218   1.00 41.50 ? 48  GLU A OE1 1 
ATOM   363 O  OE2 . GLU A 1 48 ? -13.276 6.151   3.068   1.00 37.45 ? 48  GLU A OE2 1 
ATOM   364 N  N   . LEU A 1 49 ? -8.328  7.930   2.186   1.00 28.38 ? 49  LEU A N   1 
ATOM   365 C  CA  . LEU A 1 49 ? -8.118  9.111   1.403   1.00 28.01 ? 49  LEU A CA  1 
ATOM   366 C  C   . LEU A 1 49 ? -8.715  9.031   0.032   1.00 27.24 ? 49  LEU A C   1 
ATOM   367 O  O   . LEU A 1 49 ? -9.063  7.965   -0.426  1.00 27.66 ? 49  LEU A O   1 
ATOM   368 C  CB  . LEU A 1 49 ? -6.617  9.481   1.378   1.00 29.22 ? 49  LEU A CB  1 
ATOM   369 C  CG  . LEU A 1 49 ? -5.537  8.471   1.169   1.00 29.78 ? 49  LEU A CG  1 
ATOM   370 C  CD1 . LEU A 1 49 ? -5.552  8.138   -0.316  1.00 35.27 ? 49  LEU A CD1 1 
ATOM   371 C  CD2 . LEU A 1 49 ? -4.165  9.026   1.654   1.00 28.99 ? 49  LEU A CD2 1 
ATOM   372 N  N   . PRO A 1 50 ? -8.905  10.200  -0.609  1.00 26.98 ? 50  PRO A N   1 
ATOM   373 C  CA  . PRO A 1 50 ? -9.460  10.156  -1.954  1.00 26.50 ? 50  PRO A CA  1 
ATOM   374 C  C   . PRO A 1 50 ? -8.600  9.296   -2.857  1.00 26.98 ? 50  PRO A C   1 
ATOM   375 O  O   . PRO A 1 50 ? -7.374  9.316   -2.734  1.00 28.91 ? 50  PRO A O   1 
ATOM   376 C  CB  . PRO A 1 50 ? -9.464  11.616  -2.384  1.00 26.65 ? 50  PRO A CB  1 
ATOM   377 C  CG  . PRO A 1 50 ? -9.528  12.404  -1.062  1.00 26.79 ? 50  PRO A CG  1 
ATOM   378 C  CD  . PRO A 1 50 ? -8.694  11.576  -0.117  1.00 26.32 ? 50  PRO A CD  1 
ATOM   379 N  N   . LYS A 1 51 ? -9.193  8.567   -3.788  1.00 26.57 ? 51  LYS A N   1 
ATOM   380 C  CA  . LYS A 1 51 ? -8.346  7.735   -4.672  1.00 26.54 ? 51  LYS A CA  1 
ATOM   381 C  C   . LYS A 1 51 ? -7.490  8.493   -5.687  1.00 26.16 ? 51  LYS A C   1 
ATOM   382 O  O   . LYS A 1 51 ? -6.476  7.966   -6.179  1.00 25.50 ? 51  LYS A O   1 
ATOM   383 C  CB  . LYS A 1 51 ? -9.203  6.689   -5.380  1.00 27.26 ? 51  LYS A CB  1 
ATOM   384 C  CG  . LYS A 1 51 ? -10.306 7.190   -6.289  1.00 29.67 ? 51  LYS A CG  1 
ATOM   385 C  CD  . LYS A 1 51 ? -10.823 6.006   -7.150  1.00 32.28 ? 51  LYS A CD  1 
ATOM   386 C  CE  . LYS A 1 51 ? -11.563 6.450   -8.412  1.00 35.33 ? 51  LYS A CE  1 
ATOM   387 N  NZ  . LYS A 1 51 ? -11.831 5.259   -9.344  1.00 36.22 ? 51  LYS A NZ  1 
ATOM   388 N  N   . SER A 1 52 ? -7.874  9.746   -5.990  1.00 26.19 ? 52  SER A N   1 
ATOM   389 C  CA  . SER A 1 52 ? -7.086  10.608  -6.860  1.00 25.59 ? 52  SER A CA  1 
ATOM   390 C  C   . SER A 1 52 ? -5.828  11.119  -6.160  1.00 25.75 ? 52  SER A C   1 
ATOM   391 O  O   . SER A 1 52 ? -5.021  11.782  -6.758  1.00 25.41 ? 52  SER A O   1 
ATOM   392 C  CB  . SER A 1 52 ? -7.949  11.776  -7.343  1.00 26.33 ? 52  SER A CB  1 
ATOM   393 O  OG  . SER A 1 52 ? -8.544  12.441  -6.239  1.00 26.56 ? 52  SER A OG  1 
ATOM   394 N  N   . LYS A 1 53 ? -5.640  10.808  -4.888  1.00 26.62 ? 53  LYS A N   1 
ATOM   395 C  CA  . LYS A 1 53 ? -4.387  11.145  -4.246  1.00 27.48 ? 53  LYS A CA  1 
ATOM   396 C  C   . LYS A 1 53 ? -3.227  10.316  -4.765  1.00 28.91 ? 53  LYS A C   1 
ATOM   397 O  O   . LYS A 1 53 ? -2.075  10.687  -4.543  1.00 28.95 ? 53  LYS A O   1 
ATOM   398 C  CB  . LYS A 1 53 ? -4.451  11.002  -2.720  1.00 27.65 ? 53  LYS A CB  1 
ATOM   399 C  CG  . LYS A 1 53 ? -5.246  12.115  -1.977  1.00 27.38 ? 53  LYS A CG  1 
ATOM   400 C  CD  . LYS A 1 53 ? -4.494  13.414  -1.849  1.00 28.28 ? 53  LYS A CD  1 
ATOM   401 C  CE  . LYS A 1 53 ? -5.329  14.476  -1.139  1.00 26.75 ? 53  LYS A CE  1 
ATOM   402 N  NZ  . LYS A 1 53 ? -4.722  15.774  -1.349  1.00 28.24 ? 53  LYS A NZ  1 
ATOM   403 N  N   . ILE A 1 54 ? -3.511  9.212   -5.471  1.00 29.96 ? 54  ILE A N   1 
ATOM   404 C  CA  . ILE A 1 54 ? -2.485  8.283   -5.925  1.00 30.21 ? 54  ILE A CA  1 
ATOM   405 C  C   . ILE A 1 54 ? -2.653  7.968   -7.387  1.00 30.85 ? 54  ILE A C   1 
ATOM   406 O  O   . ILE A 1 54 ? -3.778  7.809   -7.880  1.00 30.64 ? 54  ILE A O   1 
ATOM   407 C  CB  . ILE A 1 54 ? -2.538  6.966   -5.092  1.00 31.02 ? 54  ILE A CB  1 
ATOM   408 C  CG1 . ILE A 1 54 ? -1.947  7.221   -3.699  1.00 32.65 ? 54  ILE A CG1 1 
ATOM   409 C  CG2 . ILE A 1 54 ? -1.784  5.818   -5.761  1.00 32.29 ? 54  ILE A CG2 1 
ATOM   410 C  CD1 . ILE A 1 54 ? -2.606  6.384   -2.620  1.00 36.04 ? 54  ILE A CD1 1 
ATOM   411 N  N   . LYS A 1 55 ? -1.525  7.850   -8.073  1.00 30.91 ? 55  LYS A N   1 
ATOM   412 C  CA  . LYS A 1 55 ? -1.533  7.484   -9.454  1.00 32.09 ? 55  LYS A CA  1 
ATOM   413 C  C   . LYS A 1 55 ? -2.247  6.151   -9.700  1.00 32.65 ? 55  LYS A C   1 
ATOM   414 O  O   . LYS A 1 55 ? -2.155  5.181   -8.910  1.00 31.94 ? 55  LYS A O   1 
ATOM   415 C  CB  . LYS A 1 55 ? -0.105  7.484   -10.007 1.00 33.50 ? 55  LYS A CB  1 
ATOM   416 C  CG  . LYS A 1 55 ? 0.433   8.910   -10.375 1.00 36.63 ? 55  LYS A CG  1 
ATOM   417 C  CD  . LYS A 1 55 ? 1.334   8.943   -11.668 1.00 42.36 ? 55  LYS A CD  1 
ATOM   418 C  CE  . LYS A 1 55 ? 0.984   10.170  -12.651 1.00 44.99 ? 55  LYS A CE  1 
ATOM   419 N  NZ  . LYS A 1 55 ? 1.703   10.178  -14.011 1.00 43.27 ? 55  LYS A NZ  1 
ATOM   420 N  N   . ARG A 1 56 ? -3.021  6.138   -10.774 1.00 32.58 ? 56  ARG A N   1 
ATOM   421 C  CA  . ARG A 1 56 ? -3.861  4.998   -11.123 1.00 34.22 ? 56  ARG A CA  1 
ATOM   422 C  C   . ARG A 1 56 ? -3.074  3.705   -11.187 1.00 33.87 ? 56  ARG A C   1 
ATOM   423 O  O   . ARG A 1 56 ? -3.434  2.724   -10.560 1.00 33.57 ? 56  ARG A O   1 
ATOM   424 C  CB  . ARG A 1 56 ? -4.527  5.273   -12.470 1.00 34.91 ? 56  ARG A CB  1 
ATOM   425 C  CG  . ARG A 1 56 ? -5.208  4.103   -13.141 1.00 39.02 ? 56  ARG A CG  1 
ATOM   426 C  CD  . ARG A 1 56 ? -5.063  4.198   -14.717 1.00 44.26 ? 56  ARG A CD  1 
ATOM   427 N  NE  . ARG A 1 56 ? -3.681  4.481   -15.158 1.00 49.19 ? 56  ARG A NE  1 
ATOM   428 C  CZ  . ARG A 1 56 ? -3.278  4.595   -16.429 1.00 53.71 ? 56  ARG A CZ  1 
ATOM   429 N  NH1 . ARG A 1 56 ? -4.134  4.442   -17.438 1.00 56.10 ? 56  ARG A NH1 1 
ATOM   430 N  NH2 . ARG A 1 56 ? -1.996  4.869   -16.699 1.00 55.53 ? 56  ARG A NH2 1 
ATOM   431 N  N   . LYS A 1 57 ? -1.992  3.697   -11.948 1.00 34.25 ? 57  LYS A N   1 
ATOM   432 C  CA  . LYS A 1 57 ? -1.249  2.481   -12.124 1.00 34.81 ? 57  LYS A CA  1 
ATOM   433 C  C   . LYS A 1 57 ? -0.893  1.925   -10.739 1.00 34.26 ? 57  LYS A C   1 
ATOM   434 O  O   . LYS A 1 57 ? -0.946  0.720   -10.503 1.00 35.21 ? 57  LYS A O   1 
ATOM   435 C  CB  . LYS A 1 57 ? 0.020   2.756   -12.919 1.00 35.79 ? 57  LYS A CB  1 
ATOM   436 C  CG  . LYS A 1 57 ? -0.046  2.489   -14.424 1.00 39.39 ? 57  LYS A CG  1 
ATOM   437 C  CD  . LYS A 1 57 ? 1.406   2.482   -15.099 1.00 44.19 ? 57  LYS A CD  1 
ATOM   438 C  CE  . LYS A 1 57 ? 1.382   3.017   -16.597 1.00 45.53 ? 57  LYS A CE  1 
ATOM   439 N  NZ  . LYS A 1 57 ? 2.730   3.270   -17.256 1.00 47.35 ? 57  LYS A NZ  1 
ATOM   440 N  N   . ILE A 1 58 ? -0.536  2.814   -9.819  1.00 33.02 ? 58  ILE A N   1 
ATOM   441 C  CA  . ILE A 1 58 ? -0.043  2.411   -8.516  1.00 31.96 ? 58  ILE A CA  1 
ATOM   442 C  C   . ILE A 1 58 ? -1.196  1.929   -7.700  1.00 31.55 ? 58  ILE A C   1 
ATOM   443 O  O   . ILE A 1 58 ? -1.092  0.878   -7.076  1.00 30.62 ? 58  ILE A O   1 
ATOM   444 C  CB  . ILE A 1 58 ? 0.704   3.547   -7.826  1.00 31.87 ? 58  ILE A CB  1 
ATOM   445 C  CG1 . ILE A 1 58 ? 1.947   3.867   -8.653  1.00 34.25 ? 58  ILE A CG1 1 
ATOM   446 C  CG2 . ILE A 1 58 ? 1.150   3.181   -6.451  1.00 31.54 ? 58  ILE A CG2 1 
ATOM   447 C  CD1 . ILE A 1 58 ? 3.002   4.591   -7.845  1.00 37.75 ? 58  ILE A CD1 1 
ATOM   448 N  N   . ARG A 1 59 ? -2.304  2.655   -7.714  1.00 31.10 ? 59  ARG A N   1 
ATOM   449 C  CA  . ARG A 1 59 ? -3.469  2.189   -6.959  1.00 32.28 ? 59  ARG A CA  1 
ATOM   450 C  C   . ARG A 1 59 ? -3.915  0.832   -7.432  1.00 30.86 ? 59  ARG A C   1 
ATOM   451 O  O   . ARG A 1 59 ? -4.204  -0.031  -6.632  1.00 30.95 ? 59  ARG A O   1 
ATOM   452 C  CB  . ARG A 1 59 ? -4.670  3.167   -6.977  1.00 32.97 ? 59  ARG A CB  1 
ATOM   453 C  CG  . ARG A 1 59 ? -5.641  2.963   -8.124  1.00 37.39 ? 59  ARG A CG  1 
ATOM   454 C  CD  . ARG A 1 59 ? -6.938  3.615   -7.905  1.00 40.27 ? 59  ARG A CD  1 
ATOM   455 N  NE  . ARG A 1 59 ? -7.356  4.383   -9.071  1.00 42.79 ? 59  ARG A NE  1 
ATOM   456 C  CZ  . ARG A 1 59 ? -7.147  5.701   -9.249  1.00 45.40 ? 59  ARG A CZ  1 
ATOM   457 N  NH1 . ARG A 1 59 ? -7.637  6.260   -10.344 1.00 43.55 ? 59  ARG A NH1 1 
ATOM   458 N  NH2 . ARG A 1 59 ? -6.458  6.485   -8.377  1.00 45.33 ? 59  ARG A NH2 1 
ATOM   459 N  N   . ILE A 1 60 ? -3.987  0.659   -8.734  1.00 30.00 ? 60  ILE A N   1 
ATOM   460 C  CA  . ILE A 1 60 ? -4.413  -0.576  -9.283  1.00 29.45 ? 60  ILE A CA  1 
ATOM   461 C  C   . ILE A 1 60 ? -3.548  -1.721  -8.768  1.00 29.96 ? 60  ILE A C   1 
ATOM   462 O  O   . ILE A 1 60 ? -4.038  -2.765  -8.351  1.00 29.31 ? 60  ILE A O   1 
ATOM   463 C  CB  . ILE A 1 60 ? -4.328  -0.495  -10.796 1.00 29.97 ? 60  ILE A CB  1 
ATOM   464 C  CG1 . ILE A 1 60 ? -5.517  0.265   -11.344 1.00 29.80 ? 60  ILE A CG1 1 
ATOM   465 C  CG2 . ILE A 1 60 ? -4.349  -1.864  -11.411 1.00 30.67 ? 60  ILE A CG2 1 
ATOM   466 C  CD1 . ILE A 1 60 ? -5.529  0.305   -12.868 1.00 34.27 ? 60  ILE A CD1 1 
ATOM   467 N  N   . PHE A 1 61 ? -2.246  -1.492  -8.751  1.00 30.30 ? 61  PHE A N   1 
ATOM   468 C  CA  . PHE A 1 61 ? -1.286  -2.480  -8.299  1.00 29.94 ? 61  PHE A CA  1 
ATOM   469 C  C   . PHE A 1 61 ? -1.421  -2.834  -6.826  1.00 29.85 ? 61  PHE A C   1 
ATOM   470 O  O   . PHE A 1 61 ? -1.450  -3.985  -6.414  1.00 28.53 ? 61  PHE A O   1 
ATOM   471 C  CB  . PHE A 1 61 ? 0.117   -1.936  -8.594  1.00 30.46 ? 61  PHE A CB  1 
ATOM   472 C  CG  . PHE A 1 61 ? 1.211   -2.798  -8.079  1.00 32.47 ? 61  PHE A CG  1 
ATOM   473 C  CD1 . PHE A 1 61 ? 1.562   -3.952  -8.752  1.00 34.24 ? 61  PHE A CD1 1 
ATOM   474 C  CD2 . PHE A 1 61 ? 1.853   -2.489  -6.873  1.00 34.19 ? 61  PHE A CD2 1 
ATOM   475 C  CE1 . PHE A 1 61 ? 2.567   -4.793  -8.262  1.00 33.48 ? 61  PHE A CE1 1 
ATOM   476 C  CE2 . PHE A 1 61 ? 2.824   -3.320  -6.366  1.00 30.77 ? 61  PHE A CE2 1 
ATOM   477 C  CZ  . PHE A 1 61 ? 3.185   -4.475  -7.057  1.00 33.81 ? 61  PHE A CZ  1 
ATOM   478 N  N   . LEU A 1 62 ? -1.500  -1.810  -6.007  1.00 30.59 ? 62  LEU A N   1 
ATOM   479 C  CA  . LEU A 1 62 ? -1.633  -1.987  -4.568  1.00 30.22 ? 62  LEU A CA  1 
ATOM   480 C  C   . LEU A 1 62 ? -2.929  -2.600  -4.142  1.00 30.25 ? 62  LEU A C   1 
ATOM   481 O  O   . LEU A 1 62 ? -3.010  -3.212  -3.105  1.00 31.47 ? 62  LEU A O   1 
ATOM   482 C  CB  . LEU A 1 62 ? -1.470  -0.626  -3.904  1.00 30.19 ? 62  LEU A CB  1 
ATOM   483 C  CG  . LEU A 1 62 ? -0.066  -0.040  -4.041  1.00 29.29 ? 62  LEU A CG  1 
ATOM   484 C  CD1 . LEU A 1 62 ? -0.036  1.321   -3.337  1.00 31.89 ? 62  LEU A CD1 1 
ATOM   485 C  CD2 . LEU A 1 62 ? 0.974   -1.004  -3.439  1.00 31.22 ? 62  LEU A CD2 1 
ATOM   486 N  N   . ILE A 1 63 ? -3.960  -2.399  -4.939  1.00 30.99 ? 63  ILE A N   1 
ATOM   487 C  CA  . ILE A 1 63 ? -5.241  -3.049  -4.716  1.00 31.46 ? 63  ILE A CA  1 
ATOM   488 C  C   . ILE A 1 63 ? -5.093  -4.519  -5.085  1.00 32.50 ? 63  ILE A C   1 
ATOM   489 O  O   . ILE A 1 63 ? -5.469  -5.408  -4.305  1.00 32.39 ? 63  ILE A O   1 
ATOM   490 C  CB  . ILE A 1 63 ? -6.364  -2.383  -5.610  1.00 31.77 ? 63  ILE A CB  1 
ATOM   491 C  CG1 . ILE A 1 63 ? -6.836  -1.055  -5.019  1.00 31.32 ? 63  ILE A CG1 1 
ATOM   492 C  CG2 . ILE A 1 63 ? -7.594  -3.324  -5.843  1.00 31.03 ? 63  ILE A CG2 1 
ATOM   493 C  CD1 . ILE A 1 63 ? -7.638  -0.227  -5.947  1.00 26.98 ? 63  ILE A CD1 1 
ATOM   494 N  N   . LYS A 1 64 ? -4.598  -4.772  -6.304  1.00 33.46 ? 64  LYS A N   1 
ATOM   495 C  CA  . LYS A 1 64 ? -4.344  -6.127  -6.788  1.00 34.83 ? 64  LYS A CA  1 
ATOM   496 C  C   . LYS A 1 64 ? -3.510  -6.926  -5.771  1.00 34.63 ? 64  LYS A C   1 
ATOM   497 O  O   . LYS A 1 64 ? -3.744  -8.094  -5.549  1.00 35.51 ? 64  LYS A O   1 
ATOM   498 C  CB  . LYS A 1 64 ? -3.675  -6.077  -8.175  1.00 35.61 ? 64  LYS A CB  1 
ATOM   499 C  CG  . LYS A 1 64 ? -2.825  -7.309  -8.606  1.00 40.04 ? 64  LYS A CG  1 
ATOM   500 C  CD  . LYS A 1 64 ? -1.846  -7.049  -9.885  1.00 45.51 ? 64  LYS A CD  1 
ATOM   501 C  CE  . LYS A 1 64 ? -0.297  -7.391  -9.652  1.00 46.29 ? 64  LYS A CE  1 
ATOM   502 N  NZ  . LYS A 1 64 ? 0.601   -7.591  -10.869 1.00 49.37 ? 64  LYS A NZ  1 
ATOM   503 N  N   . GLU A 1 65 ? -2.574  -6.276  -5.125  1.00 34.03 ? 65  GLU A N   1 
ATOM   504 C  CA  . GLU A 1 65 ? -1.665  -6.932  -4.224  1.00 34.18 ? 65  GLU A CA  1 
ATOM   505 C  C   . GLU A 1 65 ? -2.124  -6.905  -2.787  1.00 33.55 ? 65  GLU A C   1 
ATOM   506 O  O   . GLU A 1 65 ? -1.367  -7.167  -1.874  1.00 33.32 ? 65  GLU A O   1 
ATOM   507 C  CB  . GLU A 1 65 ? -0.324  -6.245  -4.360  1.00 34.35 ? 65  GLU A CB  1 
ATOM   508 C  CG  . GLU A 1 65 ? 0.209   -6.375  -5.756  1.00 36.67 ? 65  GLU A CG  1 
ATOM   509 C  CD  . GLU A 1 65 ? 0.682   -7.801  -6.074  1.00 42.35 ? 65  GLU A CD  1 
ATOM   510 O  OE1 . GLU A 1 65 ? 0.753   -8.691  -5.160  1.00 45.58 ? 65  GLU A OE1 1 
ATOM   511 O  OE2 . GLU A 1 65 ? 0.984   -8.038  -7.272  1.00 46.35 ? 65  GLU A OE2 1 
ATOM   512 N  N   . ASN A 1 66 ? -3.392  -6.606  -2.603  1.00 33.74 ? 66  ASN A N   1 
ATOM   513 C  CA  . ASN A 1 66 ? -4.070  -6.609  -1.284  1.00 33.39 ? 66  ASN A CA  1 
ATOM   514 C  C   . ASN A 1 66 ? -3.464  -5.773  -0.183  1.00 31.67 ? 66  ASN A C   1 
ATOM   515 O  O   . ASN A 1 66 ? -3.529  -6.130  0.995   1.00 32.28 ? 66  ASN A O   1 
ATOM   516 C  CB  . ASN A 1 66 ? -4.305  -8.040  -0.784  1.00 34.40 ? 66  ASN A CB  1 
ATOM   517 C  CG  . ASN A 1 66 ? -5.199  -8.841  -1.715  1.00 35.77 ? 66  ASN A CG  1 
ATOM   518 O  OD1 . ASN A 1 66 ? -4.800  -9.915  -2.190  1.00 41.21 ? 66  ASN A OD1 1 
ATOM   519 N  ND2 . ASN A 1 66 ? -6.383  -8.315  -2.017  1.00 36.79 ? 66  ASN A ND2 1 
ATOM   520 N  N   . ILE A 1 67 ? -2.952  -4.615  -0.564  1.00 30.71 ? 67  ILE A N   1 
ATOM   521 C  CA  . ILE A 1 67 ? -2.392  -3.664  0.400   1.00 29.25 ? 67  ILE A CA  1 
ATOM   522 C  C   . ILE A 1 67 ? -3.467  -2.599  0.654   1.00 29.26 ? 67  ILE A C   1 
ATOM   523 O  O   . ILE A 1 67 ? -3.662  -2.158  1.797   1.00 27.04 ? 67  ILE A O   1 
ATOM   524 C  CB  . ILE A 1 67 ? -1.116  -3.061  -0.142  1.00 28.18 ? 67  ILE A CB  1 
ATOM   525 C  CG1 . ILE A 1 67 ? -0.043  -4.135  -0.337  1.00 28.11 ? 67  ILE A CG1 1 
ATOM   526 C  CG2 . ILE A 1 67 ? -0.574  -1.925  0.752   1.00 26.44 ? 67  ILE A CG2 1 
ATOM   527 C  CD1 . ILE A 1 67 ? 0.423   -4.876  0.980   1.00 22.39 ? 67  ILE A CD1 1 
ATOM   528 N  N   . LEU A 1 68 ? -4.156  -2.196  -0.420  1.00 29.67 ? 68  LEU A N   1 
ATOM   529 C  CA  . LEU A 1 68 ? -5.156  -1.134  -0.297  1.00 30.10 ? 68  LEU A CA  1 
ATOM   530 C  C   . LEU A 1 68 ? -6.514  -1.660  -0.689  1.00 30.65 ? 68  LEU A C   1 
ATOM   531 O  O   . LEU A 1 68 ? -6.611  -2.531  -1.542  1.00 30.07 ? 68  LEU A O   1 
ATOM   532 C  CB  . LEU A 1 68 ? -4.828  0.032   -1.172  1.00 29.45 ? 68  LEU A CB  1 
ATOM   533 C  CG  . LEU A 1 68 ? -3.558  0.840   -0.858  1.00 30.75 ? 68  LEU A CG  1 
ATOM   534 C  CD1 . LEU A 1 68 ? -3.458  2.004   -1.815  1.00 26.21 ? 68  LEU A CD1 1 
ATOM   535 C  CD2 . LEU A 1 68 ? -3.510  1.376   0.586   1.00 30.55 ? 68  LEU A CD2 1 
ATOM   536 N  N   . PHE A 1 69 ? -7.563  -1.079  -0.086  1.00 31.61 ? 69  PHE A N   1 
ATOM   537 C  CA  . PHE A 1 69 ? -8.980  -1.330  -0.434  1.00 30.94 ? 69  PHE A CA  1 
ATOM   538 C  C   . PHE A 1 69 ? -9.598  -0.045  -1.028  1.00 30.65 ? 69  PHE A C   1 
ATOM   539 O  O   . PHE A 1 69 ? -9.482  1.019   -0.449  1.00 30.31 ? 69  PHE A O   1 
ATOM   540 C  CB  . PHE A 1 69 ? -9.759  -1.700  0.824   1.00 31.63 ? 69  PHE A CB  1 
ATOM   541 C  CG  . PHE A 1 69 ? -11.259 -1.857  0.599   1.00 34.09 ? 69  PHE A CG  1 
ATOM   542 C  CD1 . PHE A 1 69 ? -11.760 -2.977  -0.064  1.00 38.50 ? 69  PHE A CD1 1 
ATOM   543 C  CD2 . PHE A 1 69 ? -12.146 -0.894  1.036   1.00 35.70 ? 69  PHE A CD2 1 
ATOM   544 C  CE1 . PHE A 1 69 ? -13.154 -3.141  -0.308  1.00 38.11 ? 69  PHE A CE1 1 
ATOM   545 C  CE2 . PHE A 1 69 ? -13.534 -1.031  0.809   1.00 37.34 ? 69  PHE A CE2 1 
ATOM   546 C  CZ  . PHE A 1 69 ? -14.034 -2.161  0.126   1.00 38.35 ? 69  PHE A CZ  1 
ATOM   547 N  N   . LEU A 1 70 ? -10.263 -0.177  -2.170  1.00 30.25 ? 70  LEU A N   1 
ATOM   548 C  CA  . LEU A 1 70 ? -11.054 0.886   -2.775  1.00 29.89 ? 70  LEU A CA  1 
ATOM   549 C  C   . LEU A 1 70 ? -12.548 0.811   -2.356  1.00 30.19 ? 70  LEU A C   1 
ATOM   550 O  O   . LEU A 1 70 ? -13.209 -0.237  -2.502  1.00 30.46 ? 70  LEU A O   1 
ATOM   551 C  CB  . LEU A 1 70 ? -10.951 0.815   -4.315  1.00 29.64 ? 70  LEU A CB  1 
ATOM   552 C  CG  . LEU A 1 70 ? -11.832 1.824   -5.074  1.00 29.83 ? 70  LEU A CG  1 
ATOM   553 C  CD1 . LEU A 1 70 ? -11.410 3.309   -4.797  1.00 29.30 ? 70  LEU A CD1 1 
ATOM   554 C  CD2 . LEU A 1 70 ? -11.840 1.504   -6.605  1.00 33.67 ? 70  LEU A CD2 1 
ATOM   555 N  N   . ASN A 1 71 ? -13.078 1.919   -1.854  1.00 29.72 ? 71  ASN A N   1 
ATOM   556 C  CA  . ASN A 1 71 ? -14.510 2.014   -1.602  1.00 30.43 ? 71  ASN A CA  1 
ATOM   557 C  C   . ASN A 1 71 ? -15.033 2.781   -2.781  1.00 30.42 ? 71  ASN A C   1 
ATOM   558 O  O   . ASN A 1 71 ? -14.789 3.937   -2.872  1.00 28.33 ? 71  ASN A O   1 
ATOM   559 C  CB  . ASN A 1 71 ? -14.814 2.738   -0.297  1.00 29.62 ? 71  ASN A CB  1 
ATOM   560 C  CG  . ASN A 1 71 ? -16.278 2.843   -0.024  1.00 32.00 ? 71  ASN A CG  1 
ATOM   561 O  OD1 . ASN A 1 71 ? -17.072 3.160   -0.915  1.00 34.19 ? 71  ASN A OD1 1 
ATOM   562 N  ND2 . ASN A 1 71 ? -16.668 2.590   1.223   1.00 32.39 ? 71  ASN A ND2 1 
ATOM   563 N  N   . PRO A 1 72 ? -15.715 2.115   -3.715  1.00 32.80 ? 72  PRO A N   1 
ATOM   564 C  CA  . PRO A 1 72 ? -16.160 2.748   -4.971  1.00 33.87 ? 72  PRO A CA  1 
ATOM   565 C  C   . PRO A 1 72 ? -17.275 3.759   -4.791  1.00 35.60 ? 72  PRO A C   1 
ATOM   566 O  O   . PRO A 1 72 ? -17.414 4.709   -5.615  1.00 35.82 ? 72  PRO A O   1 
ATOM   567 C  CB  . PRO A 1 72 ? -16.700 1.579   -5.794  1.00 34.71 ? 72  PRO A CB  1 
ATOM   568 C  CG  . PRO A 1 72 ? -16.250 0.319   -5.065  1.00 34.11 ? 72  PRO A CG  1 
ATOM   569 C  CD  . PRO A 1 72 ? -16.069 0.685   -3.652  1.00 33.10 ? 72  PRO A CD  1 
ATOM   570 N  N   . GLN A 1 73 ? -18.071 3.548   -3.736  1.00 36.62 ? 73  GLN A N   1 
ATOM   571 C  CA  . GLN A 1 73 ? -19.139 4.462   -3.401  1.00 37.69 ? 73  GLN A CA  1 
ATOM   572 C  C   . GLN A 1 73 ? -18.510 5.765   -2.951  1.00 37.78 ? 73  GLN A C   1 
ATOM   573 O  O   . GLN A 1 73 ? -18.778 6.801   -3.565  1.00 39.29 ? 73  GLN A O   1 
ATOM   574 C  CB  . GLN A 1 73 ? -20.068 3.895   -2.321  1.00 38.33 ? 73  GLN A CB  1 
ATOM   575 C  CG  . GLN A 1 73 ? -20.922 2.697   -2.799  1.00 40.41 ? 73  GLN A CG  1 
ATOM   576 C  CD  . GLN A 1 73 ? -20.172 1.334   -2.856  1.00 43.86 ? 73  GLN A CD  1 
ATOM   577 O  OE1 . GLN A 1 73 ? -19.336 1.008   -1.987  1.00 44.32 ? 73  GLN A OE1 1 
ATOM   578 N  NE2 . GLN A 1 73 ? -20.515 0.516   -3.878  1.00 46.65 ? 73  GLN A NE2 1 
ATOM   579 N  N   . LYS A 1 74 ? -17.650 5.722   -1.941  1.00 36.76 ? 74  LYS A N   1 
ATOM   580 C  CA  . LYS A 1 74 ? -17.029 6.935   -1.416  1.00 37.18 ? 74  LYS A CA  1 
ATOM   581 C  C   . LYS A 1 74 ? -15.839 7.435   -2.238  1.00 36.25 ? 74  LYS A C   1 
ATOM   582 O  O   . LYS A 1 74 ? -15.347 8.521   -1.993  1.00 37.53 ? 74  LYS A O   1 
ATOM   583 C  CB  . LYS A 1 74 ? -16.522 6.740   0.022   1.00 38.00 ? 74  LYS A CB  1 
ATOM   584 C  CG  . LYS A 1 74 ? -17.499 6.060   1.010   1.00 41.85 ? 74  LYS A CG  1 
ATOM   585 C  CD  . LYS A 1 74 ? -16.747 5.482   2.247   1.00 47.12 ? 74  LYS A CD  1 
ATOM   586 C  CE  . LYS A 1 74 ? -16.274 6.592   3.203   1.00 50.09 ? 74  LYS A CE  1 
ATOM   587 N  NZ  . LYS A 1 74 ? -15.631 6.044   4.462   1.00 54.25 ? 74  LYS A NZ  1 
ATOM   588 N  N   . GLY A 1 75 ? -15.353 6.652   -3.185  1.00 34.79 ? 75  GLY A N   1 
ATOM   589 C  CA  . GLY A 1 75 ? -14.185 7.017   -3.970  1.00 33.44 ? 75  GLY A CA  1 
ATOM   590 C  C   . GLY A 1 75 ? -12.909 7.142   -3.167  1.00 32.27 ? 75  GLY A C   1 
ATOM   591 O  O   . GLY A 1 75 ? -12.062 7.979   -3.501  1.00 34.08 ? 75  GLY A O   1 
ATOM   592 N  N   . THR A 1 76 ? -12.752 6.335   -2.115  1.00 30.41 ? 76  THR A N   1 
ATOM   593 C  CA  . THR A 1 76 ? -11.576 6.430   -1.235  1.00 28.81 ? 76  THR A CA  1 
ATOM   594 C  C   . THR A 1 76 ? -10.759 5.146   -1.217  1.00 28.27 ? 76  THR A C   1 
ATOM   595 O  O   . THR A 1 76 ? -11.245 4.063   -1.579  1.00 29.29 ? 76  THR A O   1 
ATOM   596 C  CB  . THR A 1 76 ? -11.974 6.770   0.229   1.00 28.81 ? 76  THR A CB  1 
ATOM   597 O  OG1 . THR A 1 76 ? -12.890 5.782   0.734   1.00 26.01 ? 76  THR A OG1 1 
ATOM   598 C  CG2 . THR A 1 76 ? -12.643 8.133   0.301   1.00 27.83 ? 76  THR A CG2 1 
ATOM   599 N  N   . LEU A 1 77 ? -9.508  5.299   -0.799  1.00 26.81 ? 77  LEU A N   1 
ATOM   600 C  CA  . LEU A 1 77 ? -8.604  4.191   -0.585  1.00 26.97 ? 77  LEU A CA  1 
ATOM   601 C  C   . LEU A 1 77 ? -8.243  4.166   0.886   1.00 26.61 ? 77  LEU A C   1 
ATOM   602 O  O   . LEU A 1 77 ? -8.196  5.214   1.536   1.00 27.67 ? 77  LEU A O   1 
ATOM   603 C  CB  . LEU A 1 77 ? -7.306  4.375   -1.366  1.00 25.29 ? 77  LEU A CB  1 
ATOM   604 C  CG  . LEU A 1 77 ? -7.453  4.442   -2.904  1.00 26.28 ? 77  LEU A CG  1 
ATOM   605 C  CD1 . LEU A 1 77 ? -6.150  4.967   -3.534  1.00 21.54 ? 77  LEU A CD1 1 
ATOM   606 C  CD2 . LEU A 1 77 ? -7.776  3.072   -3.464  1.00 22.37 ? 77  LEU A CD2 1 
ATOM   607 N  N   . LYS A 1 78 ? -7.954  2.973   1.371   1.00 26.42 ? 78  LYS A N   1 
ATOM   608 C  CA  . LYS A 1 78 ? -7.467  2.798   2.746   1.00 27.83 ? 78  LYS A CA  1 
ATOM   609 C  C   . LYS A 1 78 ? -6.736  1.465   2.769   1.00 27.17 ? 78  LYS A C   1 
ATOM   610 O  O   . LYS A 1 78 ? -6.912  0.685   1.869   1.00 26.98 ? 78  LYS A O   1 
ATOM   611 C  CB  . LYS A 1 78 ? -8.613  2.820   3.788   1.00 26.82 ? 78  LYS A CB  1 
ATOM   612 C  CG  . LYS A 1 78 ? -9.650  1.725   3.710   1.00 29.14 ? 78  LYS A CG  1 
ATOM   613 C  CD  . LYS A 1 78 ? -10.750 2.071   4.692   1.00 34.14 ? 78  LYS A CD  1 
ATOM   614 C  CE  . LYS A 1 78 ? -11.765 1.002   4.778   1.00 38.64 ? 78  LYS A CE  1 
ATOM   615 N  NZ  . LYS A 1 78 ? -12.999 1.487   5.523   1.00 45.29 ? 78  LYS A NZ  1 
ATOM   616 N  N   . PRO A 1 79 ? -5.921  1.241   3.789   1.00 27.94 ? 79  PRO A N   1 
ATOM   617 C  CA  . PRO A 1 79 ? -5.237  -0.029  3.920   1.00 28.63 ? 79  PRO A CA  1 
ATOM   618 C  C   . PRO A 1 79 ? -6.271  -1.152  4.010   1.00 29.77 ? 79  PRO A C   1 
ATOM   619 O  O   . PRO A 1 79 ? -7.384  -0.940  4.487   1.00 29.79 ? 79  PRO A O   1 
ATOM   620 C  CB  . PRO A 1 79 ? -4.448  0.109   5.229   1.00 28.44 ? 79  PRO A CB  1 
ATOM   621 C  CG  . PRO A 1 79 ? -4.292  1.610   5.439   1.00 28.12 ? 79  PRO A CG  1 
ATOM   622 C  CD  . PRO A 1 79 ? -5.632  2.144   4.938   1.00 28.41 ? 79  PRO A CD  1 
ATOM   623 N  N   . GLN A 1 80 ? -5.897  -2.316  3.506   1.00 30.68 ? 80  GLN A N   1 
ATOM   624 C  CA  . GLN A 1 80 ? -6.791  -3.434  3.385   1.00 31.55 ? 80  GLN A CA  1 
ATOM   625 C  C   . GLN A 1 80 ? -7.190  -3.934  4.766   1.00 31.48 ? 80  GLN A C   1 
ATOM   626 O  O   . GLN A 1 80 ? -8.276  -4.506  4.928   1.00 31.87 ? 80  GLN A O   1 
ATOM   627 C  CB  . GLN A 1 80 ? -6.099  -4.532  2.612   1.00 32.16 ? 80  GLN A CB  1 
ATOM   628 C  CG  . GLN A 1 80 ? -6.974  -5.689  2.264   1.00 37.28 ? 80  GLN A CG  1 
ATOM   629 C  CD  . GLN A 1 80 ? -7.901  -5.356  1.126   1.00 45.93 ? 80  GLN A CD  1 
ATOM   630 O  OE1 . GLN A 1 80 ? -7.472  -4.818  0.092   1.00 52.44 ? 80  GLN A OE1 1 
ATOM   631 N  NE2 . GLN A 1 80 ? -9.187  -5.692  1.286   1.00 51.88 ? 80  GLN A NE2 1 
ATOM   632 N  N   . SER A 1 81 ? -6.323  -3.723  5.758   1.00 31.04 ? 81  SER A N   1 
ATOM   633 C  CA  . SER A 1 81 ? -6.632  -4.076  7.143   1.00 30.89 ? 81  SER A CA  1 
ATOM   634 C  C   . SER A 1 81 ? -5.790  -3.256  8.047   1.00 30.36 ? 81  SER A C   1 
ATOM   635 O  O   . SER A 1 81 ? -4.831  -2.609  7.592   1.00 30.05 ? 81  SER A O   1 
ATOM   636 C  CB  . SER A 1 81 ? -6.271  -5.537  7.422   1.00 31.53 ? 81  SER A CB  1 
ATOM   637 O  OG  . SER A 1 81 ? -4.864  -5.643  7.528   1.00 31.77 ? 81  SER A OG  1 
ATOM   638 N  N   . TYR A 1 82 ? -6.108  -3.312  9.329   1.00 29.73 ? 82  TYR A N   1 
ATOM   639 C  CA  . TYR A 1 82 ? -5.341  -2.566  10.343  1.00 29.88 ? 82  TYR A CA  1 
ATOM   640 C  C   . TYR A 1 82 ? -3.946  -3.086  10.445  1.00 29.89 ? 82  TYR A C   1 
ATOM   641 O  O   . TYR A 1 82 ? -3.039  -2.329  10.691  1.00 30.77 ? 82  TYR A O   1 
ATOM   642 C  CB  . TYR A 1 82 ? -5.979  -2.677  11.719  1.00 30.16 ? 82  TYR A CB  1 
ATOM   643 C  CG  . TYR A 1 82 ? -7.358  -2.074  11.844  1.00 30.57 ? 82  TYR A CG  1 
ATOM   644 C  CD1 . TYR A 1 82 ? -7.910  -1.241  10.836  1.00 31.64 ? 82  TYR A CD1 1 
ATOM   645 C  CD2 . TYR A 1 82 ? -8.119  -2.298  13.008  1.00 31.96 ? 82  TYR A CD2 1 
ATOM   646 C  CE1 . TYR A 1 82 ? -9.196  -0.679  10.979  1.00 27.88 ? 82  TYR A CE1 1 
ATOM   647 C  CE2 . TYR A 1 82 ? -9.403  -1.735  13.168  1.00 30.70 ? 82  TYR A CE2 1 
ATOM   648 C  CZ  . TYR A 1 82 ? -9.913  -0.929  12.150  1.00 31.87 ? 82  TYR A CZ  1 
ATOM   649 O  OH  . TYR A 1 82 ? -11.153 -0.371  12.324  1.00 36.90 ? 82  TYR A OH  1 
ATOM   650 N  N   . LEU A 1 83 ? -3.780  -4.399  10.330  1.00 30.09 ? 83  LEU A N   1 
ATOM   651 C  CA  . LEU A 1 83 ? -2.462  -5.024  10.195  1.00 29.73 ? 83  LEU A CA  1 
ATOM   652 C  C   . LEU A 1 83 ? -1.606  -4.404  9.107   1.00 28.66 ? 83  LEU A C   1 
ATOM   653 O  O   . LEU A 1 83 ? -0.416  -4.161  9.317   1.00 28.14 ? 83  LEU A O   1 
ATOM   654 C  CB  . LEU A 1 83 ? -2.644  -6.496  9.824   1.00 30.88 ? 83  LEU A CB  1 
ATOM   655 C  CG  . LEU A 1 83 ? -2.223  -7.608  10.784  1.00 33.00 ? 83  LEU A CG  1 
ATOM   656 C  CD1 . LEU A 1 83 ? -3.273  -8.711  10.947  1.00 33.98 ? 83  LEU A CD1 1 
ATOM   657 C  CD2 . LEU A 1 83 ? -0.948  -8.190  10.242  1.00 36.28 ? 83  LEU A CD2 1 
ATOM   658 N  N   . VAL A 1 84 ? -2.197  -4.209  7.927   1.00 27.00 ? 84  VAL A N   1 
ATOM   659 C  CA  . VAL A 1 84 ? -1.490  -3.581  6.818   1.00 25.87 ? 84  VAL A CA  1 
ATOM   660 C  C   . VAL A 1 84 ? -1.166  -2.161  7.244   1.00 25.97 ? 84  VAL A C   1 
ATOM   661 O  O   . VAL A 1 84 ? -0.020  -1.656  7.118   1.00 25.46 ? 84  VAL A O   1 
ATOM   662 C  CB  . VAL A 1 84 ? -2.341  -3.558  5.505   1.00 26.04 ? 84  VAL A CB  1 
ATOM   663 C  CG1 . VAL A 1 84 ? -1.680  -2.691  4.464   1.00 24.53 ? 84  VAL A CG1 1 
ATOM   664 C  CG2 . VAL A 1 84 ? -2.508  -4.954  4.920   1.00 22.63 ? 84  VAL A CG2 1 
ATOM   665 N  N   . TRP A 1 85 ? -2.155  -1.484  7.782   1.00 25.77 ? 85  TRP A N   1 
ATOM   666 C  CA  . TRP A 1 85 ? -1.890  -0.109  8.196   1.00 27.11 ? 85  TRP A CA  1 
ATOM   667 C  C   . TRP A 1 85 ? -0.766  -0.006  9.202   1.00 26.72 ? 85  TRP A C   1 
ATOM   668 O  O   . TRP A 1 85 ? 0.092   0.871   9.146   1.00 25.77 ? 85  TRP A O   1 
ATOM   669 C  CB  . TRP A 1 85 ? -3.114  0.511   8.806   1.00 28.45 ? 85  TRP A CB  1 
ATOM   670 C  CG  . TRP A 1 85 ? -2.998  1.963   9.012   1.00 27.91 ? 85  TRP A CG  1 
ATOM   671 C  CD1 . TRP A 1 85 ? -2.505  2.888   8.157   1.00 31.45 ? 85  TRP A CD1 1 
ATOM   672 C  CD2 . TRP A 1 85 ? -3.494  2.647   10.109  1.00 30.04 ? 85  TRP A CD2 1 
ATOM   673 N  NE1 . TRP A 1 85 ? -2.645  4.152   8.699   1.00 31.29 ? 85  TRP A NE1 1 
ATOM   674 C  CE2 . TRP A 1 85 ? -3.271  4.008   9.899   1.00 31.32 ? 85  TRP A CE2 1 
ATOM   675 C  CE3 . TRP A 1 85 ? -4.140  2.235   11.268  1.00 38.14 ? 85  TRP A CE3 1 
ATOM   676 C  CZ2 . TRP A 1 85 ? -3.636  4.959   10.811  1.00 38.91 ? 85  TRP A CZ2 1 
ATOM   677 C  CZ3 . TRP A 1 85 ? -4.532  3.178   12.171  1.00 40.39 ? 85  TRP A CZ3 1 
ATOM   678 C  CH2 . TRP A 1 85 ? -4.276  4.527   11.952  1.00 40.82 ? 85  TRP A CH2 1 
ATOM   679 N  N   . ASN A 1 86 ? -0.728  -0.926  10.121  1.00 27.43 ? 86  ASN A N   1 
ATOM   680 C  CA  . ASN A 1 86 ? 0.335   -0.850  11.076  1.00 28.75 ? 86  ASN A CA  1 
ATOM   681 C  C   . ASN A 1 86 ? 1.686   -1.218  10.507  1.00 28.48 ? 86  ASN A C   1 
ATOM   682 O  O   . ASN A 1 86 ? 2.676   -0.746  11.020  1.00 28.88 ? 86  ASN A O   1 
ATOM   683 C  CB  . ASN A 1 86 ? 0.010   -1.686  12.270  1.00 29.59 ? 86  ASN A CB  1 
ATOM   684 C  CG  . ASN A 1 86 ? -1.157  -1.112  13.081  1.00 34.24 ? 86  ASN A CG  1 
ATOM   685 O  OD1 . ASN A 1 86 ? -2.154  -1.811  13.319  1.00 42.49 ? 86  ASN A OD1 1 
ATOM   686 N  ND2 . ASN A 1 86 ? -1.045  0.169   13.510  1.00 37.56 ? 86  ASN A ND2 1 
ATOM   687 N  N   . ALA A 1 87 ? 1.735   -2.063  9.471   1.00 28.22 ? 87  ALA A N   1 
ATOM   688 C  CA  . ALA A 1 87 ? 2.991   -2.432  8.818   1.00 27.09 ? 87  ALA A CA  1 
ATOM   689 C  C   . ALA A 1 87 ? 3.532   -1.223  8.055   1.00 26.86 ? 87  ALA A C   1 
ATOM   690 O  O   . ALA A 1 87 ? 4.692   -0.952  8.114   1.00 27.37 ? 87  ALA A O   1 
ATOM   691 C  CB  . ALA A 1 87 ? 2.788   -3.583  7.904   1.00 27.08 ? 87  ALA A CB  1 
ATOM   692 N  N   . ILE A 1 88 ? 2.670   -0.458  7.399   1.00 26.67 ? 88  ILE A N   1 
ATOM   693 C  CA  . ILE A 1 88 ? 3.033   0.838   6.798   1.00 25.94 ? 88  ILE A CA  1 
ATOM   694 C  C   . ILE A 1 88 ? 3.641   1.831   7.788   1.00 26.13 ? 88  ILE A C   1 
ATOM   695 O  O   . ILE A 1 88 ? 4.710   2.444   7.592   1.00 25.08 ? 88  ILE A O   1 
ATOM   696 C  CB  . ILE A 1 88 ? 1.802   1.487   6.176   1.00 26.67 ? 88  ILE A CB  1 
ATOM   697 C  CG1 . ILE A 1 88 ? 1.347   0.715   4.925   1.00 26.21 ? 88  ILE A CG1 1 
ATOM   698 C  CG2 . ILE A 1 88 ? 2.072   2.977   5.776   1.00 27.40 ? 88  ILE A CG2 1 
ATOM   699 C  CD1 . ILE A 1 88 ? -0.140  1.032   4.508   1.00 22.85 ? 88  ILE A CD1 1 
ATOM   700 N  N   . LYS A 1 89 ? 2.951   2.033   8.868   1.00 26.68 ? 89  LYS A N   1 
ATOM   701 C  CA  . LYS A 1 89 ? 3.425   2.972   9.829   1.00 27.59 ? 89  LYS A CA  1 
ATOM   702 C  C   . LYS A 1 89 ? 4.791   2.573   10.296  1.00 28.44 ? 89  LYS A C   1 
ATOM   703 O  O   . LYS A 1 89 ? 5.705   3.391   10.359  1.00 28.46 ? 89  LYS A O   1 
ATOM   704 C  CB  . LYS A 1 89 ? 2.421   3.061   10.972  1.00 28.12 ? 89  LYS A CB  1 
ATOM   705 C  CG  . LYS A 1 89 ? 1.112   3.722   10.484  1.00 31.03 ? 89  LYS A CG  1 
ATOM   706 C  CD  . LYS A 1 89 ? 0.251   4.262   11.653  1.00 35.43 ? 89  LYS A CD  1 
ATOM   707 C  CE  . LYS A 1 89 ? -0.500  3.135   12.364  1.00 38.91 ? 89  LYS A CE  1 
ATOM   708 N  NZ  . LYS A 1 89 ? -1.290  3.652   13.545  1.00 44.41 ? 89  LYS A NZ  1 
ATOM   709 N  N   . ARG A 1 90 ? 4.946   1.303   10.603  1.00 29.55 ? 90  ARG A N   1 
ATOM   710 C  CA  . ARG A 1 90 ? 6.196   0.803   11.105  1.00 31.43 ? 90  ARG A CA  1 
ATOM   711 C  C   . ARG A 1 90 ? 7.322   0.770   10.074  1.00 31.84 ? 90  ARG A C   1 
ATOM   712 O  O   . ARG A 1 90 ? 8.500   0.943   10.455  1.00 30.57 ? 90  ARG A O   1 
ATOM   713 C  CB  . ARG A 1 90 ? 5.971   -0.609  11.599  1.00 32.31 ? 90  ARG A CB  1 
ATOM   714 C  CG  . ARG A 1 90 ? 7.098   -1.260  12.378  1.00 39.13 ? 90  ARG A CG  1 
ATOM   715 C  CD  . ARG A 1 90 ? 6.550   -2.460  13.217  1.00 48.55 ? 90  ARG A CD  1 
ATOM   716 N  NE  . ARG A 1 90 ? 5.252   -2.937  12.678  1.00 58.15 ? 90  ARG A NE  1 
ATOM   717 C  CZ  . ARG A 1 90 ? 4.030   -2.838  13.263  1.00 63.39 ? 90  ARG A CZ  1 
ATOM   718 N  NH1 . ARG A 1 90 ? 3.835   -2.311  14.510  1.00 64.58 ? 90  ARG A NH1 1 
ATOM   719 N  NH2 . ARG A 1 90 ? 2.980   -3.309  12.572  1.00 63.85 ? 90  ARG A NH2 1 
HETATM 720 N  N   . MSE A 1 91 ? 6.998   0.520   8.798   1.00 31.45 ? 91  MSE A N   1 
HETATM 721 C  CA  . MSE A 1 91 ? 8.053   0.353   7.800   1.00 32.17 ? 91  MSE A CA  1 
HETATM 722 C  C   . MSE A 1 91 ? 8.404   1.597   6.969   1.00 31.68 ? 91  MSE A C   1 
HETATM 723 O  O   . MSE A 1 91 ? 9.521   1.728   6.451   1.00 31.68 ? 91  MSE A O   1 
HETATM 724 C  CB  . MSE A 1 91 ? 7.657   -0.742  6.877   1.00 32.54 ? 91  MSE A CB  1 
HETATM 725 C  CG  . MSE A 1 91 ? 7.862   -2.063  7.555   1.00 38.87 ? 91  MSE A CG  1 
HETATM 726 SE SE  . MSE A 1 91 ? 7.225   -3.392  6.333   1.00 51.03 ? 91  MSE A SE  1 
HETATM 727 C  CE  . MSE A 1 91 ? 8.720   -3.281  5.035   1.00 47.47 ? 91  MSE A CE  1 
ATOM   728 N  N   . LEU A 1 92 ? 7.433   2.464   6.829   1.00 31.06 ? 92  LEU A N   1 
ATOM   729 C  CA  . LEU A 1 92 ? 7.579   3.682   6.092   1.00 32.08 ? 92  LEU A CA  1 
ATOM   730 C  C   . LEU A 1 92 ? 7.659   4.867   7.018   1.00 31.46 ? 92  LEU A C   1 
ATOM   731 O  O   . LEU A 1 92 ? 8.113   5.889   6.511   1.00 32.91 ? 92  LEU A O   1 
ATOM   732 C  CB  . LEU A 1 92 ? 6.405   3.879   5.132   1.00 31.73 ? 92  LEU A CB  1 
ATOM   733 C  CG  . LEU A 1 92 ? 6.405   3.027   3.864   1.00 32.81 ? 92  LEU A CG  1 
ATOM   734 C  CD1 . LEU A 1 92 ? 6.685   1.593   4.176   1.00 32.22 ? 92  LEU A CD1 1 
ATOM   735 C  CD2 . LEU A 1 92 ? 5.088   3.183   3.209   1.00 35.54 ? 92  LEU A CD2 1 
HETATM 736 C  C6  . PG6 B 2 .  ? -17.536 4.223   -8.713  1.00 72.04 ? 93  PG6 A C6  1 
HETATM 737 C  C7  . PG6 B 2 .  ? -18.521 5.134   -9.452  1.00 71.98 ? 93  PG6 A C7  1 
HETATM 738 O  O4  . PG6 B 2 .  ? -19.837 5.002   -8.922  1.00 71.15 ? 93  PG6 A O4  1 
HETATM 739 C  C8  . PG6 B 2 .  ? -20.126 5.918   -7.877  1.00 70.54 ? 93  PG6 A C8  1 
HETATM 740 C  C9  . PG6 B 2 .  ? -21.001 7.041   -8.411  1.00 69.84 ? 93  PG6 A C9  1 
HETATM 741 O  O5  . PG6 B 2 .  ? -21.343 7.828   -7.272  1.00 69.63 ? 93  PG6 A O5  1 
HETATM 742 C  C10 . PG6 B 2 .  ? -22.134 9.010   -7.508  1.00 70.52 ? 93  PG6 A C10 1 
HETATM 743 C  C11 . PG6 B 2 .  ? -22.398 9.866   -6.237  1.00 70.20 ? 93  PG6 A C11 1 
HETATM 744 O  O6  . PG6 B 2 .  ? -23.649 10.593  -6.281  1.00 69.80 ? 93  PG6 A O6  1 
HETATM 745 C  C12 . PG6 B 2 .  ? -23.499 11.996  -6.566  1.00 70.93 ? 93  PG6 A C12 1 
HETATM 746 O  O   . HOH C 3 .  ? -1.928  11.865  3.718   1.00 27.05 ? 94  HOH A O   1 
HETATM 747 O  O   . HOH C 3 .  ? -2.597  12.858  -6.970  1.00 31.48 ? 95  HOH A O   1 
HETATM 748 O  O   . HOH C 3 .  ? 5.961   -4.403  -14.057 1.00 37.65 ? 96  HOH A O   1 
HETATM 749 O  O   . HOH C 3 .  ? 5.547   -15.670 -0.067  1.00 28.36 ? 97  HOH A O   1 
HETATM 750 O  O   . HOH C 3 .  ? 12.008  -2.448  -11.038 1.00 32.60 ? 98  HOH A O   1 
HETATM 751 O  O   . HOH C 3 .  ? 10.227  7.350   6.491   1.00 28.86 ? 99  HOH A O   1 
HETATM 752 O  O   . HOH C 3 .  ? -1.086  -1.066  -12.537 1.00 33.30 ? 100 HOH A O   1 
HETATM 753 O  O   . HOH C 3 .  ? 10.534  7.783   2.417   1.00 41.41 ? 101 HOH A O   1 
HETATM 754 O  O   . HOH C 3 .  ? -7.873  12.113  3.934   1.00 43.62 ? 102 HOH A O   1 
HETATM 755 O  O   . HOH C 3 .  ? 10.208  7.995   9.025   1.00 27.43 ? 103 HOH A O   1 
HETATM 756 O  O   . HOH C 3 .  ? -11.801 6.913   8.151   1.00 38.23 ? 104 HOH A O   1 
HETATM 757 O  O   . HOH C 3 .  ? 11.144  0.742   -9.762  1.00 44.68 ? 105 HOH A O   1 
HETATM 758 O  O   . HOH C 3 .  ? 6.162   -12.652 2.941   1.00 43.55 ? 106 HOH A O   1 
HETATM 759 O  O   . HOH C 3 .  ? 11.888  -8.286  -13.946 1.00 34.40 ? 107 HOH A O   1 
HETATM 760 O  O   . HOH C 3 .  ? -10.492 -2.835  -3.236  1.00 39.71 ? 108 HOH A O   1 
HETATM 761 O  O   . HOH C 3 .  ? 10.069  0.949   12.671  1.00 43.54 ? 109 HOH A O   1 
HETATM 762 O  O   . HOH C 3 .  ? -4.279  -8.090  6.034   1.00 44.82 ? 110 HOH A O   1 
HETATM 763 O  O   . HOH C 3 .  ? -11.787 2.938   1.471   1.00 41.97 ? 111 HOH A O   1 
HETATM 764 O  O   . HOH C 3 .  ? -10.915 11.137  -5.830  1.00 37.88 ? 112 HOH A O   1 
HETATM 765 O  O   . HOH C 3 .  ? 12.232  -1.265  0.400   1.00 34.63 ? 113 HOH A O   1 
HETATM 766 O  O   . HOH C 3 .  ? 6.081   5.838   11.310  1.00 55.20 ? 114 HOH A O   1 
HETATM 767 O  O   . HOH C 3 .  ? 11.952  -5.637  0.925   1.00 62.93 ? 115 HOH A O   1 
HETATM 768 O  O   . HOH C 3 .  ? 11.927  -9.398  3.746   1.00 49.46 ? 116 HOH A O   1 
HETATM 769 O  O   . HOH C 3 .  ? 17.045  0.223   -7.144  1.00 55.73 ? 117 HOH A O   1 
HETATM 770 O  O   . HOH C 3 .  ? 17.254  -3.547  -9.653  1.00 60.55 ? 118 HOH A O   1 
HETATM 771 O  O   . HOH C 3 .  ? 3.190   -7.339  -11.957 1.00 63.26 ? 119 HOH A O   1 
HETATM 772 O  O   . HOH C 3 .  ? 4.124   10.705  0.404   1.00 45.44 ? 120 HOH A O   1 
HETATM 773 O  O   . HOH C 3 .  ? 3.672   12.273  -2.360  1.00 52.90 ? 121 HOH A O   1 
HETATM 774 O  O   . HOH C 3 .  ? -5.888  8.764   10.079  1.00 47.71 ? 122 HOH A O   1 
HETATM 775 O  O   . HOH C 3 .  ? -6.787  11.919  9.088   1.00 53.19 ? 123 HOH A O   1 
HETATM 776 O  O   . HOH C 3 .  ? -2.995  15.611  6.275   1.00 50.25 ? 124 HOH A O   1 
HETATM 777 O  O   . HOH C 3 .  ? -8.089  -1.231  6.949   1.00 33.93 ? 125 HOH A O   1 
HETATM 778 O  O   . HOH C 3 .  ? -3.679  12.536  1.440   1.00 56.97 ? 126 HOH A O   1 
HETATM 779 O  O   . HOH C 3 .  ? -6.409  -3.723  -8.754  1.00 37.96 ? 127 HOH A O   1 
HETATM 780 O  O   . HOH C 3 .  ? 15.122  -10.424 -9.482  1.00 38.38 ? 128 HOH A O   1 
HETATM 781 O  O   . HOH C 3 .  ? -2.460  14.855  0.266   1.00 42.93 ? 129 HOH A O   1 
# 
